data_5B79
# 
_entry.id   5B79 
# 
_audit_conform.dict_name       mmcif_pdbx.dic 
_audit_conform.dict_version    5.380 
_audit_conform.dict_location   http://mmcif.pdb.org/dictionaries/ascii/mmcif_pdbx.dic 
# 
loop_
_database_2.database_id 
_database_2.database_code 
_database_2.pdbx_database_accession 
_database_2.pdbx_DOI 
PDB   5B79         pdb_00005b79 10.2210/pdb5b79/pdb 
WWPDB D_1300000656 ?            ?                   
# 
_pdbx_database_status.status_code                     REL 
_pdbx_database_status.status_code_sf                  REL 
_pdbx_database_status.status_code_mr                  ? 
_pdbx_database_status.entry_id                        5B79 
_pdbx_database_status.recvd_initial_deposition_date   2016-06-05 
_pdbx_database_status.SG_entry                        N 
_pdbx_database_status.deposit_site                    PDBJ 
_pdbx_database_status.process_site                    PDBJ 
_pdbx_database_status.status_code_cs                  ? 
_pdbx_database_status.methods_development_category    ? 
_pdbx_database_status.pdb_format_compatible           Y 
_pdbx_database_status.status_code_nmr_data            ? 
# 
loop_
_audit_author.name 
_audit_author.pdbx_ordinal 
'Li, H.'    1 
'Xiong, X.' 2 
# 
_citation.abstract                  ? 
_citation.abstract_id_CAS           ? 
_citation.book_id_ISBN              ? 
_citation.book_publisher            ? 
_citation.book_publisher_city       ? 
_citation.book_title                ? 
_citation.coordinate_linkage        ? 
_citation.country                   US 
_citation.database_id_Medline       ? 
_citation.details                   ? 
_citation.id                        primary 
_citation.journal_abbrev            Nat.Chem.Biol. 
_citation.journal_id_ASTM           ? 
_citation.journal_id_CSD            ? 
_citation.journal_id_ISSN           1552-4469 
_citation.journal_full              ? 
_citation.journal_issue             ? 
_citation.journal_volume            12 
_citation.language                  ? 
_citation.page_first                1111 
_citation.page_last                 1118 
_citation.title                     'Selective recognition of histone crotonylation by double PHD fingers of MOZ and DPF2' 
_citation.year                      2016 
_citation.database_id_CSD           ? 
_citation.pdbx_database_id_DOI      10.1038/nchembio.2218 
_citation.pdbx_database_id_PubMed   27775714 
_citation.unpublished_flag          ? 
# 
loop_
_citation_author.citation_id 
_citation_author.name 
_citation_author.ordinal 
_citation_author.identifier_ORCID 
primary 'Xiong, X.'     1  ? 
primary 'Panchenko, T.' 2  ? 
primary 'Yang, S.'      3  ? 
primary 'Zhao, S.'      4  ? 
primary 'Yan, P.'       5  ? 
primary 'Zhang, W.'     6  ? 
primary 'Xie, W.'       7  ? 
primary 'Li, Y.'        8  ? 
primary 'Zhao, Y.'      9  ? 
primary 'Allis, C.D.'   10 ? 
primary 'Li, H.'        11 ? 
# 
_cell.angle_alpha                  90.00 
_cell.angle_alpha_esd              ? 
_cell.angle_beta                   90.00 
_cell.angle_beta_esd               ? 
_cell.angle_gamma                  90.00 
_cell.angle_gamma_esd              ? 
_cell.entry_id                     5B79 
_cell.details                      ? 
_cell.formula_units_Z              ? 
_cell.length_a                     106.979 
_cell.length_a_esd                 ? 
_cell.length_b                     106.979 
_cell.length_b_esd                 ? 
_cell.length_c                     52.592 
_cell.length_c_esd                 ? 
_cell.volume                       ? 
_cell.volume_esd                   ? 
_cell.Z_PDB                        16 
_cell.reciprocal_angle_alpha       ? 
_cell.reciprocal_angle_beta        ? 
_cell.reciprocal_angle_gamma       ? 
_cell.reciprocal_angle_alpha_esd   ? 
_cell.reciprocal_angle_beta_esd    ? 
_cell.reciprocal_angle_gamma_esd   ? 
_cell.reciprocal_length_a          ? 
_cell.reciprocal_length_b          ? 
_cell.reciprocal_length_c          ? 
_cell.reciprocal_length_a_esd      ? 
_cell.reciprocal_length_b_esd      ? 
_cell.reciprocal_length_c_esd      ? 
_cell.pdbx_unique_axis             ? 
# 
_symmetry.entry_id                         5B79 
_symmetry.cell_setting                     ? 
_symmetry.Int_Tables_number                97 
_symmetry.space_group_name_Hall            ? 
_symmetry.space_group_name_H-M             'I 4 2 2' 
_symmetry.pdbx_full_space_group_name_H-M   ? 
# 
loop_
_entity.id 
_entity.type 
_entity.src_method 
_entity.pdbx_description 
_entity.formula_weight 
_entity.pdbx_number_of_molecules 
_entity.pdbx_ec 
_entity.pdbx_mutation 
_entity.pdbx_fragment 
_entity.details 
1 polymer     man 'Zinc finger protein ubi-d4' 13818.602 1  ? ? 'UNP residues 270-391' ? 
2 non-polymer syn 'ZINC ION'                   65.409    4  ? ? ?                      ? 
3 water       nat water                        18.015    10 ? ? ?                      ? 
# 
_entity_poly.entity_id                      1 
_entity_poly.type                           'polypeptide(L)' 
_entity_poly.nstd_linkage                   no 
_entity_poly.nstd_monomer                   no 
_entity_poly.pdbx_seq_one_letter_code       
;SNNYCDFCLGDSKINKKTGQPEELVSCSDCGRSGHPSCLQFTPVMMAAVKTYRWQCIECKCCNICGTSENDDQLLFCDDC
DRGYHMYCLTPSMSEPPEGSWSCHLCLDLLKEKASIYQNQNSS
;
_entity_poly.pdbx_seq_one_letter_code_can   
;SNNYCDFCLGDSKINKKTGQPEELVSCSDCGRSGHPSCLQFTPVMMAAVKTYRWQCIECKCCNICGTSENDDQLLFCDDC
DRGYHMYCLTPSMSEPPEGSWSCHLCLDLLKEKASIYQNQNSS
;
_entity_poly.pdbx_strand_id                 A 
_entity_poly.pdbx_target_identifier         ? 
# 
loop_
_entity_poly_seq.entity_id 
_entity_poly_seq.num 
_entity_poly_seq.mon_id 
_entity_poly_seq.hetero 
1 1   SER n 
1 2   ASN n 
1 3   ASN n 
1 4   TYR n 
1 5   CYS n 
1 6   ASP n 
1 7   PHE n 
1 8   CYS n 
1 9   LEU n 
1 10  GLY n 
1 11  ASP n 
1 12  SER n 
1 13  LYS n 
1 14  ILE n 
1 15  ASN n 
1 16  LYS n 
1 17  LYS n 
1 18  THR n 
1 19  GLY n 
1 20  GLN n 
1 21  PRO n 
1 22  GLU n 
1 23  GLU n 
1 24  LEU n 
1 25  VAL n 
1 26  SER n 
1 27  CYS n 
1 28  SER n 
1 29  ASP n 
1 30  CYS n 
1 31  GLY n 
1 32  ARG n 
1 33  SER n 
1 34  GLY n 
1 35  HIS n 
1 36  PRO n 
1 37  SER n 
1 38  CYS n 
1 39  LEU n 
1 40  GLN n 
1 41  PHE n 
1 42  THR n 
1 43  PRO n 
1 44  VAL n 
1 45  MET n 
1 46  MET n 
1 47  ALA n 
1 48  ALA n 
1 49  VAL n 
1 50  LYS n 
1 51  THR n 
1 52  TYR n 
1 53  ARG n 
1 54  TRP n 
1 55  GLN n 
1 56  CYS n 
1 57  ILE n 
1 58  GLU n 
1 59  CYS n 
1 60  LYS n 
1 61  CYS n 
1 62  CYS n 
1 63  ASN n 
1 64  ILE n 
1 65  CYS n 
1 66  GLY n 
1 67  THR n 
1 68  SER n 
1 69  GLU n 
1 70  ASN n 
1 71  ASP n 
1 72  ASP n 
1 73  GLN n 
1 74  LEU n 
1 75  LEU n 
1 76  PHE n 
1 77  CYS n 
1 78  ASP n 
1 79  ASP n 
1 80  CYS n 
1 81  ASP n 
1 82  ARG n 
1 83  GLY n 
1 84  TYR n 
1 85  HIS n 
1 86  MET n 
1 87  TYR n 
1 88  CYS n 
1 89  LEU n 
1 90  THR n 
1 91  PRO n 
1 92  SER n 
1 93  MET n 
1 94  SER n 
1 95  GLU n 
1 96  PRO n 
1 97  PRO n 
1 98  GLU n 
1 99  GLY n 
1 100 SER n 
1 101 TRP n 
1 102 SER n 
1 103 CYS n 
1 104 HIS n 
1 105 LEU n 
1 106 CYS n 
1 107 LEU n 
1 108 ASP n 
1 109 LEU n 
1 110 LEU n 
1 111 LYS n 
1 112 GLU n 
1 113 LYS n 
1 114 ALA n 
1 115 SER n 
1 116 ILE n 
1 117 TYR n 
1 118 GLN n 
1 119 ASN n 
1 120 GLN n 
1 121 ASN n 
1 122 SER n 
1 123 SER n 
# 
_entity_src_gen.entity_id                          1 
_entity_src_gen.pdbx_src_id                        1 
_entity_src_gen.pdbx_alt_source_flag               sample 
_entity_src_gen.pdbx_seq_type                      'Biological sequence' 
_entity_src_gen.pdbx_beg_seq_num                   1 
_entity_src_gen.pdbx_end_seq_num                   123 
_entity_src_gen.gene_src_common_name               Human 
_entity_src_gen.gene_src_genus                     ? 
_entity_src_gen.pdbx_gene_src_gene                 DPF2 
_entity_src_gen.gene_src_species                   ? 
_entity_src_gen.gene_src_strain                    ? 
_entity_src_gen.gene_src_tissue                    ? 
_entity_src_gen.gene_src_tissue_fraction           ? 
_entity_src_gen.gene_src_details                   ? 
_entity_src_gen.pdbx_gene_src_fragment             ? 
_entity_src_gen.pdbx_gene_src_scientific_name      'Homo sapiens' 
_entity_src_gen.pdbx_gene_src_ncbi_taxonomy_id     9606 
_entity_src_gen.pdbx_gene_src_variant              ? 
_entity_src_gen.pdbx_gene_src_cell_line            ? 
_entity_src_gen.pdbx_gene_src_atcc                 ? 
_entity_src_gen.pdbx_gene_src_organ                ? 
_entity_src_gen.pdbx_gene_src_organelle            ? 
_entity_src_gen.pdbx_gene_src_cell                 ? 
_entity_src_gen.pdbx_gene_src_cellular_location    ? 
_entity_src_gen.host_org_common_name               ? 
_entity_src_gen.pdbx_host_org_scientific_name      'Escherichia coli' 
_entity_src_gen.pdbx_host_org_ncbi_taxonomy_id     562 
_entity_src_gen.host_org_genus                     ? 
_entity_src_gen.pdbx_host_org_gene                 ? 
_entity_src_gen.pdbx_host_org_organ                ? 
_entity_src_gen.host_org_species                   ? 
_entity_src_gen.pdbx_host_org_tissue               ? 
_entity_src_gen.pdbx_host_org_tissue_fraction      ? 
_entity_src_gen.pdbx_host_org_strain               ? 
_entity_src_gen.pdbx_host_org_variant              ? 
_entity_src_gen.pdbx_host_org_cell_line            ? 
_entity_src_gen.pdbx_host_org_atcc                 ? 
_entity_src_gen.pdbx_host_org_culture_collection   ? 
_entity_src_gen.pdbx_host_org_cell                 ? 
_entity_src_gen.pdbx_host_org_organelle            ? 
_entity_src_gen.pdbx_host_org_cellular_location    ? 
_entity_src_gen.pdbx_host_org_vector_type          ? 
_entity_src_gen.pdbx_host_org_vector               ? 
_entity_src_gen.host_org_details                   ? 
_entity_src_gen.expression_system_id               ? 
_entity_src_gen.plasmid_name                       ? 
_entity_src_gen.plasmid_details                    ? 
_entity_src_gen.pdbx_description                   ? 
# 
_struct_ref.id                         1 
_struct_ref.db_name                    UNP 
_struct_ref.db_code                    REQU_HUMAN 
_struct_ref.pdbx_db_accession          Q92785 
_struct_ref.pdbx_db_isoform            ? 
_struct_ref.entity_id                  1 
_struct_ref.pdbx_seq_one_letter_code   
;NNYCDFCLGDSKINKKTGQPEELVSCSDCGRSGHPSCLQFTPVMMAAVKTYRWQCIECKCCNICGTSENDDQLLFCDDCD
RGYHMYCLTPSMSEPPEGSWSCHLCLDLLKEKASIYQNQNSS
;
_struct_ref.pdbx_align_begin           270 
# 
_struct_ref_seq.align_id                      1 
_struct_ref_seq.ref_id                        1 
_struct_ref_seq.pdbx_PDB_id_code              5B79 
_struct_ref_seq.pdbx_strand_id                A 
_struct_ref_seq.seq_align_beg                 2 
_struct_ref_seq.pdbx_seq_align_beg_ins_code   ? 
_struct_ref_seq.seq_align_end                 123 
_struct_ref_seq.pdbx_seq_align_end_ins_code   ? 
_struct_ref_seq.pdbx_db_accession             Q92785 
_struct_ref_seq.db_align_beg                  270 
_struct_ref_seq.pdbx_db_align_beg_ins_code    ? 
_struct_ref_seq.db_align_end                  391 
_struct_ref_seq.pdbx_db_align_end_ins_code    ? 
_struct_ref_seq.pdbx_auth_seq_align_beg       11 
_struct_ref_seq.pdbx_auth_seq_align_end       132 
# 
_struct_ref_seq_dif.align_id                     1 
_struct_ref_seq_dif.pdbx_pdb_id_code             5B79 
_struct_ref_seq_dif.mon_id                       SER 
_struct_ref_seq_dif.pdbx_pdb_strand_id           A 
_struct_ref_seq_dif.seq_num                      1 
_struct_ref_seq_dif.pdbx_pdb_ins_code            ? 
_struct_ref_seq_dif.pdbx_seq_db_name             UNP 
_struct_ref_seq_dif.pdbx_seq_db_accession_code   Q92785 
_struct_ref_seq_dif.db_mon_id                    ? 
_struct_ref_seq_dif.pdbx_seq_db_seq_num          ? 
_struct_ref_seq_dif.details                      'expression tag' 
_struct_ref_seq_dif.pdbx_auth_seq_num            10 
_struct_ref_seq_dif.pdbx_ordinal                 1 
# 
loop_
_chem_comp.id 
_chem_comp.type 
_chem_comp.mon_nstd_flag 
_chem_comp.name 
_chem_comp.pdbx_synonyms 
_chem_comp.formula 
_chem_comp.formula_weight 
ALA 'L-peptide linking' y ALANINE         ? 'C3 H7 N O2'     89.093  
ARG 'L-peptide linking' y ARGININE        ? 'C6 H15 N4 O2 1' 175.209 
ASN 'L-peptide linking' y ASPARAGINE      ? 'C4 H8 N2 O3'    132.118 
ASP 'L-peptide linking' y 'ASPARTIC ACID' ? 'C4 H7 N O4'     133.103 
CYS 'L-peptide linking' y CYSTEINE        ? 'C3 H7 N O2 S'   121.158 
GLN 'L-peptide linking' y GLUTAMINE       ? 'C5 H10 N2 O3'   146.144 
GLU 'L-peptide linking' y 'GLUTAMIC ACID' ? 'C5 H9 N O4'     147.129 
GLY 'peptide linking'   y GLYCINE         ? 'C2 H5 N O2'     75.067  
HIS 'L-peptide linking' y HISTIDINE       ? 'C6 H10 N3 O2 1' 156.162 
HOH non-polymer         . WATER           ? 'H2 O'           18.015  
ILE 'L-peptide linking' y ISOLEUCINE      ? 'C6 H13 N O2'    131.173 
LEU 'L-peptide linking' y LEUCINE         ? 'C6 H13 N O2'    131.173 
LYS 'L-peptide linking' y LYSINE          ? 'C6 H15 N2 O2 1' 147.195 
MET 'L-peptide linking' y METHIONINE      ? 'C5 H11 N O2 S'  149.211 
PHE 'L-peptide linking' y PHENYLALANINE   ? 'C9 H11 N O2'    165.189 
PRO 'L-peptide linking' y PROLINE         ? 'C5 H9 N O2'     115.130 
SER 'L-peptide linking' y SERINE          ? 'C3 H7 N O3'     105.093 
THR 'L-peptide linking' y THREONINE       ? 'C4 H9 N O3'     119.119 
TRP 'L-peptide linking' y TRYPTOPHAN      ? 'C11 H12 N2 O2'  204.225 
TYR 'L-peptide linking' y TYROSINE        ? 'C9 H11 N O3'    181.189 
VAL 'L-peptide linking' y VALINE          ? 'C5 H11 N O2'    117.146 
ZN  non-polymer         . 'ZINC ION'      ? 'Zn 2'           65.409  
# 
_exptl.absorpt_coefficient_mu     ? 
_exptl.absorpt_correction_T_max   ? 
_exptl.absorpt_correction_T_min   ? 
_exptl.absorpt_correction_type    ? 
_exptl.absorpt_process_details    ? 
_exptl.entry_id                   5B79 
_exptl.crystals_number            1 
_exptl.details                    ? 
_exptl.method                     'X-RAY DIFFRACTION' 
_exptl.method_details             ? 
# 
_exptl_crystal.colour                      ? 
_exptl_crystal.density_diffrn              ? 
_exptl_crystal.density_Matthews            2.72 
_exptl_crystal.density_method              ? 
_exptl_crystal.density_percent_sol         54.82 
_exptl_crystal.description                 ? 
_exptl_crystal.F_000                       ? 
_exptl_crystal.id                          1 
_exptl_crystal.preparation                 ? 
_exptl_crystal.size_max                    ? 
_exptl_crystal.size_mid                    ? 
_exptl_crystal.size_min                    ? 
_exptl_crystal.size_rad                    ? 
_exptl_crystal.colour_lustre               ? 
_exptl_crystal.colour_modifier             ? 
_exptl_crystal.colour_primary              ? 
_exptl_crystal.density_meas                ? 
_exptl_crystal.density_meas_esd            ? 
_exptl_crystal.density_meas_gt             ? 
_exptl_crystal.density_meas_lt             ? 
_exptl_crystal.density_meas_temp           ? 
_exptl_crystal.density_meas_temp_esd       ? 
_exptl_crystal.density_meas_temp_gt        ? 
_exptl_crystal.density_meas_temp_lt        ? 
_exptl_crystal.pdbx_crystal_image_url      ? 
_exptl_crystal.pdbx_crystal_image_format   ? 
_exptl_crystal.pdbx_mosaicity              ? 
_exptl_crystal.pdbx_mosaicity_esd          ? 
# 
_exptl_crystal_grow.apparatus       ? 
_exptl_crystal_grow.atmosphere      ? 
_exptl_crystal_grow.crystal_id      1 
_exptl_crystal_grow.details         ? 
_exptl_crystal_grow.method          'VAPOR DIFFUSION, SITTING DROP' 
_exptl_crystal_grow.method_ref      ? 
_exptl_crystal_grow.pH              ? 
_exptl_crystal_grow.pressure        ? 
_exptl_crystal_grow.pressure_esd    ? 
_exptl_crystal_grow.seeding         ? 
_exptl_crystal_grow.seeding_ref     ? 
_exptl_crystal_grow.temp            291 
_exptl_crystal_grow.temp_details    ? 
_exptl_crystal_grow.temp_esd        ? 
_exptl_crystal_grow.time            ? 
_exptl_crystal_grow.pdbx_details    'ammonium citrate tribasic, Bis-Tris propane' 
_exptl_crystal_grow.pdbx_pH_range   ? 
# 
_diffrn.ambient_environment    ? 
_diffrn.ambient_temp           100 
_diffrn.ambient_temp_details   ? 
_diffrn.ambient_temp_esd       ? 
_diffrn.crystal_id             1 
_diffrn.crystal_support        ? 
_diffrn.crystal_treatment      ? 
_diffrn.details                ? 
_diffrn.id                     1 
_diffrn.ambient_pressure       ? 
_diffrn.ambient_pressure_esd   ? 
_diffrn.ambient_pressure_gt    ? 
_diffrn.ambient_pressure_lt    ? 
_diffrn.ambient_temp_gt        ? 
_diffrn.ambient_temp_lt        ? 
# 
_diffrn_detector.details                      ? 
_diffrn_detector.detector                     PIXEL 
_diffrn_detector.diffrn_id                    1 
_diffrn_detector.type                         'DECTRIS PILATUS 200K' 
_diffrn_detector.area_resol_mean              ? 
_diffrn_detector.dtime                        ? 
_diffrn_detector.pdbx_frames_total            ? 
_diffrn_detector.pdbx_collection_time_total   ? 
_diffrn_detector.pdbx_collection_date         2015-02-05 
# 
_diffrn_radiation.collimation                      ? 
_diffrn_radiation.diffrn_id                        1 
_diffrn_radiation.filter_edge                      ? 
_diffrn_radiation.inhomogeneity                    ? 
_diffrn_radiation.monochromator                    ? 
_diffrn_radiation.polarisn_norm                    ? 
_diffrn_radiation.polarisn_ratio                   ? 
_diffrn_radiation.probe                            ? 
_diffrn_radiation.type                             ? 
_diffrn_radiation.xray_symbol                      ? 
_diffrn_radiation.wavelength_id                    1 
_diffrn_radiation.pdbx_monochromatic_or_laue_m_l   M 
_diffrn_radiation.pdbx_wavelength_list             ? 
_diffrn_radiation.pdbx_wavelength                  ? 
_diffrn_radiation.pdbx_diffrn_protocol             'SINGLE WAVELENGTH' 
_diffrn_radiation.pdbx_analyzer                    ? 
_diffrn_radiation.pdbx_scattering_type             x-ray 
# 
_diffrn_radiation_wavelength.id           1 
_diffrn_radiation_wavelength.wavelength   1.5418 
_diffrn_radiation_wavelength.wt           1.0 
# 
_diffrn_source.current                     ? 
_diffrn_source.details                     ? 
_diffrn_source.diffrn_id                   1 
_diffrn_source.power                       ? 
_diffrn_source.size                        ? 
_diffrn_source.source                      'ROTATING ANODE' 
_diffrn_source.target                      ? 
_diffrn_source.type                        'RIGAKU MICROMAX-007 HF' 
_diffrn_source.voltage                     ? 
_diffrn_source.take-off_angle              ? 
_diffrn_source.pdbx_wavelength_list        1.5418 
_diffrn_source.pdbx_wavelength             ? 
_diffrn_source.pdbx_synchrotron_beamline   ? 
_diffrn_source.pdbx_synchrotron_site       ? 
# 
_reflns.B_iso_Wilson_estimate            ? 
_reflns.entry_id                         5B79 
_reflns.data_reduction_details           ? 
_reflns.data_reduction_method            ? 
_reflns.d_resolution_high                2.6 
_reflns.d_resolution_low                 23.6 
_reflns.details                          ? 
_reflns.limit_h_max                      ? 
_reflns.limit_h_min                      ? 
_reflns.limit_k_max                      ? 
_reflns.limit_k_min                      ? 
_reflns.limit_l_max                      ? 
_reflns.limit_l_min                      ? 
_reflns.number_all                       ? 
_reflns.number_obs                       4902 
_reflns.observed_criterion               ? 
_reflns.observed_criterion_F_max         ? 
_reflns.observed_criterion_F_min         ? 
_reflns.observed_criterion_I_max         ? 
_reflns.observed_criterion_I_min         ? 
_reflns.observed_criterion_sigma_F       ? 
_reflns.observed_criterion_sigma_I       ? 
_reflns.percent_possible_obs             99.6 
_reflns.R_free_details                   ? 
_reflns.Rmerge_F_all                     ? 
_reflns.Rmerge_F_obs                     ? 
_reflns.Friedel_coverage                 ? 
_reflns.number_gt                        ? 
_reflns.threshold_expression             ? 
_reflns.pdbx_redundancy                  7.5 
_reflns.pdbx_Rmerge_I_obs                ? 
_reflns.pdbx_Rmerge_I_all                ? 
_reflns.pdbx_Rsym_value                  ? 
_reflns.pdbx_netI_over_av_sigmaI         ? 
_reflns.pdbx_netI_over_sigmaI            29.9 
_reflns.pdbx_res_netI_over_av_sigmaI_2   ? 
_reflns.pdbx_res_netI_over_sigmaI_2      ? 
_reflns.pdbx_chi_squared                 ? 
_reflns.pdbx_scaling_rejects             ? 
_reflns.pdbx_d_res_high_opt              ? 
_reflns.pdbx_d_res_low_opt               ? 
_reflns.pdbx_d_res_opt_method            ? 
_reflns.phase_calculation_details        ? 
_reflns.pdbx_Rrim_I_all                  ? 
_reflns.pdbx_Rpim_I_all                  ? 
_reflns.pdbx_d_opt                       ? 
_reflns.pdbx_number_measured_all         ? 
_reflns.pdbx_diffrn_id                   1 
_reflns.pdbx_ordinal                     1 
_reflns.pdbx_CC_half                     ? 
_reflns.pdbx_R_split                     ? 
# 
_reflns_shell.d_res_high                  2.60 
_reflns_shell.d_res_low                   2.64 
_reflns_shell.meanI_over_sigI_all         ? 
_reflns_shell.meanI_over_sigI_obs         ? 
_reflns_shell.number_measured_all         ? 
_reflns_shell.number_measured_obs         ? 
_reflns_shell.number_possible             ? 
_reflns_shell.number_unique_all           ? 
_reflns_shell.number_unique_obs           ? 
_reflns_shell.percent_possible_all        ? 
_reflns_shell.percent_possible_obs        ? 
_reflns_shell.Rmerge_F_all                ? 
_reflns_shell.Rmerge_F_obs                ? 
_reflns_shell.Rmerge_I_all                ? 
_reflns_shell.Rmerge_I_obs                ? 
_reflns_shell.meanI_over_sigI_gt          ? 
_reflns_shell.meanI_over_uI_all           ? 
_reflns_shell.meanI_over_uI_gt            ? 
_reflns_shell.number_measured_gt          ? 
_reflns_shell.number_unique_gt            ? 
_reflns_shell.percent_possible_gt         ? 
_reflns_shell.Rmerge_F_gt                 ? 
_reflns_shell.Rmerge_I_gt                 ? 
_reflns_shell.pdbx_redundancy             ? 
_reflns_shell.pdbx_Rsym_value             ? 
_reflns_shell.pdbx_chi_squared            ? 
_reflns_shell.pdbx_netI_over_sigmaI_all   ? 
_reflns_shell.pdbx_netI_over_sigmaI_obs   ? 
_reflns_shell.pdbx_Rrim_I_all             ? 
_reflns_shell.pdbx_Rpim_I_all             ? 
_reflns_shell.pdbx_rejects                ? 
_reflns_shell.pdbx_ordinal                1 
_reflns_shell.pdbx_diffrn_id              1 
_reflns_shell.pdbx_CC_half                ? 
_reflns_shell.pdbx_R_split                ? 
# 
_refine.aniso_B[1][1]                            ? 
_refine.aniso_B[1][2]                            ? 
_refine.aniso_B[1][3]                            ? 
_refine.aniso_B[2][2]                            ? 
_refine.aniso_B[2][3]                            ? 
_refine.aniso_B[3][3]                            ? 
_refine.B_iso_max                                ? 
_refine.B_iso_mean                               ? 
_refine.B_iso_min                                ? 
_refine.correlation_coeff_Fo_to_Fc               ? 
_refine.correlation_coeff_Fo_to_Fc_free          ? 
_refine.details                                  ? 
_refine.diff_density_max                         ? 
_refine.diff_density_max_esd                     ? 
_refine.diff_density_min                         ? 
_refine.diff_density_min_esd                     ? 
_refine.diff_density_rms                         ? 
_refine.diff_density_rms_esd                     ? 
_refine.entry_id                                 5B79 
_refine.pdbx_refine_id                           'X-RAY DIFFRACTION' 
_refine.ls_abs_structure_details                 ? 
_refine.ls_abs_structure_Flack                   ? 
_refine.ls_abs_structure_Flack_esd               ? 
_refine.ls_abs_structure_Rogers                  ? 
_refine.ls_abs_structure_Rogers_esd              ? 
_refine.ls_d_res_high                            2.601 
_refine.ls_d_res_low                             23.599 
_refine.ls_extinction_coef                       ? 
_refine.ls_extinction_coef_esd                   ? 
_refine.ls_extinction_expression                 ? 
_refine.ls_extinction_method                     ? 
_refine.ls_goodness_of_fit_all                   ? 
_refine.ls_goodness_of_fit_all_esd               ? 
_refine.ls_goodness_of_fit_obs                   ? 
_refine.ls_goodness_of_fit_obs_esd               ? 
_refine.ls_hydrogen_treatment                    ? 
_refine.ls_matrix_type                           ? 
_refine.ls_number_constraints                    ? 
_refine.ls_number_parameters                     ? 
_refine.ls_number_reflns_all                     ? 
_refine.ls_number_reflns_obs                     4902 
_refine.ls_number_reflns_R_free                  476 
_refine.ls_number_reflns_R_work                  ? 
_refine.ls_number_restraints                     ? 
_refine.ls_percent_reflns_obs                    99.57 
_refine.ls_percent_reflns_R_free                 9.71 
_refine.ls_R_factor_all                          ? 
_refine.ls_R_factor_obs                          0.1941 
_refine.ls_R_factor_R_free                       0.2380 
_refine.ls_R_factor_R_free_error                 ? 
_refine.ls_R_factor_R_free_error_details         ? 
_refine.ls_R_factor_R_work                       0.1894 
_refine.ls_R_Fsqd_factor_obs                     ? 
_refine.ls_R_I_factor_obs                        ? 
_refine.ls_redundancy_reflns_all                 ? 
_refine.ls_redundancy_reflns_obs                 ? 
_refine.ls_restrained_S_all                      ? 
_refine.ls_restrained_S_obs                      ? 
_refine.ls_shift_over_esd_max                    ? 
_refine.ls_shift_over_esd_mean                   ? 
_refine.ls_structure_factor_coef                 ? 
_refine.ls_weighting_details                     ? 
_refine.ls_weighting_scheme                      ? 
_refine.ls_wR_factor_all                         ? 
_refine.ls_wR_factor_obs                         ? 
_refine.ls_wR_factor_R_free                      ? 
_refine.ls_wR_factor_R_work                      ? 
_refine.occupancy_max                            ? 
_refine.occupancy_min                            ? 
_refine.solvent_model_details                    ? 
_refine.solvent_model_param_bsol                 ? 
_refine.solvent_model_param_ksol                 ? 
_refine.ls_R_factor_gt                           ? 
_refine.ls_goodness_of_fit_gt                    ? 
_refine.ls_goodness_of_fit_ref                   ? 
_refine.ls_shift_over_su_max                     ? 
_refine.ls_shift_over_su_max_lt                  ? 
_refine.ls_shift_over_su_mean                    ? 
_refine.ls_shift_over_su_mean_lt                 ? 
_refine.pdbx_ls_sigma_I                          ? 
_refine.pdbx_ls_sigma_F                          1.35 
_refine.pdbx_ls_sigma_Fsqd                       ? 
_refine.pdbx_data_cutoff_high_absF               ? 
_refine.pdbx_data_cutoff_high_rms_absF           ? 
_refine.pdbx_data_cutoff_low_absF                ? 
_refine.pdbx_isotropic_thermal_model             ? 
_refine.pdbx_ls_cross_valid_method               'FREE R-VALUE' 
_refine.pdbx_method_to_determine_struct          'MOLECULAR REPLACEMENT' 
_refine.pdbx_starting_model                      4LLB 
_refine.pdbx_stereochemistry_target_values       ? 
_refine.pdbx_R_Free_selection_details            ? 
_refine.pdbx_stereochem_target_val_spec_case     ? 
_refine.pdbx_overall_ESU_R                       ? 
_refine.pdbx_overall_ESU_R_Free                  ? 
_refine.pdbx_solvent_vdw_probe_radii             1.11 
_refine.pdbx_solvent_ion_probe_radii             ? 
_refine.pdbx_solvent_shrinkage_radii             0.90 
_refine.pdbx_real_space_R                        ? 
_refine.pdbx_density_correlation                 ? 
_refine.pdbx_pd_number_of_powder_patterns        ? 
_refine.pdbx_pd_number_of_points                 ? 
_refine.pdbx_pd_meas_number_of_points            ? 
_refine.pdbx_pd_proc_ls_prof_R_factor            ? 
_refine.pdbx_pd_proc_ls_prof_wR_factor           ? 
_refine.pdbx_pd_Marquardt_correlation_coeff      ? 
_refine.pdbx_pd_Fsqrd_R_factor                   ? 
_refine.pdbx_pd_ls_matrix_band_width             ? 
_refine.pdbx_overall_phase_error                 24.68 
_refine.pdbx_overall_SU_R_free_Cruickshank_DPI   ? 
_refine.pdbx_overall_SU_R_free_Blow_DPI          ? 
_refine.pdbx_overall_SU_R_Blow_DPI               ? 
_refine.pdbx_TLS_residual_ADP_flag               ? 
_refine.pdbx_diffrn_id                           1 
_refine.overall_SU_B                             ? 
_refine.overall_SU_ML                            0.23 
_refine.overall_SU_R_Cruickshank_DPI             ? 
_refine.overall_SU_R_free                        ? 
_refine.overall_FOM_free_R_set                   ? 
_refine.overall_FOM_work_R_set                   ? 
_refine.pdbx_average_fsc_overall                 ? 
_refine.pdbx_average_fsc_work                    ? 
_refine.pdbx_average_fsc_free                    ? 
# 
_refine_hist.pdbx_refine_id                   'X-RAY DIFFRACTION' 
_refine_hist.cycle_id                         LAST 
_refine_hist.pdbx_number_atoms_protein        914 
_refine_hist.pdbx_number_atoms_nucleic_acid   0 
_refine_hist.pdbx_number_atoms_ligand         4 
_refine_hist.number_atoms_solvent             10 
_refine_hist.number_atoms_total               928 
_refine_hist.d_res_high                       2.601 
_refine_hist.d_res_low                        23.599 
# 
loop_
_refine_ls_restr.pdbx_refine_id 
_refine_ls_restr.criterion 
_refine_ls_restr.dev_ideal 
_refine_ls_restr.dev_ideal_target 
_refine_ls_restr.number 
_refine_ls_restr.rejects 
_refine_ls_restr.type 
_refine_ls_restr.weight 
_refine_ls_restr.pdbx_restraint_function 
'X-RAY DIFFRACTION' ? 0.006  ? 934  ? f_bond_d           ? ? 
'X-RAY DIFFRACTION' ? 0.940  ? 1261 ? f_angle_d          ? ? 
'X-RAY DIFFRACTION' ? 15.662 ? 570  ? f_dihedral_angle_d ? ? 
'X-RAY DIFFRACTION' ? 0.044  ? 133  ? f_chiral_restr     ? ? 
'X-RAY DIFFRACTION' ? 0.004  ? 165  ? f_plane_restr      ? ? 
# 
loop_
_refine_ls_shell.pdbx_refine_id 
_refine_ls_shell.d_res_high 
_refine_ls_shell.d_res_low 
_refine_ls_shell.number_reflns_all 
_refine_ls_shell.number_reflns_obs 
_refine_ls_shell.number_reflns_R_free 
_refine_ls_shell.number_reflns_R_work 
_refine_ls_shell.percent_reflns_obs 
_refine_ls_shell.percent_reflns_R_free 
_refine_ls_shell.R_factor_all 
_refine_ls_shell.R_factor_obs 
_refine_ls_shell.R_factor_R_free 
_refine_ls_shell.R_factor_R_free_error 
_refine_ls_shell.R_factor_R_work 
_refine_ls_shell.redundancy_reflns_all 
_refine_ls_shell.redundancy_reflns_obs 
_refine_ls_shell.wR_factor_all 
_refine_ls_shell.wR_factor_obs 
_refine_ls_shell.wR_factor_R_free 
_refine_ls_shell.wR_factor_R_work 
_refine_ls_shell.pdbx_total_number_of_bins_used 
_refine_ls_shell.pdbx_phase_error 
_refine_ls_shell.pdbx_fsc_work 
_refine_ls_shell.pdbx_fsc_free 
'X-RAY DIFFRACTION' 2.6015 2.9773  . . 137 1467 100.00 . . . 0.3468 . 0.2823 . . . . . . . . . . 
'X-RAY DIFFRACTION' 2.9773 3.7486  . . 159 1445 100.00 . . . 0.2758 . 0.2084 . . . . . . . . . . 
'X-RAY DIFFRACTION' 3.7486 23.5995 . . 180 1514 99.00  . . . 0.1908 . 0.1523 . . . . . . . . . . 
# 
_struct.entry_id                     5B79 
_struct.title                        'Crystal structure of DPF2 double PHD finger' 
_struct.pdbx_model_details           ? 
_struct.pdbx_formula_weight          ? 
_struct.pdbx_formula_weight_method   ? 
_struct.pdbx_model_type_details      ? 
_struct.pdbx_CASP_flag               N 
# 
_struct_keywords.entry_id        5B79 
_struct_keywords.text            'DPF2, METAL BINDING PROTEIN' 
_struct_keywords.pdbx_keywords   'METAL BINDING PROTEIN' 
# 
loop_
_struct_asym.id 
_struct_asym.pdbx_blank_PDB_chainid_flag 
_struct_asym.pdbx_modified 
_struct_asym.entity_id 
_struct_asym.details 
A N N 1 ? 
B N N 2 ? 
C N N 2 ? 
D N N 2 ? 
E N N 2 ? 
F N N 3 ? 
# 
loop_
_struct_conf.conf_type_id 
_struct_conf.id 
_struct_conf.pdbx_PDB_helix_id 
_struct_conf.beg_label_comp_id 
_struct_conf.beg_label_asym_id 
_struct_conf.beg_label_seq_id 
_struct_conf.pdbx_beg_PDB_ins_code 
_struct_conf.end_label_comp_id 
_struct_conf.end_label_asym_id 
_struct_conf.end_label_seq_id 
_struct_conf.pdbx_end_PDB_ins_code 
_struct_conf.beg_auth_comp_id 
_struct_conf.beg_auth_asym_id 
_struct_conf.beg_auth_seq_id 
_struct_conf.end_auth_comp_id 
_struct_conf.end_auth_asym_id 
_struct_conf.end_auth_seq_id 
_struct_conf.pdbx_PDB_helix_class 
_struct_conf.details 
_struct_conf.pdbx_PDB_helix_length 
HELX_P HELX_P1 AA1 THR A 42  ? VAL A 49  ? THR A 51  VAL A 58  1 ? 8 
HELX_P HELX_P2 AA2 CYS A 56  ? LYS A 60  ? CYS A 65  LYS A 69  5 ? 5 
HELX_P HELX_P3 AA3 ASN A 70  ? ASP A 72  ? ASN A 79  ASP A 81  5 ? 3 
HELX_P HELX_P4 AA4 CYS A 103 ? LYS A 111 ? CYS A 112 LYS A 120 1 ? 9 
HELX_P HELX_P5 AA5 GLU A 112 ? ALA A 114 ? GLU A 121 ALA A 123 5 ? 3 
# 
_struct_conf_type.id          HELX_P 
_struct_conf_type.criteria    ? 
_struct_conf_type.reference   ? 
# 
loop_
_struct_conn.id 
_struct_conn.conn_type_id 
_struct_conn.pdbx_leaving_atom_flag 
_struct_conn.pdbx_PDB_id 
_struct_conn.ptnr1_label_asym_id 
_struct_conn.ptnr1_label_comp_id 
_struct_conn.ptnr1_label_seq_id 
_struct_conn.ptnr1_label_atom_id 
_struct_conn.pdbx_ptnr1_label_alt_id 
_struct_conn.pdbx_ptnr1_PDB_ins_code 
_struct_conn.pdbx_ptnr1_standard_comp_id 
_struct_conn.ptnr1_symmetry 
_struct_conn.ptnr2_label_asym_id 
_struct_conn.ptnr2_label_comp_id 
_struct_conn.ptnr2_label_seq_id 
_struct_conn.ptnr2_label_atom_id 
_struct_conn.pdbx_ptnr2_label_alt_id 
_struct_conn.pdbx_ptnr2_PDB_ins_code 
_struct_conn.ptnr1_auth_asym_id 
_struct_conn.ptnr1_auth_comp_id 
_struct_conn.ptnr1_auth_seq_id 
_struct_conn.ptnr2_auth_asym_id 
_struct_conn.ptnr2_auth_comp_id 
_struct_conn.ptnr2_auth_seq_id 
_struct_conn.ptnr2_symmetry 
_struct_conn.pdbx_ptnr3_label_atom_id 
_struct_conn.pdbx_ptnr3_label_seq_id 
_struct_conn.pdbx_ptnr3_label_comp_id 
_struct_conn.pdbx_ptnr3_label_asym_id 
_struct_conn.pdbx_ptnr3_label_alt_id 
_struct_conn.pdbx_ptnr3_PDB_ins_code 
_struct_conn.details 
_struct_conn.pdbx_dist_value 
_struct_conn.pdbx_value_order 
_struct_conn.pdbx_role 
metalc1  metalc ? ? A CYS 5   SG  ? ? ? 1_555 B ZN . ZN ? ? A CYS 14  A ZN 201 1_555 ? ? ? ? ? ? ? 2.327 ? ? 
metalc2  metalc ? ? A CYS 8   SG  ? ? ? 1_555 B ZN . ZN ? ? A CYS 17  A ZN 201 1_555 ? ? ? ? ? ? ? 2.405 ? ? 
metalc3  metalc ? ? A CYS 27  SG  ? ? ? 1_555 D ZN . ZN ? ? A CYS 36  A ZN 203 1_555 ? ? ? ? ? ? ? 2.427 ? ? 
metalc4  metalc ? ? A CYS 30  SG  ? ? ? 1_555 D ZN . ZN ? ? A CYS 39  A ZN 203 1_555 ? ? ? ? ? ? ? 2.347 ? ? 
metalc5  metalc ? ? A HIS 35  ND1 ? ? ? 1_555 B ZN . ZN ? ? A HIS 44  A ZN 201 1_555 ? ? ? ? ? ? ? 2.087 ? ? 
metalc6  metalc ? ? A CYS 38  SG  ? ? ? 1_555 B ZN . ZN ? ? A CYS 47  A ZN 201 1_555 ? ? ? ? ? ? ? 2.216 ? ? 
metalc7  metalc ? ? A CYS 56  SG  ? ? ? 1_555 D ZN . ZN ? ? A CYS 65  A ZN 203 1_555 ? ? ? ? ? ? ? 2.339 ? ? 
metalc8  metalc ? ? A CYS 59  SG  ? ? ? 1_555 D ZN . ZN ? ? A CYS 68  A ZN 203 1_555 ? ? ? ? ? ? ? 2.237 ? ? 
metalc9  metalc ? ? A CYS 62  SG  ? ? ? 1_555 C ZN . ZN ? ? A CYS 71  A ZN 202 1_555 ? ? ? ? ? ? ? 2.352 ? ? 
metalc10 metalc ? ? A CYS 65  SG  ? ? ? 1_555 C ZN . ZN ? ? A CYS 74  A ZN 202 1_555 ? ? ? ? ? ? ? 2.358 ? ? 
metalc11 metalc ? ? A CYS 77  SG  ? ? ? 1_555 E ZN . ZN ? ? A CYS 86  A ZN 204 1_555 ? ? ? ? ? ? ? 2.346 ? ? 
metalc12 metalc ? ? A CYS 80  SG  ? ? ? 1_555 E ZN . ZN ? ? A CYS 89  A ZN 204 1_555 ? ? ? ? ? ? ? 2.349 ? ? 
metalc13 metalc ? ? A HIS 85  ND1 ? ? ? 1_555 C ZN . ZN ? ? A HIS 94  A ZN 202 1_555 ? ? ? ? ? ? ? 2.168 ? ? 
metalc14 metalc ? ? A CYS 88  SG  ? ? ? 1_555 C ZN . ZN ? ? A CYS 97  A ZN 202 1_555 ? ? ? ? ? ? ? 2.263 ? ? 
metalc15 metalc ? ? A CYS 103 SG  ? ? ? 1_555 E ZN . ZN ? ? A CYS 112 A ZN 204 1_555 ? ? ? ? ? ? ? 2.418 ? ? 
metalc16 metalc ? ? A CYS 106 SG  ? ? ? 1_555 E ZN . ZN ? ? A CYS 115 A ZN 204 1_555 ? ? ? ? ? ? ? 2.254 ? ? 
# 
_struct_conn_type.id          metalc 
_struct_conn_type.criteria    ? 
_struct_conn_type.reference   ? 
# 
_struct_mon_prot_cis.pdbx_id                1 
_struct_mon_prot_cis.label_comp_id          THR 
_struct_mon_prot_cis.label_seq_id           90 
_struct_mon_prot_cis.label_asym_id          A 
_struct_mon_prot_cis.label_alt_id           . 
_struct_mon_prot_cis.pdbx_PDB_ins_code      ? 
_struct_mon_prot_cis.auth_comp_id           THR 
_struct_mon_prot_cis.auth_seq_id            99 
_struct_mon_prot_cis.auth_asym_id           A 
_struct_mon_prot_cis.pdbx_label_comp_id_2   PRO 
_struct_mon_prot_cis.pdbx_label_seq_id_2    91 
_struct_mon_prot_cis.pdbx_label_asym_id_2   A 
_struct_mon_prot_cis.pdbx_PDB_ins_code_2    ? 
_struct_mon_prot_cis.pdbx_auth_comp_id_2    PRO 
_struct_mon_prot_cis.pdbx_auth_seq_id_2     100 
_struct_mon_prot_cis.pdbx_auth_asym_id_2    A 
_struct_mon_prot_cis.pdbx_PDB_model_num     1 
_struct_mon_prot_cis.pdbx_omega_angle       1.86 
# 
loop_
_struct_sheet.id 
_struct_sheet.type 
_struct_sheet.number_strands 
_struct_sheet.details 
AA1 ? 2 ? 
AA2 ? 2 ? 
# 
loop_
_struct_sheet_order.sheet_id 
_struct_sheet_order.range_id_1 
_struct_sheet_order.range_id_2 
_struct_sheet_order.offset 
_struct_sheet_order.sense 
AA1 1 2 ? anti-parallel 
AA2 1 2 ? anti-parallel 
# 
loop_
_struct_sheet_range.sheet_id 
_struct_sheet_range.id 
_struct_sheet_range.beg_label_comp_id 
_struct_sheet_range.beg_label_asym_id 
_struct_sheet_range.beg_label_seq_id 
_struct_sheet_range.pdbx_beg_PDB_ins_code 
_struct_sheet_range.end_label_comp_id 
_struct_sheet_range.end_label_asym_id 
_struct_sheet_range.end_label_seq_id 
_struct_sheet_range.pdbx_end_PDB_ins_code 
_struct_sheet_range.beg_auth_comp_id 
_struct_sheet_range.beg_auth_asym_id 
_struct_sheet_range.beg_auth_seq_id 
_struct_sheet_range.end_auth_comp_id 
_struct_sheet_range.end_auth_asym_id 
_struct_sheet_range.end_auth_seq_id 
AA1 1 VAL A 25 ? SER A 26 ? VAL A 34 SER A 35 
AA1 2 SER A 33 ? GLY A 34 ? SER A 42 GLY A 43 
AA2 1 LEU A 74 ? PHE A 76 ? LEU A 83 PHE A 85 
AA2 2 GLY A 83 ? HIS A 85 ? GLY A 92 HIS A 94 
# 
loop_
_pdbx_struct_sheet_hbond.sheet_id 
_pdbx_struct_sheet_hbond.range_id_1 
_pdbx_struct_sheet_hbond.range_id_2 
_pdbx_struct_sheet_hbond.range_1_label_atom_id 
_pdbx_struct_sheet_hbond.range_1_label_comp_id 
_pdbx_struct_sheet_hbond.range_1_label_asym_id 
_pdbx_struct_sheet_hbond.range_1_label_seq_id 
_pdbx_struct_sheet_hbond.range_1_PDB_ins_code 
_pdbx_struct_sheet_hbond.range_1_auth_atom_id 
_pdbx_struct_sheet_hbond.range_1_auth_comp_id 
_pdbx_struct_sheet_hbond.range_1_auth_asym_id 
_pdbx_struct_sheet_hbond.range_1_auth_seq_id 
_pdbx_struct_sheet_hbond.range_2_label_atom_id 
_pdbx_struct_sheet_hbond.range_2_label_comp_id 
_pdbx_struct_sheet_hbond.range_2_label_asym_id 
_pdbx_struct_sheet_hbond.range_2_label_seq_id 
_pdbx_struct_sheet_hbond.range_2_PDB_ins_code 
_pdbx_struct_sheet_hbond.range_2_auth_atom_id 
_pdbx_struct_sheet_hbond.range_2_auth_comp_id 
_pdbx_struct_sheet_hbond.range_2_auth_asym_id 
_pdbx_struct_sheet_hbond.range_2_auth_seq_id 
AA1 1 2 N VAL A 25 ? N VAL A 34 O GLY A 34 ? O GLY A 43 
AA2 1 2 N LEU A 75 ? N LEU A 84 O TYR A 84 ? O TYR A 93 
# 
loop_
_struct_site.id 
_struct_site.pdbx_evidence_code 
_struct_site.pdbx_auth_asym_id 
_struct_site.pdbx_auth_comp_id 
_struct_site.pdbx_auth_seq_id 
_struct_site.pdbx_auth_ins_code 
_struct_site.pdbx_num_residues 
_struct_site.details 
AC1 Software A ZN 201 ? 4 'binding site for residue ZN A 201' 
AC2 Software A ZN 202 ? 4 'binding site for residue ZN A 202' 
AC3 Software A ZN 203 ? 4 'binding site for residue ZN A 203' 
AC4 Software A ZN 204 ? 4 'binding site for residue ZN A 204' 
# 
loop_
_struct_site_gen.id 
_struct_site_gen.site_id 
_struct_site_gen.pdbx_num_res 
_struct_site_gen.label_comp_id 
_struct_site_gen.label_asym_id 
_struct_site_gen.label_seq_id 
_struct_site_gen.pdbx_auth_ins_code 
_struct_site_gen.auth_comp_id 
_struct_site_gen.auth_asym_id 
_struct_site_gen.auth_seq_id 
_struct_site_gen.label_atom_id 
_struct_site_gen.label_alt_id 
_struct_site_gen.symmetry 
_struct_site_gen.details 
1  AC1 4 CYS A 5   ? CYS A 14  . ? 1_555 ? 
2  AC1 4 CYS A 8   ? CYS A 17  . ? 1_555 ? 
3  AC1 4 HIS A 35  ? HIS A 44  . ? 1_555 ? 
4  AC1 4 CYS A 38  ? CYS A 47  . ? 1_555 ? 
5  AC2 4 CYS A 62  ? CYS A 71  . ? 1_555 ? 
6  AC2 4 CYS A 65  ? CYS A 74  . ? 1_555 ? 
7  AC2 4 HIS A 85  ? HIS A 94  . ? 1_555 ? 
8  AC2 4 CYS A 88  ? CYS A 97  . ? 1_555 ? 
9  AC3 4 CYS A 27  ? CYS A 36  . ? 1_555 ? 
10 AC3 4 CYS A 30  ? CYS A 39  . ? 1_555 ? 
11 AC3 4 CYS A 56  ? CYS A 65  . ? 1_555 ? 
12 AC3 4 CYS A 59  ? CYS A 68  . ? 1_555 ? 
13 AC4 4 CYS A 77  ? CYS A 86  . ? 1_555 ? 
14 AC4 4 CYS A 80  ? CYS A 89  . ? 1_555 ? 
15 AC4 4 CYS A 103 ? CYS A 112 . ? 1_555 ? 
16 AC4 4 CYS A 106 ? CYS A 115 . ? 1_555 ? 
# 
_atom_sites.entry_id                    5B79 
_atom_sites.fract_transf_matrix[1][1]   0.00781076 
_atom_sites.fract_transf_matrix[1][2]   -0.00513264 
_atom_sites.fract_transf_matrix[1][3]   0.00018208 
_atom_sites.fract_transf_matrix[2][1]   -0.00062013 
_atom_sites.fract_transf_matrix[2][2]   -0.00061353 
_atom_sites.fract_transf_matrix[2][3]   0.00930721 
_atom_sites.fract_transf_matrix[3][1]   -0.01037002 
_atom_sites.fract_transf_matrix[3][2]   -0.01584247 
_atom_sites.fract_transf_matrix[3][3]   -0.00173527 
_atom_sites.fract_transf_vector[1]      -0.062004 
_atom_sites.fract_transf_vector[2]      -0.282955 
_atom_sites.fract_transf_vector[3]      -0.358828 
# 
loop_
_atom_type.symbol 
C  
N  
O  
S  
ZN 
# 
loop_
_atom_site.group_PDB 
_atom_site.id 
_atom_site.type_symbol 
_atom_site.label_atom_id 
_atom_site.label_alt_id 
_atom_site.label_comp_id 
_atom_site.label_asym_id 
_atom_site.label_entity_id 
_atom_site.label_seq_id 
_atom_site.pdbx_PDB_ins_code 
_atom_site.Cartn_x 
_atom_site.Cartn_y 
_atom_site.Cartn_z 
_atom_site.occupancy 
_atom_site.B_iso_or_equiv 
_atom_site.pdbx_formal_charge 
_atom_site.auth_seq_id 
_atom_site.auth_comp_id 
_atom_site.auth_asym_id 
_atom_site.auth_atom_id 
_atom_site.pdbx_PDB_model_num 
ATOM   1   N  N   . SER A 1 1   ? 6.351   -12.161 -11.506 1.00 45.93 ? 10  SER A N   1 
ATOM   2   C  CA  . SER A 1 1   ? 6.864   -11.400 -10.363 1.00 53.12 ? 10  SER A CA  1 
ATOM   3   C  C   . SER A 1 1   ? 8.209   -11.948 -9.872  1.00 49.71 ? 10  SER A C   1 
ATOM   4   O  O   . SER A 1 1   ? 8.604   -13.038 -10.247 1.00 56.12 ? 10  SER A O   1 
ATOM   5   C  CB  . SER A 1 1   ? 5.848   -11.419 -9.225  1.00 50.36 ? 10  SER A CB  1 
ATOM   6   O  OG  . SER A 1 1   ? 4.745   -12.247 -9.553  1.00 58.79 ? 10  SER A OG  1 
ATOM   7   N  N   . ASN A 1 2   ? 8.908   -11.180 -9.038  1.00 51.21 ? 11  ASN A N   1 
ATOM   8   C  CA  . ASN A 1 2   ? 10.231  -11.572 -8.563  1.00 51.46 ? 11  ASN A CA  1 
ATOM   9   C  C   . ASN A 1 2   ? 10.110  -12.548 -7.397  1.00 52.83 ? 11  ASN A C   1 
ATOM   10  O  O   . ASN A 1 2   ? 9.333   -12.326 -6.462  1.00 50.88 ? 11  ASN A O   1 
ATOM   11  C  CB  . ASN A 1 2   ? 11.044  -10.349 -8.129  1.00 49.63 ? 11  ASN A CB  1 
ATOM   12  C  CG  . ASN A 1 2   ? 11.323  -9.392  -9.274  1.00 51.51 ? 11  ASN A CG  1 
ATOM   13  O  OD1 . ASN A 1 2   ? 10.891  -9.617  -10.403 1.00 55.85 ? 11  ASN A OD1 1 
ATOM   14  N  ND2 . ASN A 1 2   ? 12.034  -8.309  -8.982  1.00 52.66 ? 11  ASN A ND2 1 
ATOM   15  N  N   . ASN A 1 3   ? 10.873  -13.633 -7.464  1.00 50.77 ? 12  ASN A N   1 
ATOM   16  C  CA  . ASN A 1 3   ? 10.952  -14.613 -6.396  1.00 50.18 ? 12  ASN A CA  1 
ATOM   17  C  C   . ASN A 1 3   ? 11.829  -14.154 -5.239  1.00 52.52 ? 12  ASN A C   1 
ATOM   18  O  O   . ASN A 1 3   ? 12.123  -14.962 -4.352  1.00 53.63 ? 12  ASN A O   1 
ATOM   19  C  CB  . ASN A 1 3   ? 11.491  -15.926 -6.957  1.00 54.73 ? 12  ASN A CB  1 
ATOM   20  C  CG  . ASN A 1 3   ? 12.651  -15.701 -7.920  1.00 64.95 ? 12  ASN A CG  1 
ATOM   21  O  OD1 . ASN A 1 3   ? 12.545  -14.882 -8.849  1.00 67.00 ? 12  ASN A OD1 1 
ATOM   22  N  ND2 . ASN A 1 3   ? 13.771  -16.390 -7.690  1.00 60.49 ? 12  ASN A ND2 1 
ATOM   23  N  N   . TYR A 1 4   ? 12.270  -12.896 -5.228  1.00 46.77 ? 13  TYR A N   1 
ATOM   24  C  CA  . TYR A 1 4   ? 13.128  -12.391 -4.166  1.00 46.32 ? 13  TYR A CA  1 
ATOM   25  C  C   . TYR A 1 4   ? 12.609  -11.056 -3.639  1.00 47.16 ? 13  TYR A C   1 
ATOM   26  O  O   . TYR A 1 4   ? 11.912  -10.314 -4.341  1.00 45.02 ? 13  TYR A O   1 
ATOM   27  C  CB  . TYR A 1 4   ? 14.580  -12.241 -4.643  1.00 42.84 ? 13  TYR A CB  1 
ATOM   28  C  CG  . TYR A 1 4   ? 14.764  -11.183 -5.697  1.00 42.65 ? 13  TYR A CG  1 
ATOM   29  C  CD1 . TYR A 1 4   ? 14.586  -11.473 -7.040  1.00 44.01 ? 13  TYR A CD1 1 
ATOM   30  C  CD2 . TYR A 1 4   ? 15.119  -9.887  -5.347  1.00 45.99 ? 13  TYR A CD2 1 
ATOM   31  C  CE1 . TYR A 1 4   ? 14.750  -10.495 -8.014  1.00 43.96 ? 13  TYR A CE1 1 
ATOM   32  C  CE2 . TYR A 1 4   ? 15.281  -8.904  -6.307  1.00 48.25 ? 13  TYR A CE2 1 
ATOM   33  C  CZ  . TYR A 1 4   ? 15.098  -9.215  -7.641  1.00 47.22 ? 13  TYR A CZ  1 
ATOM   34  O  OH  . TYR A 1 4   ? 15.268  -8.230  -8.592  1.00 50.43 ? 13  TYR A OH  1 
ATOM   35  N  N   . CYS A 1 5   ? 12.951  -10.770 -2.382  1.00 44.88 ? 14  CYS A N   1 
ATOM   36  C  CA  . CYS A 1 5   ? 12.619  -9.497  -1.759  1.00 39.67 ? 14  CYS A CA  1 
ATOM   37  C  C   . CYS A 1 5   ? 13.644  -8.449  -2.182  1.00 43.80 ? 14  CYS A C   1 
ATOM   38  O  O   . CYS A 1 5   ? 14.852  -8.698  -2.142  1.00 43.51 ? 14  CYS A O   1 
ATOM   39  C  CB  . CYS A 1 5   ? 12.594  -9.647  -0.237  1.00 36.30 ? 14  CYS A CB  1 
ATOM   40  S  SG  . CYS A 1 5   ? 12.429  -8.115  0.722   1.00 35.76 ? 14  CYS A SG  1 
ATOM   41  N  N   . ASP A 1 6   ? 13.167  -7.275  -2.595  1.00 42.09 ? 15  ASP A N   1 
ATOM   42  C  CA  . ASP A 1 6   ? 14.102  -6.251  -3.039  1.00 38.81 ? 15  ASP A CA  1 
ATOM   43  C  C   . ASP A 1 6   ? 14.999  -5.782  -1.904  1.00 41.74 ? 15  ASP A C   1 
ATOM   44  O  O   . ASP A 1 6   ? 16.176  -5.484  -2.133  1.00 46.59 ? 15  ASP A O   1 
ATOM   45  C  CB  . ASP A 1 6   ? 13.347  -5.070  -3.639  1.00 40.69 ? 15  ASP A CB  1 
ATOM   46  C  CG  . ASP A 1 6   ? 13.221  -5.165  -5.150  1.00 52.06 ? 15  ASP A CG  1 
ATOM   47  O  OD1 . ASP A 1 6   ? 12.978  -6.275  -5.692  1.00 56.98 ? 15  ASP A OD1 1 
ATOM   48  O  OD2 . ASP A 1 6   ? 13.375  -4.113  -5.803  1.00 59.88 ? 15  ASP A OD2 1 
ATOM   49  N  N   . PHE A 1 7   ? 14.483  -5.743  -0.676  1.00 36.76 ? 16  PHE A N   1 
ATOM   50  C  CA  . PHE A 1 7   ? 15.178  -5.084  0.422   1.00 36.02 ? 16  PHE A CA  1 
ATOM   51  C  C   . PHE A 1 7   ? 16.150  -5.990  1.153   1.00 38.71 ? 16  PHE A C   1 
ATOM   52  O  O   . PHE A 1 7   ? 17.159  -5.504  1.671   1.00 41.11 ? 16  PHE A O   1 
ATOM   53  C  CB  . PHE A 1 7   ? 14.160  -4.515  1.410   1.00 37.83 ? 16  PHE A CB  1 
ATOM   54  C  CG  . PHE A 1 7   ? 13.146  -3.643  0.750   1.00 42.20 ? 16  PHE A CG  1 
ATOM   55  C  CD1 . PHE A 1 7   ? 11.927  -4.171  0.337   1.00 44.64 ? 16  PHE A CD1 1 
ATOM   56  C  CD2 . PHE A 1 7   ? 13.433  -2.320  0.470   1.00 38.02 ? 16  PHE A CD2 1 
ATOM   57  C  CE1 . PHE A 1 7   ? 11.001  -3.384  -0.320  1.00 39.42 ? 16  PHE A CE1 1 
ATOM   58  C  CE2 . PHE A 1 7   ? 12.519  -1.529  -0.181  1.00 38.65 ? 16  PHE A CE2 1 
ATOM   59  C  CZ  . PHE A 1 7   ? 11.296  -2.059  -0.575  1.00 40.69 ? 16  PHE A CZ  1 
ATOM   60  N  N   . CYS A 1 8   ? 15.883  -7.290  1.230   1.00 37.86 ? 17  CYS A N   1 
ATOM   61  C  CA  . CYS A 1 8   ? 16.767  -8.180  1.966   1.00 34.63 ? 17  CYS A CA  1 
ATOM   62  C  C   . CYS A 1 8   ? 17.322  -9.304  1.109   1.00 39.82 ? 17  CYS A C   1 
ATOM   63  O  O   . CYS A 1 8   ? 18.094  -10.120 1.622   1.00 40.86 ? 17  CYS A O   1 
ATOM   64  C  CB  . CYS A 1 8   ? 16.051  -8.776  3.184   1.00 33.02 ? 17  CYS A CB  1 
ATOM   65  S  SG  . CYS A 1 8   ? 14.919  -10.141 2.807   1.00 36.11 ? 17  CYS A SG  1 
ATOM   66  N  N   . LEU A 1 9   ? 16.953  -9.370  -0.173  1.00 38.41 ? 18  LEU A N   1 
ATOM   67  C  CA  . LEU A 1 9   ? 17.425  -10.383 -1.112  1.00 37.90 ? 18  LEU A CA  1 
ATOM   68  C  C   . LEU A 1 9   ? 17.024  -11.794 -0.688  1.00 43.99 ? 18  LEU A C   1 
ATOM   69  O  O   . LEU A 1 9   ? 17.580  -12.778 -1.186  1.00 43.42 ? 18  LEU A O   1 
ATOM   70  C  CB  . LEU A 1 9   ? 18.940  -10.297 -1.307  1.00 36.79 ? 18  LEU A CB  1 
ATOM   71  C  CG  . LEU A 1 9   ? 19.453  -8.898  -1.649  1.00 38.00 ? 18  LEU A CG  1 
ATOM   72  C  CD1 . LEU A 1 9   ? 20.966  -8.884  -1.803  1.00 39.85 ? 18  LEU A CD1 1 
ATOM   73  C  CD2 . LEU A 1 9   ? 18.794  -8.385  -2.904  1.00 37.55 ? 18  LEU A CD2 1 
ATOM   74  N  N   . GLY A 1 10  ? 16.062  -11.907 0.230   1.00 44.04 ? 19  GLY A N   1 
ATOM   75  C  CA  . GLY A 1 10  ? 15.595  -13.186 0.716   1.00 39.62 ? 19  GLY A CA  1 
ATOM   76  C  C   . GLY A 1 10  ? 14.399  -13.718 -0.056  1.00 45.35 ? 19  GLY A C   1 
ATOM   77  O  O   . GLY A 1 10  ? 13.987  -13.185 -1.088  1.00 44.24 ? 19  GLY A O   1 
ATOM   78  N  N   . ASP A 1 11  ? 13.829  -14.787 0.489   1.00 51.60 ? 20  ASP A N   1 
ATOM   79  C  CA  . ASP A 1 11  ? 12.841  -15.673 -0.108  1.00 49.56 ? 20  ASP A CA  1 
ATOM   80  C  C   . ASP A 1 11  ? 11.485  -15.446 0.537   1.00 47.42 ? 20  ASP A C   1 
ATOM   81  O  O   . ASP A 1 11  ? 11.332  -14.641 1.453   1.00 48.06 ? 20  ASP A O   1 
ATOM   82  C  CB  . ASP A 1 11  ? 13.240  -17.141 0.111   1.00 47.86 ? 20  ASP A CB  1 
ATOM   83  C  CG  . ASP A 1 11  ? 13.824  -17.775 -1.108  1.00 53.36 ? 20  ASP A CG  1 
ATOM   84  O  OD1 . ASP A 1 11  ? 13.577  -17.238 -2.206  1.00 61.48 ? 20  ASP A OD1 1 
ATOM   85  O  OD2 . ASP A 1 11  ? 14.528  -18.804 -0.972  1.00 55.32 ? 20  ASP A OD2 1 
ATOM   86  N  N   . SER A 1 12  ? 10.499  -16.206 0.063   1.00 49.79 ? 21  SER A N   1 
ATOM   87  C  CA  . SER A 1 12  ? 9.338   -16.504 0.893   1.00 48.45 ? 21  SER A CA  1 
ATOM   88  C  C   . SER A 1 12  ? 9.709   -17.463 2.017   1.00 50.55 ? 21  SER A C   1 
ATOM   89  O  O   . SER A 1 12  ? 9.085   -17.447 3.090   1.00 51.10 ? 21  SER A O   1 
ATOM   90  C  CB  . SER A 1 12  ? 8.234   -17.098 0.029   1.00 50.15 ? 21  SER A CB  1 
ATOM   91  O  OG  . SER A 1 12  ? 8.797   -17.863 -1.028  1.00 56.97 ? 21  SER A OG  1 
ATOM   92  N  N   . LYS A 1 13  ? 10.735  -18.291 1.791   1.00 51.08 ? 22  LYS A N   1 
ATOM   93  C  CA  . LYS A 1 13  ? 11.193  -19.238 2.797   1.00 48.91 ? 22  LYS A CA  1 
ATOM   94  C  C   . LYS A 1 13  ? 12.027  -18.564 3.872   1.00 53.29 ? 22  LYS A C   1 
ATOM   95  O  O   . LYS A 1 13  ? 11.989  -18.991 5.034   1.00 56.44 ? 22  LYS A O   1 
ATOM   96  C  CB  . LYS A 1 13  ? 12.019  -20.356 2.157   1.00 48.26 ? 22  LYS A CB  1 
ATOM   97  C  CG  . LYS A 1 13  ? 11.539  -20.819 0.791   1.00 49.63 ? 22  LYS A CG  1 
ATOM   98  C  CD  . LYS A 1 13  ? 12.161  -22.155 0.431   1.00 53.11 ? 22  LYS A CD  1 
ATOM   99  C  CE  . LYS A 1 13  ? 12.984  -22.076 -0.856  1.00 54.59 ? 22  LYS A CE  1 
ATOM   100 N  NZ  . LYS A 1 13  ? 13.747  -23.339 -1.108  1.00 53.88 ? 22  LYS A NZ  1 
ATOM   101 N  N   . ILE A 1 14  ? 12.792  -17.531 3.521   1.00 52.61 ? 23  ILE A N   1 
ATOM   102 C  CA  . ILE A 1 14  ? 13.607  -16.848 4.520   1.00 51.82 ? 23  ILE A CA  1 
ATOM   103 C  C   . ILE A 1 14  ? 13.545  -15.342 4.296   1.00 50.61 ? 23  ILE A C   1 
ATOM   104 O  O   . ILE A 1 14  ? 13.974  -14.838 3.252   1.00 50.19 ? 23  ILE A O   1 
ATOM   105 C  CB  . ILE A 1 14  ? 15.069  -17.331 4.534   1.00 47.27 ? 23  ILE A CB  1 
ATOM   106 C  CG1 . ILE A 1 14  ? 15.833  -16.590 5.628   1.00 46.03 ? 23  ILE A CG1 1 
ATOM   107 C  CG2 . ILE A 1 14  ? 15.734  -17.156 3.167   1.00 46.12 ? 23  ILE A CG2 1 
ATOM   108 C  CD1 . ILE A 1 14  ? 17.252  -17.097 5.867   1.00 54.04 ? 23  ILE A CD1 1 
ATOM   109 N  N   . ASN A 1 15  ? 12.993  -14.629 5.270   1.00 47.49 ? 24  ASN A N   1 
ATOM   110 C  CA  . ASN A 1 15  ? 13.242  -13.204 5.422   1.00 42.68 ? 24  ASN A CA  1 
ATOM   111 C  C   . ASN A 1 15  ? 14.642  -13.051 5.999   1.00 42.94 ? 24  ASN A C   1 
ATOM   112 O  O   . ASN A 1 15  ? 14.881  -13.402 7.159   1.00 48.33 ? 24  ASN A O   1 
ATOM   113 C  CB  . ASN A 1 15  ? 12.189  -12.587 6.333   1.00 44.05 ? 24  ASN A CB  1 
ATOM   114 C  CG  . ASN A 1 15  ? 12.306  -11.094 6.421   1.00 42.19 ? 24  ASN A CG  1 
ATOM   115 O  OD1 . ASN A 1 15  ? 13.368  -10.564 6.733   1.00 39.64 ? 24  ASN A OD1 1 
ATOM   116 N  ND2 . ASN A 1 15  ? 11.207  -10.396 6.138   1.00 45.52 ? 24  ASN A ND2 1 
ATOM   117 N  N   . LYS A 1 16  ? 15.576  -12.536 5.204   1.00 39.13 ? 25  LYS A N   1 
ATOM   118 C  CA  . LYS A 1 16  ? 16.960  -12.505 5.663   1.00 38.55 ? 25  LYS A CA  1 
ATOM   119 C  C   . LYS A 1 16  ? 17.188  -11.510 6.797   1.00 38.79 ? 25  LYS A C   1 
ATOM   120 O  O   . LYS A 1 16  ? 18.207  -11.593 7.487   1.00 41.19 ? 25  LYS A O   1 
ATOM   121 C  CB  . LYS A 1 16  ? 17.881  -12.205 4.482   1.00 35.99 ? 25  LYS A CB  1 
ATOM   122 C  CG  . LYS A 1 16  ? 19.052  -13.167 4.341   1.00 40.83 ? 25  LYS A CG  1 
ATOM   123 C  CD  . LYS A 1 16  ? 18.654  -14.451 3.643   1.00 41.89 ? 25  LYS A CD  1 
ATOM   124 C  CE  . LYS A 1 16  ? 19.846  -15.385 3.453   1.00 46.16 ? 25  LYS A CE  1 
ATOM   125 N  NZ  . LYS A 1 16  ? 20.396  -15.842 4.759   1.00 53.92 ? 25  LYS A NZ  1 
ATOM   126 N  N   . LYS A 1 17  ? 16.259  -10.595 7.019   1.00 41.26 ? 26  LYS A N   1 
ATOM   127 C  CA  . LYS A 1 17  ? 16.346  -9.617  8.093   1.00 45.76 ? 26  LYS A CA  1 
ATOM   128 C  C   . LYS A 1 17  ? 15.834  -10.178 9.418   1.00 47.80 ? 26  LYS A C   1 
ATOM   129 O  O   . LYS A 1 17  ? 16.494  -10.022 10.451  1.00 52.17 ? 26  LYS A O   1 
ATOM   130 C  CB  . LYS A 1 17  ? 15.566  -8.355  7.693   1.00 44.37 ? 26  LYS A CB  1 
ATOM   131 C  CG  . LYS A 1 17  ? 15.574  -7.216  8.707   1.00 51.37 ? 26  LYS A CG  1 
ATOM   132 C  CD  . LYS A 1 17  ? 14.603  -6.095  8.277   1.00 69.92 ? 26  LYS A CD  1 
ATOM   133 C  CE  . LYS A 1 17  ? 14.633  -4.853  9.193   1.00 79.23 ? 26  LYS A CE  1 
ATOM   134 N  NZ  . LYS A 1 17  ? 13.845  -3.683  8.669   1.00 71.35 ? 26  LYS A NZ  1 
ATOM   135 N  N   . THR A 1 18  ? 14.684  -10.850 9.406   1.00 44.61 ? 27  THR A N   1 
ATOM   136 C  CA  . THR A 1 18  ? 14.101  -11.410 10.617  1.00 46.16 ? 27  THR A CA  1 
ATOM   137 C  C   . THR A 1 18  ? 14.464  -12.869 10.853  1.00 47.48 ? 27  THR A C   1 
ATOM   138 O  O   . THR A 1 18  ? 14.479  -13.309 12.006  1.00 49.76 ? 27  THR A O   1 
ATOM   139 C  CB  . THR A 1 18  ? 12.575  -11.294 10.576  1.00 46.10 ? 27  THR A CB  1 
ATOM   140 O  OG1 . THR A 1 18  ? 12.070  -12.155 9.550   1.00 47.19 ? 27  THR A OG1 1 
ATOM   141 C  CG2 . THR A 1 18  ? 12.163  -9.873  10.295  1.00 40.91 ? 27  THR A CG2 1 
ATOM   142 N  N   . GLY A 1 19  ? 14.732  -13.634 9.800   1.00 47.47 ? 28  GLY A N   1 
ATOM   143 C  CA  . GLY A 1 19  ? 15.094  -15.026 9.940   1.00 46.82 ? 28  GLY A CA  1 
ATOM   144 C  C   . GLY A 1 19  ? 13.949  -16.007 9.811   1.00 48.32 ? 28  GLY A C   1 
ATOM   145 O  O   . GLY A 1 19  ? 14.192  -17.220 9.852   1.00 48.76 ? 28  GLY A O   1 
ATOM   146 N  N   . GLN A 1 20  ? 12.714  -15.530 9.662   1.00 48.97 ? 29  GLN A N   1 
ATOM   147 C  CA  . GLN A 1 20  ? 11.553  -16.402 9.556   1.00 46.90 ? 29  GLN A CA  1 
ATOM   148 C  C   . GLN A 1 20  ? 10.994  -16.387 8.149   1.00 45.73 ? 29  GLN A C   1 
ATOM   149 O  O   . GLN A 1 20  ? 11.305  -15.491 7.357   1.00 46.66 ? 29  GLN A O   1 
ATOM   150 C  CB  . GLN A 1 20  ? 10.448  -15.985 10.533  1.00 49.22 ? 29  GLN A CB  1 
ATOM   151 C  CG  . GLN A 1 20  ? 10.575  -14.608 11.115  1.00 51.63 ? 29  GLN A CG  1 
ATOM   152 C  CD  . GLN A 1 20  ? 9.669   -14.444 12.318  1.00 57.96 ? 29  GLN A CD  1 
ATOM   153 O  OE1 . GLN A 1 20  ? 8.986   -15.387 12.724  1.00 57.07 ? 29  GLN A OE1 1 
ATOM   154 N  NE2 . GLN A 1 20  ? 9.659   -13.249 12.900  1.00 57.13 ? 29  GLN A NE2 1 
ATOM   155 N  N   . PRO A 1 21  ? 10.165  -17.371 7.795   1.00 50.53 ? 30  PRO A N   1 
ATOM   156 C  CA  . PRO A 1 21  ? 9.499   -17.317 6.490   1.00 52.38 ? 30  PRO A CA  1 
ATOM   157 C  C   . PRO A 1 21  ? 8.440   -16.236 6.495   1.00 46.19 ? 30  PRO A C   1 
ATOM   158 O  O   . PRO A 1 21  ? 7.833   -15.926 7.523   1.00 44.71 ? 30  PRO A O   1 
ATOM   159 C  CB  . PRO A 1 21  ? 8.875   -18.714 6.334   1.00 50.57 ? 30  PRO A CB  1 
ATOM   160 C  CG  . PRO A 1 21  ? 9.449   -19.551 7.444   1.00 47.18 ? 30  PRO A CG  1 
ATOM   161 C  CD  . PRO A 1 21  ? 9.794   -18.583 8.542   1.00 47.30 ? 30  PRO A CD  1 
ATOM   162 N  N   . GLU A 1 22  ? 8.238   -15.642 5.326   1.00 47.74 ? 31  GLU A N   1 
ATOM   163 C  CA  . GLU A 1 22  ? 7.288   -14.549 5.196   1.00 45.28 ? 31  GLU A CA  1 
ATOM   164 C  C   . GLU A 1 22  ? 6.917   -14.439 3.733   1.00 43.67 ? 31  GLU A C   1 
ATOM   165 O  O   . GLU A 1 22  ? 7.801   -14.457 2.874   1.00 41.97 ? 31  GLU A O   1 
ATOM   166 C  CB  . GLU A 1 22  ? 7.874   -13.223 5.698   1.00 40.35 ? 31  GLU A CB  1 
ATOM   167 C  CG  . GLU A 1 22  ? 6.886   -12.092 5.627   1.00 38.91 ? 31  GLU A CG  1 
ATOM   168 C  CD  . GLU A 1 22  ? 7.453   -10.784 6.110   1.00 40.02 ? 31  GLU A CD  1 
ATOM   169 O  OE1 . GLU A 1 22  ? 8.592   -10.766 6.623   1.00 41.16 ? 31  GLU A OE1 1 
ATOM   170 O  OE2 . GLU A 1 22  ? 6.752   -9.764  5.962   1.00 42.03 ? 31  GLU A OE2 1 
ATOM   171 N  N   . GLU A 1 23  ? 5.615   -14.364 3.467   1.00 44.62 ? 32  GLU A N   1 
ATOM   172 C  CA  . GLU A 1 23  ? 5.112   -14.270 2.108   1.00 46.12 ? 32  GLU A CA  1 
ATOM   173 C  C   . GLU A 1 23  ? 5.676   -13.031 1.436   1.00 46.47 ? 32  GLU A C   1 
ATOM   174 O  O   . GLU A 1 23  ? 5.835   -11.988 2.071   1.00 45.30 ? 32  GLU A O   1 
ATOM   175 C  CB  . GLU A 1 23  ? 3.587   -14.209 2.136   1.00 55.27 ? 32  GLU A CB  1 
ATOM   176 C  CG  . GLU A 1 23  ? 2.902   -14.395 0.793   1.00 64.97 ? 32  GLU A CG  1 
ATOM   177 C  CD  . GLU A 1 23  ? 1.377   -14.545 0.913   1.00 73.54 ? 32  GLU A CD  1 
ATOM   178 O  OE1 . GLU A 1 23  ? 0.810   -14.144 1.957   1.00 67.26 ? 32  GLU A OE1 1 
ATOM   179 O  OE2 . GLU A 1 23  ? 0.751   -15.068 -0.039  1.00 75.46 ? 32  GLU A OE2 1 
ATOM   180 N  N   . LEU A 1 24  ? 6.011   -13.155 0.153   1.00 44.12 ? 33  LEU A N   1 
ATOM   181 C  CA  . LEU A 1 24  ? 6.376   -11.987 -0.638  1.00 42.52 ? 33  LEU A CA  1 
ATOM   182 C  C   . LEU A 1 24  ? 5.120   -11.240 -1.077  1.00 43.08 ? 33  LEU A C   1 
ATOM   183 O  O   . LEU A 1 24  ? 4.056   -11.830 -1.254  1.00 45.66 ? 33  LEU A O   1 
ATOM   184 C  CB  . LEU A 1 24  ? 7.190   -12.397 -1.863  1.00 40.36 ? 33  LEU A CB  1 
ATOM   185 C  CG  . LEU A 1 24  ? 8.708   -12.228 -1.857  1.00 42.17 ? 33  LEU A CG  1 
ATOM   186 C  CD1 . LEU A 1 24  ? 9.294   -12.491 -0.493  1.00 46.77 ? 33  LEU A CD1 1 
ATOM   187 C  CD2 . LEU A 1 24  ? 9.331   -13.152 -2.881  1.00 39.85 ? 33  LEU A CD2 1 
ATOM   188 N  N   . VAL A 1 25  ? 5.246   -9.924  -1.216  1.00 42.35 ? 34  VAL A N   1 
ATOM   189 C  CA  . VAL A 1 25  ? 4.256   -9.088  -1.884  1.00 44.44 ? 34  VAL A CA  1 
ATOM   190 C  C   . VAL A 1 25  ? 4.885   -8.595  -3.179  1.00 45.69 ? 34  VAL A C   1 
ATOM   191 O  O   . VAL A 1 25  ? 6.013   -8.089  -3.161  1.00 48.62 ? 34  VAL A O   1 
ATOM   192 C  CB  . VAL A 1 25  ? 3.826   -7.893  -1.015  1.00 47.41 ? 34  VAL A CB  1 
ATOM   193 C  CG1 . VAL A 1 25  ? 3.035   -6.920  -1.853  1.00 44.37 ? 34  VAL A CG1 1 
ATOM   194 C  CG2 . VAL A 1 25  ? 3.005   -8.350  0.176   1.00 48.63 ? 34  VAL A CG2 1 
ATOM   195 N  N   . SER A 1 26  ? 4.170   -8.726  -4.293  1.00 39.94 ? 35  SER A N   1 
ATOM   196 C  CA  . SER A 1 26  ? 4.703   -8.348  -5.597  1.00 44.60 ? 35  SER A CA  1 
ATOM   197 C  C   . SER A 1 26  ? 3.911   -7.202  -6.214  1.00 47.67 ? 35  SER A C   1 
ATOM   198 O  O   . SER A 1 26  ? 2.676   -7.177  -6.150  1.00 45.59 ? 35  SER A O   1 
ATOM   199 C  CB  . SER A 1 26  ? 4.687   -9.527  -6.556  1.00 45.77 ? 35  SER A CB  1 
ATOM   200 O  OG  . SER A 1 26  ? 5.488   -10.576 -6.061  1.00 54.50 ? 35  SER A OG  1 
ATOM   201 N  N   . CYS A 1 27  ? 4.623   -6.270  -6.841  1.00 44.69 ? 36  CYS A N   1 
ATOM   202 C  CA  . CYS A 1 27  ? 3.944   -5.266  -7.638  1.00 42.80 ? 36  CYS A CA  1 
ATOM   203 C  C   . CYS A 1 27  ? 3.181   -5.946  -8.768  1.00 45.64 ? 36  CYS A C   1 
ATOM   204 O  O   . CYS A 1 27  ? 3.753   -6.709  -9.553  1.00 44.93 ? 36  CYS A O   1 
ATOM   205 C  CB  . CYS A 1 27  ? 4.938   -4.261  -8.195  1.00 41.75 ? 36  CYS A CB  1 
ATOM   206 S  SG  . CYS A 1 27  ? 4.111   -2.944  -9.084  1.00 39.91 ? 36  CYS A SG  1 
ATOM   207 N  N   . SER A 1 28  ? 1.879   -5.675  -8.839  1.00 47.06 ? 37  SER A N   1 
ATOM   208 C  CA  . SER A 1 28  ? 1.035   -6.261  -9.867  1.00 44.16 ? 37  SER A CA  1 
ATOM   209 C  C   . SER A 1 28  ? 1.396   -5.778  -11.261 1.00 42.09 ? 37  SER A C   1 
ATOM   210 O  O   . SER A 1 28  ? 0.861   -6.303  -12.238 1.00 45.84 ? 37  SER A O   1 
ATOM   211 C  CB  . SER A 1 28  ? -0.426  -5.937  -9.574  1.00 45.49 ? 37  SER A CB  1 
ATOM   212 O  OG  . SER A 1 28  ? -0.649  -4.537  -9.689  1.00 45.11 ? 37  SER A OG  1 
ATOM   213 N  N   . ASP A 1 29  ? 2.294   -4.806  -11.372 1.00 46.53 ? 38  ASP A N   1 
ATOM   214 C  CA  . ASP A 1 29  ? 2.619   -4.153  -12.632 1.00 47.50 ? 38  ASP A CA  1 
ATOM   215 C  C   . ASP A 1 29  ? 4.011   -4.525  -13.126 1.00 46.20 ? 38  ASP A C   1 
ATOM   216 O  O   . ASP A 1 29  ? 4.153   -5.152  -14.177 1.00 50.27 ? 38  ASP A O   1 
ATOM   217 C  CB  . ASP A 1 29  ? 2.487   -2.637  -12.434 1.00 49.66 ? 38  ASP A CB  1 
ATOM   218 C  CG  . ASP A 1 29  ? 2.568   -1.862  -13.725 1.00 57.81 ? 38  ASP A CG  1 
ATOM   219 O  OD1 . ASP A 1 29  ? 3.487   -2.136  -14.535 1.00 59.95 ? 38  ASP A OD1 1 
ATOM   220 O  OD2 . ASP A 1 29  ? 1.709   -0.969  -13.915 1.00 60.96 ? 38  ASP A OD2 1 
ATOM   221 N  N   . CYS A 1 30  ? 5.052   -4.155  -12.385 1.00 48.90 ? 39  CYS A N   1 
ATOM   222 C  CA  . CYS A 1 30  ? 6.434   -4.377  -12.785 1.00 42.39 ? 39  CYS A CA  1 
ATOM   223 C  C   . CYS A 1 30  ? 7.078   -5.573  -12.094 1.00 44.01 ? 39  CYS A C   1 
ATOM   224 O  O   . CYS A 1 30  ? 8.237   -5.884  -12.382 1.00 44.40 ? 39  CYS A O   1 
ATOM   225 C  CB  . CYS A 1 30  ? 7.255   -3.131  -12.496 1.00 39.45 ? 39  CYS A CB  1 
ATOM   226 S  SG  . CYS A 1 30  ? 7.503   -2.946  -10.736 1.00 48.40 ? 39  CYS A SG  1 
ATOM   227 N  N   . GLY A 1 31  ? 6.377   -6.225  -11.169 1.00 46.31 ? 40  GLY A N   1 
ATOM   228 C  CA  . GLY A 1 31  ? 6.821   -7.487  -10.615 1.00 44.32 ? 40  GLY A CA  1 
ATOM   229 C  C   . GLY A 1 31  ? 7.764   -7.408  -9.431  1.00 48.71 ? 40  GLY A C   1 
ATOM   230 O  O   . GLY A 1 31  ? 8.076   -8.455  -8.849  1.00 49.45 ? 40  GLY A O   1 
ATOM   231 N  N   . ARG A 1 32  ? 8.239   -6.220  -9.054  1.00 48.38 ? 41  ARG A N   1 
ATOM   232 C  CA  . ARG A 1 32  ? 9.199   -6.137  -7.961  1.00 42.99 ? 41  ARG A CA  1 
ATOM   233 C  C   . ARG A 1 32  ? 8.542   -6.598  -6.669  1.00 43.23 ? 41  ARG A C   1 
ATOM   234 O  O   . ARG A 1 32  ? 7.342   -6.404  -6.459  1.00 46.01 ? 41  ARG A O   1 
ATOM   235 C  CB  . ARG A 1 32  ? 9.750   -4.716  -7.834  1.00 44.38 ? 41  ARG A CB  1 
ATOM   236 C  CG  . ARG A 1 32  ? 9.021   -3.796  -6.874  1.00 47.63 ? 41  ARG A CG  1 
ATOM   237 C  CD  . ARG A 1 32  ? 9.975   -2.714  -6.311  1.00 53.22 ? 41  ARG A CD  1 
ATOM   238 N  NE  . ARG A 1 32  ? 10.360  -1.733  -7.329  1.00 56.96 ? 41  ARG A NE  1 
ATOM   239 C  CZ  . ARG A 1 32  ? 11.594  -1.541  -7.795  1.00 53.91 ? 41  ARG A CZ  1 
ATOM   240 N  NH1 . ARG A 1 32  ? 12.622  -2.243  -7.333  1.00 52.93 ? 41  ARG A NH1 1 
ATOM   241 N  NH2 . ARG A 1 32  ? 11.801  -0.619  -8.724  1.00 52.47 ? 41  ARG A NH2 1 
ATOM   242 N  N   . SER A 1 33  ? 9.319   -7.259  -5.815  1.00 45.05 ? 42  SER A N   1 
ATOM   243 C  CA  . SER A 1 33  ? 8.759   -7.926  -4.649  1.00 41.61 ? 42  SER A CA  1 
ATOM   244 C  C   . SER A 1 33  ? 9.443   -7.454  -3.376  1.00 42.26 ? 42  SER A C   1 
ATOM   245 O  O   . SER A 1 33  ? 10.607  -7.047  -3.381  1.00 43.96 ? 42  SER A O   1 
ATOM   246 C  CB  . SER A 1 33  ? 8.873   -9.445  -4.760  1.00 38.99 ? 42  SER A CB  1 
ATOM   247 O  OG  . SER A 1 33  ? 8.155   -9.908  -5.887  1.00 42.06 ? 42  SER A OG  1 
ATOM   248 N  N   . GLY A 1 34  ? 8.691   -7.507  -2.280  1.00 39.13 ? 43  GLY A N   1 
ATOM   249 C  CA  . GLY A 1 34  ? 9.240   -7.227  -0.971  1.00 38.18 ? 43  GLY A CA  1 
ATOM   250 C  C   . GLY A 1 34  ? 8.489   -8.043  0.056   1.00 40.16 ? 43  GLY A C   1 
ATOM   251 O  O   . GLY A 1 34  ? 7.359   -8.481  -0.177  1.00 42.85 ? 43  GLY A O   1 
ATOM   252 N  N   . HIS A 1 35  ? 9.139   -8.277  1.184   1.00 38.10 ? 44  HIS A N   1 
ATOM   253 C  CA  . HIS A 1 35  ? 8.405   -8.742  2.345   1.00 39.94 ? 44  HIS A CA  1 
ATOM   254 C  C   . HIS A 1 35  ? 7.580   -7.588  2.916   1.00 43.21 ? 44  HIS A C   1 
ATOM   255 O  O   . HIS A 1 35  ? 8.040   -6.436  2.944   1.00 38.60 ? 44  HIS A O   1 
ATOM   256 C  CB  . HIS A 1 35  ? 9.347   -9.287  3.421   1.00 40.27 ? 44  HIS A CB  1 
ATOM   257 C  CG  . HIS A 1 35  ? 10.075  -10.533 3.018   1.00 42.98 ? 44  HIS A CG  1 
ATOM   258 N  ND1 . HIS A 1 35  ? 11.416  -10.541 2.699   1.00 43.04 ? 44  HIS A ND1 1 
ATOM   259 C  CD2 . HIS A 1 35  ? 9.649   -11.811 2.880   1.00 43.93 ? 44  HIS A CD2 1 
ATOM   260 C  CE1 . HIS A 1 35  ? 11.785  -11.772 2.387   1.00 43.95 ? 44  HIS A CE1 1 
ATOM   261 N  NE2 . HIS A 1 35  ? 10.729  -12.560 2.485   1.00 42.95 ? 44  HIS A NE2 1 
ATOM   262 N  N   . PRO A 1 36  ? 6.360   -7.851  3.344   1.00 42.60 ? 45  PRO A N   1 
ATOM   263 C  CA  . PRO A 1 36  ? 5.585   -6.828  4.046   1.00 41.86 ? 45  PRO A CA  1 
ATOM   264 C  C   . PRO A 1 36  ? 6.380   -6.138  5.148   1.00 41.84 ? 45  PRO A C   1 
ATOM   265 O  O   . PRO A 1 36  ? 6.372   -4.907  5.242   1.00 43.18 ? 45  PRO A O   1 
ATOM   266 C  CB  . PRO A 1 36  ? 4.407   -7.636  4.593   1.00 43.22 ? 45  PRO A CB  1 
ATOM   267 C  CG  . PRO A 1 36  ? 4.188   -8.655  3.520   1.00 40.90 ? 45  PRO A CG  1 
ATOM   268 C  CD  . PRO A 1 36  ? 5.539   -9.025  3.010   1.00 41.49 ? 45  PRO A CD  1 
ATOM   269 N  N   . SER A 1 37  ? 7.101   -6.908  5.963   1.00 40.56 ? 46  SER A N   1 
ATOM   270 C  CA  . SER A 1 37  ? 7.889   -6.303  7.035   1.00 41.37 ? 46  SER A CA  1 
ATOM   271 C  C   . SER A 1 37  ? 9.113   -5.566  6.505   1.00 43.07 ? 46  SER A C   1 
ATOM   272 O  O   . SER A 1 37  ? 9.520   -4.555  7.091   1.00 43.82 ? 46  SER A O   1 
ATOM   273 C  CB  . SER A 1 37  ? 8.316   -7.368  8.040   1.00 37.11 ? 46  SER A CB  1 
ATOM   274 O  OG  . SER A 1 37  ? 9.115   -8.346  7.408   1.00 42.23 ? 46  SER A OG  1 
ATOM   275 N  N   . CYS A 1 38  ? 9.708   -6.048  5.410   1.00 39.16 ? 47  CYS A N   1 
ATOM   276 C  CA  . CYS A 1 38  ? 10.780  -5.295  4.772   1.00 40.76 ? 47  CYS A CA  1 
ATOM   277 C  C   . CYS A 1 38  ? 10.254  -4.017  4.147   1.00 41.28 ? 47  CYS A C   1 
ATOM   278 O  O   . CYS A 1 38  ? 10.978  -3.018  4.076   1.00 43.33 ? 47  CYS A O   1 
ATOM   279 C  CB  . CYS A 1 38  ? 11.481  -6.146  3.714   1.00 39.85 ? 47  CYS A CB  1 
ATOM   280 S  SG  . CYS A 1 38  ? 12.550  -7.432  4.396   1.00 36.93 ? 47  CYS A SG  1 
ATOM   281 N  N   . LEU A 1 39  ? 9.005   -4.027  3.693   1.00 42.49 ? 48  LEU A N   1 
ATOM   282 C  CA  . LEU A 1 39  ? 8.359   -2.822  3.196   1.00 39.41 ? 48  LEU A CA  1 
ATOM   283 C  C   . LEU A 1 39  ? 7.945   -1.888  4.322   1.00 44.79 ? 48  LEU A C   1 
ATOM   284 O  O   . LEU A 1 39  ? 7.385   -0.825  4.044   1.00 48.08 ? 48  LEU A O   1 
ATOM   285 C  CB  . LEU A 1 39  ? 7.138   -3.192  2.346   1.00 42.08 ? 48  LEU A CB  1 
ATOM   286 C  CG  . LEU A 1 39  ? 7.384   -3.808  0.955   1.00 39.27 ? 48  LEU A CG  1 
ATOM   287 C  CD1 . LEU A 1 39  ? 6.190   -4.644  0.467   1.00 38.80 ? 48  LEU A CD1 1 
ATOM   288 C  CD2 . LEU A 1 39  ? 7.657   -2.722  -0.035  1.00 32.28 ? 48  LEU A CD2 1 
ATOM   289 N  N   . GLN A 1 40  ? 8.196   -2.266  5.580   1.00 46.11 ? 49  GLN A N   1 
ATOM   290 C  CA  . GLN A 1 40  ? 7.856   -1.447  6.749   1.00 46.22 ? 49  GLN A CA  1 
ATOM   291 C  C   . GLN A 1 40  ? 6.361   -1.130  6.797   1.00 45.82 ? 49  GLN A C   1 
ATOM   292 O  O   . GLN A 1 40  ? 5.955   -0.023  7.138   1.00 53.84 ? 49  GLN A O   1 
ATOM   293 C  CB  . GLN A 1 40  ? 8.690   -0.167  6.791   1.00 46.50 ? 49  GLN A CB  1 
ATOM   294 C  CG  . GLN A 1 40  ? 10.058  -0.362  7.444   1.00 47.48 ? 49  GLN A CG  1 
ATOM   295 C  CD  . GLN A 1 40  ? 11.098  0.622   6.936   1.00 54.73 ? 49  GLN A CD  1 
ATOM   296 O  OE1 . GLN A 1 40  ? 11.192  0.882   5.732   1.00 57.84 ? 49  GLN A OE1 1 
ATOM   297 N  NE2 . GLN A 1 40  ? 11.887  1.177   7.852   1.00 57.07 ? 49  GLN A NE2 1 
ATOM   298 N  N   . PHE A 1 41  ? 5.540   -2.113  6.464   1.00 40.26 ? 50  PHE A N   1 
ATOM   299 C  CA  . PHE A 1 41  ? 4.103   -1.994  6.600   1.00 45.44 ? 50  PHE A CA  1 
ATOM   300 C  C   . PHE A 1 41  ? 3.690   -2.345  8.019   1.00 55.64 ? 50  PHE A C   1 
ATOM   301 O  O   . PHE A 1 41  ? 4.142   -3.356  8.562   1.00 59.19 ? 50  PHE A O   1 
ATOM   302 C  CB  . PHE A 1 41  ? 3.395   -2.940  5.637   1.00 48.88 ? 50  PHE A CB  1 
ATOM   303 C  CG  . PHE A 1 41  ? 3.477   -2.533  4.209   1.00 47.27 ? 50  PHE A CG  1 
ATOM   304 C  CD1 . PHE A 1 41  ? 3.897   -1.259  3.858   1.00 47.10 ? 50  PHE A CD1 1 
ATOM   305 C  CD2 . PHE A 1 41  ? 3.130   -3.429  3.205   1.00 44.72 ? 50  PHE A CD2 1 
ATOM   306 C  CE1 . PHE A 1 41  ? 3.967   -0.880  2.525   1.00 44.79 ? 50  PHE A CE1 1 
ATOM   307 C  CE2 . PHE A 1 41  ? 3.199   -3.059  1.873   1.00 41.62 ? 50  PHE A CE2 1 
ATOM   308 C  CZ  . PHE A 1 41  ? 3.612   -1.785  1.531   1.00 41.50 ? 50  PHE A CZ  1 
ATOM   309 N  N   . THR A 1 42  ? 2.802   -1.528  8.605   1.00 59.64 ? 51  THR A N   1 
ATOM   310 C  CA  . THR A 1 42  ? 2.019   -1.913  9.780   1.00 51.83 ? 51  THR A CA  1 
ATOM   311 C  C   . THR A 1 42  ? 1.457   -3.314  9.561   1.00 54.64 ? 51  THR A C   1 
ATOM   312 O  O   . THR A 1 42  ? 1.193   -3.696  8.414   1.00 59.02 ? 51  THR A O   1 
ATOM   313 C  CB  . THR A 1 42  ? 0.875   -0.924  10.004  1.00 55.83 ? 51  THR A CB  1 
ATOM   314 O  OG1 . THR A 1 42  ? 0.270   -0.619  8.738   1.00 55.30 ? 51  THR A OG1 1 
ATOM   315 C  CG2 . THR A 1 42  ? 1.384   0.361   10.654  1.00 48.98 ? 51  THR A CG2 1 
ATOM   316 N  N   . PRO A 1 43  ? 1.249   -4.115  10.605  1.00 54.43 ? 52  PRO A N   1 
ATOM   317 C  CA  . PRO A 1 43  ? 0.659   -5.446  10.383  1.00 54.46 ? 52  PRO A CA  1 
ATOM   318 C  C   . PRO A 1 43  ? -0.786  -5.389  9.915   1.00 57.61 ? 52  PRO A C   1 
ATOM   319 O  O   . PRO A 1 43  ? -1.311  -6.412  9.452   1.00 60.10 ? 52  PRO A O   1 
ATOM   320 C  CB  . PRO A 1 43  ? 0.775   -6.113  11.749  1.00 55.32 ? 52  PRO A CB  1 
ATOM   321 C  CG  . PRO A 1 43  ? 0.684   -4.960  12.695  1.00 61.49 ? 52  PRO A CG  1 
ATOM   322 C  CD  . PRO A 1 43  ? 1.415   -3.819  12.034  1.00 57.29 ? 52  PRO A CD  1 
ATOM   323 N  N   . VAL A 1 44  ? -1.450  -4.238  10.035  1.00 56.60 ? 53  VAL A N   1 
ATOM   324 C  CA  . VAL A 1 44  ? -2.709  -4.030  9.327   1.00 57.33 ? 53  VAL A CA  1 
ATOM   325 C  C   . VAL A 1 44  ? -2.449  -3.832  7.834   1.00 53.08 ? 53  VAL A C   1 
ATOM   326 O  O   . VAL A 1 44  ? -3.090  -4.466  6.984   1.00 50.32 ? 53  VAL A O   1 
ATOM   327 C  CB  . VAL A 1 44  ? -3.475  -2.835  9.931   1.00 58.62 ? 53  VAL A CB  1 
ATOM   328 C  CG1 . VAL A 1 44  ? -4.475  -2.281  8.935   1.00 49.58 ? 53  VAL A CG1 1 
ATOM   329 C  CG2 . VAL A 1 44  ? -4.180  -3.243  11.218  1.00 51.77 ? 53  VAL A CG2 1 
ATOM   330 N  N   . MET A 1 45  ? -1.509  -2.944  7.486   1.00 48.35 ? 54  MET A N   1 
ATOM   331 C  CA  . MET A 1 45  ? -1.184  -2.766  6.075   1.00 48.64 ? 54  MET A CA  1 
ATOM   332 C  C   . MET A 1 45  ? -0.617  -4.048  5.489   1.00 55.34 ? 54  MET A C   1 
ATOM   333 O  O   . MET A 1 45  ? -1.015  -4.466  4.393   1.00 56.89 ? 54  MET A O   1 
ATOM   334 C  CB  . MET A 1 45  ? -0.204  -1.607  5.863   1.00 48.25 ? 54  MET A CB  1 
ATOM   335 C  CG  . MET A 1 45  ? 0.069   -1.375  4.362   1.00 48.53 ? 54  MET A CG  1 
ATOM   336 S  SD  . MET A 1 45  ? 0.842   0.167   3.797   1.00 48.28 ? 54  MET A SD  1 
ATOM   337 C  CE  . MET A 1 45  ? -0.225  1.390   4.513   1.00 43.53 ? 54  MET A CE  1 
ATOM   338 N  N   . MET A 1 46  ? 0.321   -4.688  6.216   1.00 60.33 ? 55  MET A N   1 
ATOM   339 C  CA  . MET A 1 46  ? 0.908   -5.963  5.793   1.00 55.81 ? 55  MET A CA  1 
ATOM   340 C  C   . MET A 1 46  ? -0.163  -6.952  5.364   1.00 54.31 ? 55  MET A C   1 
ATOM   341 O  O   . MET A 1 46  ? 0.067   -7.773  4.467   1.00 54.40 ? 55  MET A O   1 
ATOM   342 C  CB  . MET A 1 46  ? 1.746   -6.572  6.931   1.00 57.57 ? 55  MET A CB  1 
ATOM   343 C  CG  . MET A 1 46  ? 3.090   -5.894  7.243   1.00 53.23 ? 55  MET A CG  1 
ATOM   344 S  SD  . MET A 1 46  ? 3.988   -6.544  8.697   1.00 60.37 ? 55  MET A SD  1 
ATOM   345 C  CE  . MET A 1 46  ? 3.963   -8.307  8.387   1.00 49.53 ? 55  MET A CE  1 
ATOM   346 N  N   . ALA A 1 47  ? -1.336  -6.884  6.002   1.00 51.68 ? 56  ALA A N   1 
ATOM   347 C  CA  . ALA A 1 47  ? -2.508  -7.649  5.611   1.00 48.30 ? 56  ALA A CA  1 
ATOM   348 C  C   . ALA A 1 47  ? -3.131  -7.085  4.348   1.00 51.43 ? 56  ALA A C   1 
ATOM   349 O  O   . ALA A 1 47  ? -3.133  -7.751  3.309   1.00 49.93 ? 56  ALA A O   1 
ATOM   350 C  CB  . ALA A 1 47  ? -3.548  -7.648  6.728   1.00 44.40 ? 56  ALA A CB  1 
ATOM   351 N  N   . ALA A 1 48  ? -3.645  -5.847  4.438   1.00 56.71 ? 57  ALA A N   1 
ATOM   352 C  CA  . ALA A 1 48  ? -4.534  -5.306  3.408   1.00 51.70 ? 57  ALA A CA  1 
ATOM   353 C  C   . ALA A 1 48  ? -3.907  -5.356  2.023   1.00 51.02 ? 57  ALA A C   1 
ATOM   354 O  O   . ALA A 1 48  ? -4.605  -5.580  1.029   1.00 49.91 ? 57  ALA A O   1 
ATOM   355 C  CB  . ALA A 1 48  ? -4.926  -3.875  3.769   1.00 47.08 ? 57  ALA A CB  1 
ATOM   356 N  N   . VAL A 1 49  ? -2.589  -5.172  1.948   1.00 53.47 ? 58  VAL A N   1 
ATOM   357 C  CA  . VAL A 1 49  ? -1.839  -5.290  0.706   1.00 50.63 ? 58  VAL A CA  1 
ATOM   358 C  C   . VAL A 1 49  ? -2.059  -6.636  0.013   1.00 56.29 ? 58  VAL A C   1 
ATOM   359 O  O   . VAL A 1 49  ? -1.817  -6.765  -1.196  1.00 52.68 ? 58  VAL A O   1 
ATOM   360 C  CB  . VAL A 1 49  ? -0.356  -5.027  1.042   1.00 45.34 ? 58  VAL A CB  1 
ATOM   361 C  CG1 . VAL A 1 49  ? 0.549   -5.571  0.002   1.00 47.94 ? 58  VAL A CG1 1 
ATOM   362 C  CG2 . VAL A 1 49  ? -0.134  -3.542  1.189   1.00 46.90 ? 58  VAL A CG2 1 
ATOM   363 N  N   . LYS A 1 50  ? -2.539  -7.644  0.739   1.00 57.87 ? 59  LYS A N   1 
ATOM   364 C  CA  . LYS A 1 50  ? -2.762  -8.956  0.153   1.00 56.42 ? 59  LYS A CA  1 
ATOM   365 C  C   . LYS A 1 50  ? -4.199  -9.161  -0.306  1.00 56.07 ? 59  LYS A C   1 
ATOM   366 O  O   . LYS A 1 50  ? -4.498  -10.202 -0.903  1.00 56.60 ? 59  LYS A O   1 
ATOM   367 C  CB  . LYS A 1 50  ? -2.370  -10.058 1.144   1.00 61.96 ? 59  LYS A CB  1 
ATOM   368 C  CG  . LYS A 1 50  ? -0.884  -10.095 1.464   1.00 62.32 ? 59  LYS A CG  1 
ATOM   369 C  CD  . LYS A 1 50  ? -0.548  -11.304 2.314   1.00 68.71 ? 59  LYS A CD  1 
ATOM   370 C  CE  . LYS A 1 50  ? 0.849   -11.185 2.886   1.00 70.20 ? 59  LYS A CE  1 
ATOM   371 N  NZ  . LYS A 1 50  ? 1.015   -12.135 4.018   1.00 72.77 ? 59  LYS A NZ  1 
ATOM   372 N  N   . THR A 1 51  ? -5.089  -8.200  -0.056  1.00 48.16 ? 60  THR A N   1 
ATOM   373 C  CA  . THR A 1 51  ? -6.467  -8.306  -0.516  1.00 48.45 ? 60  THR A CA  1 
ATOM   374 C  C   . THR A 1 51  ? -6.687  -7.697  -1.903  1.00 49.19 ? 60  THR A C   1 
ATOM   375 O  O   . THR A 1 51  ? -7.803  -7.779  -2.432  1.00 49.99 ? 60  THR A O   1 
ATOM   376 C  CB  . THR A 1 51  ? -7.421  -7.662  0.505   1.00 49.66 ? 60  THR A CB  1 
ATOM   377 O  OG1 . THR A 1 51  ? -7.518  -6.242  0.290   1.00 47.72 ? 60  THR A OG1 1 
ATOM   378 C  CG2 . THR A 1 51  ? -6.927  -7.929  1.913   1.00 50.15 ? 60  THR A CG2 1 
ATOM   379 N  N   . TYR A 1 52  ? -5.664  -7.099  -2.515  1.00 43.65 ? 61  TYR A N   1 
ATOM   380 C  CA  . TYR A 1 52  ? -5.833  -6.507  -3.832  1.00 40.10 ? 61  TYR A CA  1 
ATOM   381 C  C   . TYR A 1 52  ? -4.498  -6.511  -4.561  1.00 35.91 ? 61  TYR A C   1 
ATOM   382 O  O   . TYR A 1 52  ? -3.456  -6.845  -3.999  1.00 42.29 ? 61  TYR A O   1 
ATOM   383 C  CB  . TYR A 1 52  ? -6.419  -5.088  -3.740  1.00 40.04 ? 61  TYR A CB  1 
ATOM   384 C  CG  . TYR A 1 52  ? -5.428  -4.006  -3.379  1.00 37.96 ? 61  TYR A CG  1 
ATOM   385 C  CD1 . TYR A 1 52  ? -4.918  -3.151  -4.351  1.00 37.06 ? 61  TYR A CD1 1 
ATOM   386 C  CD2 . TYR A 1 52  ? -5.001  -3.834  -2.065  1.00 38.70 ? 61  TYR A CD2 1 
ATOM   387 C  CE1 . TYR A 1 52  ? -4.009  -2.149  -4.027  1.00 36.22 ? 61  TYR A CE1 1 
ATOM   388 C  CE2 . TYR A 1 52  ? -4.094  -2.835  -1.726  1.00 37.39 ? 61  TYR A CE2 1 
ATOM   389 C  CZ  . TYR A 1 52  ? -3.601  -1.998  -2.709  1.00 37.69 ? 61  TYR A CZ  1 
ATOM   390 O  OH  . TYR A 1 52  ? -2.699  -1.007  -2.377  1.00 37.92 ? 61  TYR A OH  1 
ATOM   391 N  N   . ARG A 1 53  ? -4.541  -6.150  -5.837  1.00 36.77 ? 62  ARG A N   1 
ATOM   392 C  CA  . ARG A 1 53  ? -3.346  -6.165  -6.673  1.00 39.95 ? 62  ARG A CA  1 
ATOM   393 C  C   . ARG A 1 53  ? -2.523  -4.912  -6.374  1.00 39.88 ? 62  ARG A C   1 
ATOM   394 O  O   . ARG A 1 53  ? -2.582  -3.892  -7.066  1.00 38.55 ? 62  ARG A O   1 
ATOM   395 C  CB  . ARG A 1 53  ? -3.736  -6.281  -8.136  1.00 43.03 ? 62  ARG A CB  1 
ATOM   396 C  CG  . ARG A 1 53  ? -4.581  -7.519  -8.403  1.00 45.06 ? 62  ARG A CG  1 
ATOM   397 C  CD  . ARG A 1 53  ? -4.051  -8.284  -9.611  1.00 50.91 ? 62  ARG A CD  1 
ATOM   398 N  NE  . ARG A 1 53  ? -2.805  -8.998  -9.325  1.00 60.01 ? 62  ARG A NE  1 
ATOM   399 C  CZ  . ARG A 1 53  ? -1.844  -9.202  -10.223 1.00 61.76 ? 62  ARG A CZ  1 
ATOM   400 N  NH1 . ARG A 1 53  ? -0.738  -9.866  -9.887  1.00 59.85 ? 62  ARG A NH1 1 
ATOM   401 N  NH2 . ARG A 1 53  ? -1.988  -8.726  -11.457 1.00 57.16 ? 62  ARG A NH2 1 
ATOM   402 N  N   . TRP A 1 54  ? -1.733  -5.017  -5.306  1.00 38.46 ? 63  TRP A N   1 
ATOM   403 C  CA  . TRP A 1 54  ? -0.882  -3.933  -4.847  1.00 36.70 ? 63  TRP A CA  1 
ATOM   404 C  C   . TRP A 1 54  ? 0.044   -3.460  -5.959  1.00 38.71 ? 63  TRP A C   1 
ATOM   405 O  O   . TRP A 1 54  ? 0.504   -4.245  -6.794  1.00 39.44 ? 63  TRP A O   1 
ATOM   406 C  CB  . TRP A 1 54  ? -0.068  -4.412  -3.647  1.00 37.73 ? 63  TRP A CB  1 
ATOM   407 C  CG  . TRP A 1 54  ? 0.938   -3.443  -3.136  1.00 35.06 ? 63  TRP A CG  1 
ATOM   408 C  CD1 . TRP A 1 54  ? 0.711   -2.399  -2.295  1.00 34.11 ? 63  TRP A CD1 1 
ATOM   409 C  CD2 . TRP A 1 54  ? 2.342   -3.448  -3.404  1.00 36.20 ? 63  TRP A CD2 1 
ATOM   410 N  NE1 . TRP A 1 54  ? 1.883   -1.742  -2.030  1.00 33.58 ? 63  TRP A NE1 1 
ATOM   411 C  CE2 . TRP A 1 54  ? 2.903   -2.367  -2.699  1.00 35.60 ? 63  TRP A CE2 1 
ATOM   412 C  CE3 . TRP A 1 54  ? 3.178   -4.254  -4.184  1.00 37.76 ? 63  TRP A CE3 1 
ATOM   413 C  CZ2 . TRP A 1 54  ? 4.266   -2.070  -2.746  1.00 32.60 ? 63  TRP A CZ2 1 
ATOM   414 C  CZ3 . TRP A 1 54  ? 4.528   -3.954  -4.232  1.00 37.83 ? 63  TRP A CZ3 1 
ATOM   415 C  CH2 . TRP A 1 54  ? 5.058   -2.868  -3.516  1.00 32.44 ? 63  TRP A CH2 1 
ATOM   416 N  N   . GLN A 1 55  ? 0.316   -2.156  -5.966  1.00 38.22 ? 64  GLN A N   1 
ATOM   417 C  CA  . GLN A 1 55  ? 1.247   -1.541  -6.903  1.00 39.25 ? 64  GLN A CA  1 
ATOM   418 C  C   . GLN A 1 55  ? 2.347   -0.842  -6.123  1.00 39.07 ? 64  GLN A C   1 
ATOM   419 O  O   . GLN A 1 55  ? 2.069   -0.143  -5.144  1.00 40.08 ? 64  GLN A O   1 
ATOM   420 C  CB  . GLN A 1 55  ? 0.549   -0.528  -7.815  1.00 37.65 ? 64  GLN A CB  1 
ATOM   421 C  CG  . GLN A 1 55  ? -0.371  -1.144  -8.841  1.00 37.86 ? 64  GLN A CG  1 
ATOM   422 C  CD  . GLN A 1 55  ? -1.260  -0.117  -9.521  1.00 45.05 ? 64  GLN A CD  1 
ATOM   423 O  OE1 . GLN A 1 55  ? -1.769  0.811   -8.878  1.00 45.17 ? 64  GLN A OE1 1 
ATOM   424 N  NE2 . GLN A 1 55  ? -1.451  -0.275  -10.824 1.00 42.64 ? 64  GLN A NE2 1 
ATOM   425 N  N   . CYS A 1 56  ? 3.592   -1.030  -6.561  1.00 36.24 ? 65  CYS A N   1 
ATOM   426 C  CA  . CYS A 1 56  ? 4.712   -0.335  -5.951  1.00 37.61 ? 65  CYS A CA  1 
ATOM   427 C  C   . CYS A 1 56  ? 4.620   1.161   -6.247  1.00 39.15 ? 65  CYS A C   1 
ATOM   428 O  O   . CYS A 1 56  ? 3.801   1.612   -7.052  1.00 41.88 ? 65  CYS A O   1 
ATOM   429 C  CB  . CYS A 1 56  ? 6.033   -0.903  -6.459  1.00 40.62 ? 65  CYS A CB  1 
ATOM   430 S  SG  . CYS A 1 56  ? 6.653   -0.111  -7.952  1.00 42.25 ? 65  CYS A SG  1 
ATOM   431 N  N   . ILE A 1 57  ? 5.471   1.945   -5.579  1.00 40.18 ? 66  ILE A N   1 
ATOM   432 C  CA  . ILE A 1 57  ? 5.333   3.397   -5.682  1.00 45.26 ? 66  ILE A CA  1 
ATOM   433 C  C   . ILE A 1 57  ? 5.522   3.859   -7.119  1.00 46.56 ? 66  ILE A C   1 
ATOM   434 O  O   . ILE A 1 57  ? 4.893   4.828   -7.559  1.00 49.59 ? 66  ILE A O   1 
ATOM   435 C  CB  . ILE A 1 57  ? 6.305   4.116   -4.721  1.00 46.70 ? 66  ILE A CB  1 
ATOM   436 C  CG1 . ILE A 1 57  ? 5.989   5.615   -4.693  1.00 45.62 ? 66  ILE A CG1 1 
ATOM   437 C  CG2 . ILE A 1 57  ? 7.750   3.869   -5.119  1.00 42.17 ? 66  ILE A CG2 1 
ATOM   438 C  CD1 . ILE A 1 57  ? 6.429   6.310   -3.435  1.00 49.98 ? 66  ILE A CD1 1 
ATOM   439 N  N   . GLU A 1 58  ? 6.357   3.159   -7.886  1.00 46.74 ? 67  GLU A N   1 
ATOM   440 C  CA  . GLU A 1 58  ? 6.633   3.576   -9.255  1.00 46.18 ? 67  GLU A CA  1 
ATOM   441 C  C   . GLU A 1 58  ? 5.429   3.358   -10.157 1.00 47.64 ? 67  GLU A C   1 
ATOM   442 O  O   . GLU A 1 58  ? 5.204   4.146   -11.083 1.00 50.78 ? 67  GLU A O   1 
ATOM   443 C  CB  . GLU A 1 58  ? 7.845   2.814   -9.791  1.00 47.51 ? 67  GLU A CB  1 
ATOM   444 C  CG  . GLU A 1 58  ? 8.293   3.253   -11.155 1.00 51.30 ? 67  GLU A CG  1 
ATOM   445 C  CD  . GLU A 1 58  ? 8.712   4.702   -11.180 1.00 57.57 ? 67  GLU A CD  1 
ATOM   446 O  OE1 . GLU A 1 58  ? 8.225   5.450   -12.057 1.00 59.64 ? 67  GLU A OE1 1 
ATOM   447 O  OE2 . GLU A 1 58  ? 9.531   5.093   -10.314 1.00 65.46 ? 67  GLU A OE2 1 
ATOM   448 N  N   . CYS A 1 59  ? 4.640   2.313   -9.890  1.00 45.46 ? 68  CYS A N   1 
ATOM   449 C  CA  . CYS A 1 59  ? 3.543   1.888   -10.749 1.00 39.73 ? 68  CYS A CA  1 
ATOM   450 C  C   . CYS A 1 59  ? 2.178   2.303   -10.235 1.00 42.45 ? 68  CYS A C   1 
ATOM   451 O  O   . CYS A 1 59  ? 1.170   1.902   -10.820 1.00 46.36 ? 68  CYS A O   1 
ATOM   452 C  CB  . CYS A 1 59  ? 3.551   0.371   -10.908 1.00 39.11 ? 68  CYS A CB  1 
ATOM   453 S  SG  . CYS A 1 59  ? 5.111   -0.349  -11.412 1.00 42.26 ? 68  CYS A SG  1 
ATOM   454 N  N   . LYS A 1 60  ? 2.111   3.070   -9.152  1.00 43.63 ? 69  LYS A N   1 
ATOM   455 C  CA  . LYS A 1 60  ? 0.845   3.277   -8.464  1.00 40.81 ? 69  LYS A CA  1 
ATOM   456 C  C   . LYS A 1 60  ? -0.092  4.149   -9.286  1.00 41.83 ? 69  LYS A C   1 
ATOM   457 O  O   . LYS A 1 60  ? 0.315   5.173   -9.839  1.00 48.53 ? 69  LYS A O   1 
ATOM   458 C  CB  . LYS A 1 60  ? 1.086   3.913   -7.099  1.00 40.92 ? 69  LYS A CB  1 
ATOM   459 C  CG  . LYS A 1 60  ? -0.092  3.797   -6.151  1.00 41.64 ? 69  LYS A CG  1 
ATOM   460 C  CD  . LYS A 1 60  ? 0.375   3.856   -4.702  1.00 41.65 ? 69  LYS A CD  1 
ATOM   461 C  CE  . LYS A 1 60  ? 1.367   2.745   -4.420  1.00 42.20 ? 69  LYS A CE  1 
ATOM   462 N  NZ  . LYS A 1 60  ? 1.147   2.025   -3.124  1.00 39.95 ? 69  LYS A NZ  1 
ATOM   463 N  N   . CYS A 1 61  ? -1.357  3.743   -9.361  1.00 44.26 ? 70  CYS A N   1 
ATOM   464 C  CA  . CYS A 1 61  ? -2.392  4.525   -10.022 1.00 42.79 ? 70  CYS A CA  1 
ATOM   465 C  C   . CYS A 1 61  ? -3.519  4.854   -9.058  1.00 40.79 ? 70  CYS A C   1 
ATOM   466 O  O   . CYS A 1 61  ? -3.727  4.176   -8.046  1.00 42.37 ? 70  CYS A O   1 
ATOM   467 C  CB  . CYS A 1 61  ? -2.974  3.791   -11.223 1.00 42.01 ? 70  CYS A CB  1 
ATOM   468 S  SG  . CYS A 1 61  ? -1.742  3.485   -12.462 1.00 43.85 ? 70  CYS A SG  1 
ATOM   469 N  N   . CYS A 1 62  ? -4.244  5.918   -9.388  1.00 38.84 ? 71  CYS A N   1 
ATOM   470 C  CA  . CYS A 1 62  ? -5.458  6.233   -8.655  1.00 37.15 ? 71  CYS A CA  1 
ATOM   471 C  C   . CYS A 1 62  ? -6.426  5.070   -8.769  1.00 35.43 ? 71  CYS A C   1 
ATOM   472 O  O   . CYS A 1 62  ? -6.674  4.557   -9.862  1.00 37.80 ? 71  CYS A O   1 
ATOM   473 C  CB  . CYS A 1 62  ? -6.096  7.507   -9.204  1.00 38.61 ? 71  CYS A CB  1 
ATOM   474 S  SG  . CYS A 1 62  ? -7.622  8.010   -8.386  1.00 35.74 ? 71  CYS A SG  1 
ATOM   475 N  N   . ASN A 1 63  ? -6.952  4.627   -7.636  1.00 34.34 ? 72  ASN A N   1 
ATOM   476 C  CA  . ASN A 1 63  ? -7.940  3.565   -7.688  1.00 34.28 ? 72  ASN A CA  1 
ATOM   477 C  C   . ASN A 1 63  ? -9.216  4.024   -8.380  1.00 40.00 ? 72  ASN A C   1 
ATOM   478 O  O   . ASN A 1 63  ? -9.960  3.198   -8.920  1.00 40.32 ? 72  ASN A O   1 
ATOM   479 C  CB  . ASN A 1 63  ? -8.251  3.081   -6.282  1.00 36.38 ? 72  ASN A CB  1 
ATOM   480 C  CG  . ASN A 1 63  ? -8.949  1.756   -6.281  1.00 41.03 ? 72  ASN A CG  1 
ATOM   481 O  OD1 . ASN A 1 63  ? -8.333  0.722   -6.535  1.00 41.52 ? 72  ASN A OD1 1 
ATOM   482 N  ND2 . ASN A 1 63  ? -10.252 1.770   -5.982  1.00 42.79 ? 72  ASN A ND2 1 
ATOM   483 N  N   . ILE A 1 64  ? -9.488  5.330   -8.366  1.00 38.62 ? 73  ILE A N   1 
ATOM   484 C  CA  . ILE A 1 64  ? -10.736 5.848   -8.913  1.00 38.49 ? 73  ILE A CA  1 
ATOM   485 C  C   . ILE A 1 64  ? -10.636 6.041   -10.429 1.00 38.96 ? 73  ILE A C   1 
ATOM   486 O  O   . ILE A 1 64  ? -11.376 5.417   -11.198 1.00 41.22 ? 73  ILE A O   1 
ATOM   487 C  CB  . ILE A 1 64  ? -11.132 7.142   -8.182  1.00 39.04 ? 73  ILE A CB  1 
ATOM   488 C  CG1 . ILE A 1 64  ? -11.465 6.831   -6.721  1.00 37.35 ? 73  ILE A CG1 1 
ATOM   489 C  CG2 . ILE A 1 64  ? -12.329 7.787   -8.823  1.00 35.41 ? 73  ILE A CG2 1 
ATOM   490 C  CD1 . ILE A 1 64  ? -11.997 8.012   -5.967  1.00 38.03 ? 73  ILE A CD1 1 
ATOM   491 N  N   . CYS A 1 65  ? -9.709  6.885   -10.896 1.00 36.72 ? 74  CYS A N   1 
ATOM   492 C  CA  . CYS A 1 65  ? -9.628  7.132   -12.338 1.00 37.64 ? 74  CYS A CA  1 
ATOM   493 C  C   . CYS A 1 65  ? -8.676  6.197   -13.070 1.00 41.30 ? 74  CYS A C   1 
ATOM   494 O  O   . CYS A 1 65  ? -8.822  6.022   -14.282 1.00 46.11 ? 74  CYS A O   1 
ATOM   495 C  CB  . CYS A 1 65  ? -9.215  8.578   -12.628 1.00 36.15 ? 74  CYS A CB  1 
ATOM   496 S  SG  . CYS A 1 65  ? -7.558  9.017   -12.071 1.00 41.38 ? 74  CYS A SG  1 
ATOM   497 N  N   . GLY A 1 66  ? -7.700  5.604   -12.383 1.00 40.63 ? 75  GLY A N   1 
ATOM   498 C  CA  . GLY A 1 66  ? -6.802  4.657   -13.007 1.00 38.68 ? 75  GLY A CA  1 
ATOM   499 C  C   . GLY A 1 66  ? -5.528  5.237   -13.593 1.00 42.91 ? 75  GLY A C   1 
ATOM   500 O  O   . GLY A 1 66  ? -4.663  4.469   -14.030 1.00 42.96 ? 75  GLY A O   1 
ATOM   501 N  N   . THR A 1 67  ? -5.373  6.556   -13.622 1.00 42.71 ? 76  THR A N   1 
ATOM   502 C  CA  . THR A 1 67  ? -4.187  7.163   -14.200 1.00 40.64 ? 76  THR A CA  1 
ATOM   503 C  C   . THR A 1 67  ? -3.179  7.494   -13.111 1.00 45.93 ? 76  THR A C   1 
ATOM   504 O  O   . THR A 1 67  ? -3.513  7.585   -11.925 1.00 47.84 ? 76  THR A O   1 
ATOM   505 C  CB  . THR A 1 67  ? -4.541  8.431   -14.973 1.00 45.49 ? 76  THR A CB  1 
ATOM   506 O  OG1 . THR A 1 67  ? -4.607  9.545   -14.073 1.00 45.44 ? 76  THR A OG1 1 
ATOM   507 C  CG2 . THR A 1 67  ? -5.887  8.249   -15.649 1.00 47.21 ? 76  THR A CG2 1 
ATOM   508 N  N   . SER A 1 68  ? -1.927  7.681   -13.533 1.00 48.45 ? 77  SER A N   1 
ATOM   509 C  CA  . SER A 1 68  ? -0.829  7.964   -12.621 1.00 46.58 ? 77  SER A CA  1 
ATOM   510 C  C   . SER A 1 68  ? -0.338  9.402   -12.747 1.00 49.47 ? 77  SER A C   1 
ATOM   511 O  O   . SER A 1 68  ? 0.806   9.701   -12.373 1.00 50.68 ? 77  SER A O   1 
ATOM   512 C  CB  . SER A 1 68  ? 0.320   7.000   -12.878 1.00 39.79 ? 77  SER A CB  1 
ATOM   513 O  OG  . SER A 1 68  ? 0.761   7.152   -14.214 1.00 49.20 ? 77  SER A OG  1 
ATOM   514 N  N   . GLU A 1 69  ? -1.177  10.294  -13.271 1.00 45.12 ? 78  GLU A N   1 
ATOM   515 C  CA  . GLU A 1 69  ? -0.824  11.697  -13.393 1.00 44.08 ? 78  GLU A CA  1 
ATOM   516 C  C   . GLU A 1 69  ? -1.008  12.421  -12.063 1.00 45.60 ? 78  GLU A C   1 
ATOM   517 O  O   . GLU A 1 69  ? -1.640  11.918  -11.128 1.00 47.26 ? 78  GLU A O   1 
ATOM   518 C  CB  . GLU A 1 69  ? -1.685  12.373  -14.453 1.00 48.22 ? 78  GLU A CB  1 
ATOM   519 C  CG  . GLU A 1 69  ? -1.739  11.641  -15.765 1.00 48.85 ? 78  GLU A CG  1 
ATOM   520 C  CD  . GLU A 1 69  ? -3.087  11.810  -16.431 1.00 63.50 ? 78  GLU A CD  1 
ATOM   521 O  OE1 . GLU A 1 69  ? -3.920  12.562  -15.875 1.00 60.81 ? 78  GLU A OE1 1 
ATOM   522 O  OE2 . GLU A 1 69  ? -3.314  11.192  -17.501 1.00 69.20 ? 78  GLU A OE2 1 
ATOM   523 N  N   . ASN A 1 70  ? -0.449  13.627  -11.997 1.00 46.87 ? 79  ASN A N   1 
ATOM   524 C  CA  . ASN A 1 70  ? -0.626  14.522  -10.857 1.00 45.70 ? 79  ASN A CA  1 
ATOM   525 C  C   . ASN A 1 70  ? -0.182  13.857  -9.557  1.00 48.00 ? 79  ASN A C   1 
ATOM   526 O  O   . ASN A 1 70  ? -0.907  13.848  -8.556  1.00 48.27 ? 79  ASN A O   1 
ATOM   527 C  CB  . ASN A 1 70  ? -2.077  15.002  -10.758 1.00 49.14 ? 79  ASN A CB  1 
ATOM   528 C  CG  . ASN A 1 70  ? -2.604  15.542  -12.078 1.00 49.06 ? 79  ASN A CG  1 
ATOM   529 O  OD1 . ASN A 1 70  ? -3.580  15.024  -12.627 1.00 52.48 ? 79  ASN A OD1 1 
ATOM   530 N  ND2 . ASN A 1 70  ? -1.954  16.576  -12.600 1.00 41.72 ? 79  ASN A ND2 1 
ATOM   531 N  N   . ASP A 1 71  ? 1.032   13.291  -9.579  1.00 47.27 ? 80  ASP A N   1 
ATOM   532 C  CA  . ASP A 1 71  ? 1.584   12.682  -8.373  1.00 45.04 ? 80  ASP A CA  1 
ATOM   533 C  C   . ASP A 1 71  ? 1.532   13.640  -7.190  1.00 44.58 ? 80  ASP A C   1 
ATOM   534 O  O   . ASP A 1 71  ? 1.397   13.203  -6.040  1.00 44.01 ? 80  ASP A O   1 
ATOM   535 C  CB  . ASP A 1 71  ? 3.017   12.217  -8.628  1.00 41.45 ? 80  ASP A CB  1 
ATOM   536 C  CG  . ASP A 1 71  ? 3.072   10.957  -9.496  1.00 55.15 ? 80  ASP A CG  1 
ATOM   537 O  OD1 . ASP A 1 71  ? 2.106   10.150  -9.459  1.00 49.25 ? 80  ASP A OD1 1 
ATOM   538 O  OD2 . ASP A 1 71  ? 4.082   10.772  -10.215 1.00 59.80 ? 80  ASP A OD2 1 
ATOM   539 N  N   . ASP A 1 72  ? 1.591   14.949  -7.450  1.00 42.57 ? 81  ASP A N   1 
ATOM   540 C  CA  . ASP A 1 72  ? 1.533   15.909  -6.357  1.00 43.83 ? 81  ASP A CA  1 
ATOM   541 C  C   . ASP A 1 72  ? 0.159   15.964  -5.716  1.00 44.20 ? 81  ASP A C   1 
ATOM   542 O  O   . ASP A 1 72  ? -0.001  16.641  -4.694  1.00 43.28 ? 81  ASP A O   1 
ATOM   543 C  CB  . ASP A 1 72  ? 1.954   17.308  -6.831  1.00 42.83 ? 81  ASP A CB  1 
ATOM   544 C  CG  . ASP A 1 72  ? 1.004   17.899  -7.857  1.00 45.46 ? 81  ASP A CG  1 
ATOM   545 O  OD1 . ASP A 1 72  ? 0.896   19.145  -7.919  1.00 50.64 ? 81  ASP A OD1 1 
ATOM   546 O  OD2 . ASP A 1 72  ? 0.375   17.128  -8.607  1.00 46.27 ? 81  ASP A OD2 1 
ATOM   547 N  N   . GLN A 1 73  ? -0.820  15.248  -6.266  1.00 42.50 ? 82  GLN A N   1 
ATOM   548 C  CA  . GLN A 1 73  ? -2.149  15.180  -5.679  1.00 45.05 ? 82  GLN A CA  1 
ATOM   549 C  C   . GLN A 1 73  ? -2.588  13.749  -5.387  1.00 42.75 ? 82  GLN A C   1 
ATOM   550 O  O   . GLN A 1 73  ? -3.739  13.534  -4.979  1.00 38.96 ? 82  GLN A O   1 
ATOM   551 C  CB  . GLN A 1 73  ? -3.161  15.864  -6.597  1.00 44.56 ? 82  GLN A CB  1 
ATOM   552 C  CG  . GLN A 1 73  ? -2.877  17.340  -6.823  1.00 48.09 ? 82  GLN A CG  1 
ATOM   553 C  CD  . GLN A 1 73  ? -4.071  18.074  -7.413  1.00 56.19 ? 82  GLN A CD  1 
ATOM   554 O  OE1 . GLN A 1 73  ? -5.062  18.351  -6.713  1.00 48.32 ? 82  GLN A OE1 1 
ATOM   555 N  NE2 . GLN A 1 73  ? -3.990  18.390  -8.710  1.00 51.47 ? 82  GLN A NE2 1 
ATOM   556 N  N   . LEU A 1 74  ? -1.704  12.769  -5.580  1.00 38.18 ? 83  LEU A N   1 
ATOM   557 C  CA  . LEU A 1 74  ? -2.046  11.361  -5.401  1.00 37.14 ? 83  LEU A CA  1 
ATOM   558 C  C   . LEU A 1 74  ? -1.807  10.993  -3.941  1.00 39.42 ? 83  LEU A C   1 
ATOM   559 O  O   . LEU A 1 74  ? -0.665  10.811  -3.513  1.00 38.51 ? 83  LEU A O   1 
ATOM   560 C  CB  . LEU A 1 74  ? -1.229  10.495  -6.349  1.00 39.37 ? 83  LEU A CB  1 
ATOM   561 C  CG  . LEU A 1 74  ? -1.521  8.995   -6.384  1.00 37.36 ? 83  LEU A CG  1 
ATOM   562 C  CD1 . LEU A 1 74  ? -2.856  8.706   -7.026  1.00 33.96 ? 83  LEU A CD1 1 
ATOM   563 C  CD2 . LEU A 1 74  ? -0.413  8.307   -7.132  1.00 38.63 ? 83  LEU A CD2 1 
ATOM   564 N  N   . LEU A 1 75  ? -2.895  10.901  -3.176  1.00 37.09 ? 84  LEU A N   1 
ATOM   565 C  CA  . LEU A 1 75  ? -2.850  10.486  -1.781  1.00 36.74 ? 84  LEU A CA  1 
ATOM   566 C  C   . LEU A 1 75  ? -2.609  8.989   -1.634  1.00 36.45 ? 84  LEU A C   1 
ATOM   567 O  O   . LEU A 1 75  ? -3.174  8.187   -2.372  1.00 42.39 ? 84  LEU A O   1 
ATOM   568 C  CB  . LEU A 1 75  ? -4.178  10.821  -1.118  1.00 39.23 ? 84  LEU A CB  1 
ATOM   569 C  CG  . LEU A 1 75  ? -4.356  12.123  -0.372  1.00 44.30 ? 84  LEU A CG  1 
ATOM   570 C  CD1 . LEU A 1 75  ? -5.709  12.068  0.302   1.00 45.70 ? 84  LEU A CD1 1 
ATOM   571 C  CD2 . LEU A 1 75  ? -3.248  12.290  0.654   1.00 43.80 ? 84  LEU A CD2 1 
ATOM   572 N  N   . PHE A 1 76  ? -1.832  8.595   -0.632  1.00 38.94 ? 85  PHE A N   1 
ATOM   573 C  CA  . PHE A 1 76  ? -1.691  7.179   -0.293  1.00 39.67 ? 85  PHE A CA  1 
ATOM   574 C  C   . PHE A 1 76  ? -2.530  6.869   0.934   1.00 37.72 ? 85  PHE A C   1 
ATOM   575 O  O   . PHE A 1 76  ? -2.483  7.608   1.921   1.00 42.02 ? 85  PHE A O   1 
ATOM   576 C  CB  . PHE A 1 76  ? -0.236  6.798   -0.024  1.00 36.26 ? 85  PHE A CB  1 
ATOM   577 C  CG  . PHE A 1 76  ? 0.664   6.969   -1.210  1.00 37.88 ? 85  PHE A CG  1 
ATOM   578 C  CD1 . PHE A 1 76  ? 0.133   7.083   -2.489  1.00 42.14 ? 85  PHE A CD1 1 
ATOM   579 C  CD2 . PHE A 1 76  ? 2.033   7.013   -1.048  1.00 35.03 ? 85  PHE A CD2 1 
ATOM   580 C  CE1 . PHE A 1 76  ? 0.958   7.247   -3.585  1.00 41.89 ? 85  PHE A CE1 1 
ATOM   581 C  CE2 . PHE A 1 76  ? 2.856   7.181   -2.130  1.00 39.35 ? 85  PHE A CE2 1 
ATOM   582 C  CZ  . PHE A 1 76  ? 2.319   7.296   -3.404  1.00 40.33 ? 85  PHE A CZ  1 
ATOM   583 N  N   . CYS A 1 77  ? -3.298  5.789   0.876   1.00 36.55 ? 86  CYS A N   1 
ATOM   584 C  CA  . CYS A 1 77  ? -4.034  5.361   2.057   1.00 36.53 ? 86  CYS A CA  1 
ATOM   585 C  C   . CYS A 1 77  ? -3.059  4.754   3.054   1.00 38.43 ? 86  CYS A C   1 
ATOM   586 O  O   . CYS A 1 77  ? -2.238  3.908   2.693   1.00 38.80 ? 86  CYS A O   1 
ATOM   587 C  CB  . CYS A 1 77  ? -5.122  4.357   1.689   1.00 36.64 ? 86  CYS A CB  1 
ATOM   588 S  SG  . CYS A 1 77  ? -5.955  3.666   3.128   1.00 36.32 ? 86  CYS A SG  1 
ATOM   589 N  N   . ASP A 1 78  ? -3.124  5.213   4.303   1.00 38.29 ? 87  ASP A N   1 
ATOM   590 C  CA  . ASP A 1 78  ? -2.198  4.773   5.337   1.00 38.93 ? 87  ASP A CA  1 
ATOM   591 C  C   . ASP A 1 78  ? -2.482  3.369   5.834   1.00 42.01 ? 87  ASP A C   1 
ATOM   592 O  O   . ASP A 1 78  ? -1.720  2.860   6.664   1.00 45.57 ? 87  ASP A O   1 
ATOM   593 C  CB  . ASP A 1 78  ? -2.227  5.733   6.521   1.00 40.79 ? 87  ASP A CB  1 
ATOM   594 C  CG  . ASP A 1 78  ? -1.471  7.004   6.246   1.00 40.73 ? 87  ASP A CG  1 
ATOM   595 O  OD1 . ASP A 1 78  ? -0.312  6.902   5.794   1.00 40.60 ? 87  ASP A OD1 1 
ATOM   596 O  OD2 . ASP A 1 78  ? -2.039  8.096   6.468   1.00 40.13 ? 87  ASP A OD2 1 
ATOM   597 N  N   . ASP A 1 79  ? -3.550  2.733   5.358   1.00 41.19 ? 88  ASP A N   1 
ATOM   598 C  CA  . ASP A 1 79  ? -3.846  1.353   5.705   1.00 40.43 ? 88  ASP A CA  1 
ATOM   599 C  C   . ASP A 1 79  ? -3.608  0.390   4.550   1.00 41.45 ? 88  ASP A C   1 
ATOM   600 O  O   . ASP A 1 79  ? -2.978  -0.647  4.739   1.00 43.82 ? 88  ASP A O   1 
ATOM   601 C  CB  . ASP A 1 79  ? -5.297  1.245   6.191   1.00 42.69 ? 88  ASP A CB  1 
ATOM   602 C  CG  . ASP A 1 79  ? -5.568  2.100   7.424   1.00 44.68 ? 88  ASP A CG  1 
ATOM   603 O  OD1 . ASP A 1 79  ? -4.712  2.122   8.331   1.00 47.42 ? 88  ASP A OD1 1 
ATOM   604 O  OD2 . ASP A 1 79  ? -6.634  2.746   7.493   1.00 45.13 ? 88  ASP A OD2 1 
ATOM   605 N  N   . CYS A 1 80  ? -4.092  0.694   3.346   1.00 39.98 ? 89  CYS A N   1 
ATOM   606 C  CA  . CYS A 1 80  ? -4.002  -0.241  2.232   1.00 35.79 ? 89  CYS A CA  1 
ATOM   607 C  C   . CYS A 1 80  ? -2.958  0.133   1.189   1.00 36.91 ? 89  CYS A C   1 
ATOM   608 O  O   . CYS A 1 80  ? -2.640  -0.703  0.340   1.00 38.64 ? 89  CYS A O   1 
ATOM   609 C  CB  . CYS A 1 80  ? -5.367  -0.371  1.550   1.00 36.03 ? 89  CYS A CB  1 
ATOM   610 S  SG  . CYS A 1 80  ? -5.810  1.093   0.601   1.00 37.04 ? 89  CYS A SG  1 
ATOM   611 N  N   . ASP A 1 81  ? -2.415  1.348   1.222   1.00 38.20 ? 90  ASP A N   1 
ATOM   612 C  CA  . ASP A 1 81  ? -1.387  1.812   0.293   1.00 38.87 ? 90  ASP A CA  1 
ATOM   613 C  C   . ASP A 1 81  ? -1.917  2.028   -1.123  1.00 37.84 ? 90  ASP A C   1 
ATOM   614 O  O   . ASP A 1 81  ? -1.115  2.230   -2.044  1.00 38.82 ? 90  ASP A O   1 
ATOM   615 C  CB  . ASP A 1 81  ? -0.185  0.854   0.260   1.00 38.79 ? 90  ASP A CB  1 
ATOM   616 C  CG  . ASP A 1 81  ? 1.124   1.545   -0.094  1.00 40.79 ? 90  ASP A CG  1 
ATOM   617 O  OD1 . ASP A 1 81  ? 1.994   0.877   -0.708  1.00 39.51 ? 90  ASP A OD1 1 
ATOM   618 O  OD2 . ASP A 1 81  ? 1.292   2.737   0.251   1.00 39.80 ? 90  ASP A OD2 1 
ATOM   619 N  N   . ARG A 1 82  ? -3.232  1.996   -1.335  1.00 35.62 ? 91  ARG A N   1 
ATOM   620 C  CA  . ARG A 1 82  ? -3.765  2.432   -2.620  1.00 35.82 ? 91  ARG A CA  1 
ATOM   621 C  C   . ARG A 1 82  ? -3.611  3.943   -2.768  1.00 38.38 ? 91  ARG A C   1 
ATOM   622 O  O   . ARG A 1 82  ? -3.509  4.687   -1.786  1.00 41.91 ? 91  ARG A O   1 
ATOM   623 C  CB  . ARG A 1 82  ? -5.248  2.086   -2.772  1.00 34.87 ? 91  ARG A CB  1 
ATOM   624 C  CG  . ARG A 1 82  ? -5.617  0.623   -2.812  1.00 37.17 ? 91  ARG A CG  1 
ATOM   625 C  CD  . ARG A 1 82  ? -7.140  0.512   -2.861  1.00 37.82 ? 91  ARG A CD  1 
ATOM   626 N  NE  . ARG A 1 82  ? -7.651  -0.852  -2.927  1.00 33.93 ? 91  ARG A NE  1 
ATOM   627 C  CZ  . ARG A 1 82  ? -8.015  -1.555  -1.865  1.00 35.00 ? 91  ARG A CZ  1 
ATOM   628 N  NH1 . ARG A 1 82  ? -7.905  -1.025  -0.656  1.00 35.71 ? 91  ARG A NH1 1 
ATOM   629 N  NH2 . ARG A 1 82  ? -8.490  -2.785  -2.011  1.00 36.44 ? 91  ARG A NH2 1 
ATOM   630 N  N   . GLY A 1 83  ? -3.625  4.396   -4.016  1.00 35.46 ? 92  GLY A N   1 
ATOM   631 C  CA  . GLY A 1 83  ? -3.532  5.811   -4.331  1.00 34.81 ? 92  GLY A CA  1 
ATOM   632 C  C   . GLY A 1 83  ? -4.889  6.368   -4.713  1.00 38.38 ? 92  GLY A C   1 
ATOM   633 O  O   . GLY A 1 83  ? -5.700  5.687   -5.349  1.00 41.28 ? 92  GLY A O   1 
ATOM   634 N  N   . TYR A 1 84  ? -5.142  7.609   -4.296  1.00 37.09 ? 93  TYR A N   1 
ATOM   635 C  CA  . TYR A 1 84  ? -6.365  8.322   -4.638  1.00 34.86 ? 93  TYR A CA  1 
ATOM   636 C  C   . TYR A 1 84  ? -6.008  9.776   -4.899  1.00 35.26 ? 93  TYR A C   1 
ATOM   637 O  O   . TYR A 1 84  ? -5.502  10.451  -4.000  1.00 41.90 ? 93  TYR A O   1 
ATOM   638 C  CB  . TYR A 1 84  ? -7.397  8.240   -3.512  1.00 36.50 ? 93  TYR A CB  1 
ATOM   639 C  CG  . TYR A 1 84  ? -7.885  6.860   -3.101  1.00 39.02 ? 93  TYR A CG  1 
ATOM   640 C  CD1 . TYR A 1 84  ? -7.223  6.128   -2.119  1.00 36.15 ? 93  TYR A CD1 1 
ATOM   641 C  CD2 . TYR A 1 84  ? -9.055  6.325   -3.639  1.00 37.44 ? 93  TYR A CD2 1 
ATOM   642 C  CE1 . TYR A 1 84  ? -7.688  4.888   -1.720  1.00 34.42 ? 93  TYR A CE1 1 
ATOM   643 C  CE2 . TYR A 1 84  ? -9.530  5.088   -3.240  1.00 38.25 ? 93  TYR A CE2 1 
ATOM   644 C  CZ  . TYR A 1 84  ? -8.844  4.375   -2.277  1.00 38.90 ? 93  TYR A CZ  1 
ATOM   645 O  OH  . TYR A 1 84  ? -9.320  3.142   -1.884  1.00 36.14 ? 93  TYR A OH  1 
ATOM   646 N  N   . HIS A 1 85  ? -6.261  10.259  -6.114  1.00 34.69 ? 94  HIS A N   1 
ATOM   647 C  CA  . HIS A 1 85  ? -6.169  11.693  -6.380  1.00 40.23 ? 94  HIS A CA  1 
ATOM   648 C  C   . HIS A 1 85  ? -7.108  12.481  -5.471  1.00 37.52 ? 94  HIS A C   1 
ATOM   649 O  O   . HIS A 1 85  ? -8.272  12.114  -5.302  1.00 37.57 ? 94  HIS A O   1 
ATOM   650 C  CB  . HIS A 1 85  ? -6.531  12.000  -7.838  1.00 38.37 ? 94  HIS A CB  1 
ATOM   651 C  CG  . HIS A 1 85  ? -5.503  11.567  -8.828  1.00 36.20 ? 94  HIS A CG  1 
ATOM   652 N  ND1 . HIS A 1 85  ? -5.787  10.692  -9.853  1.00 37.17 ? 94  HIS A ND1 1 
ATOM   653 C  CD2 . HIS A 1 85  ? -4.199  11.899  -8.966  1.00 41.20 ? 94  HIS A CD2 1 
ATOM   654 C  CE1 . HIS A 1 85  ? -4.698  10.489  -10.572 1.00 38.08 ? 94  HIS A CE1 1 
ATOM   655 N  NE2 . HIS A 1 85  ? -3.720  11.214  -10.059 1.00 40.13 ? 94  HIS A NE2 1 
ATOM   656 N  N   . MET A 1 86  ? -6.604  13.598  -4.923  1.00 40.97 ? 95  MET A N   1 
ATOM   657 C  CA  . MET A 1 86  ? -7.441  14.488  -4.110  1.00 40.19 ? 95  MET A CA  1 
ATOM   658 C  C   . MET A 1 86  ? -8.664  14.963  -4.884  1.00 42.45 ? 95  MET A C   1 
ATOM   659 O  O   . MET A 1 86  ? -9.758  15.088  -4.323  1.00 43.76 ? 95  MET A O   1 
ATOM   660 C  CB  . MET A 1 86  ? -6.632  15.699  -3.626  1.00 39.39 ? 95  MET A CB  1 
ATOM   661 C  CG  . MET A 1 86  ? -5.492  15.356  -2.666  1.00 42.97 ? 95  MET A CG  1 
ATOM   662 S  SD  . MET A 1 86  ? -4.476  16.753  -2.133  1.00 41.84 ? 95  MET A SD  1 
ATOM   663 C  CE  . MET A 1 86  ? -4.381  17.712  -3.638  1.00 43.74 ? 95  MET A CE  1 
ATOM   664 N  N   . TYR A 1 87  ? -8.505  15.226  -6.175  1.00 42.13 ? 96  TYR A N   1 
ATOM   665 C  CA  . TYR A 1 87  ? -9.627  15.692  -6.970  1.00 41.12 ? 96  TYR A CA  1 
ATOM   666 C  C   . TYR A 1 87  ? -10.585 14.575  -7.373  1.00 42.00 ? 96  TYR A C   1 
ATOM   667 O  O   . TYR A 1 87  ? -11.674 14.873  -7.875  1.00 46.10 ? 96  TYR A O   1 
ATOM   668 C  CB  . TYR A 1 87  ? -9.111  16.438  -8.208  1.00 36.47 ? 96  TYR A CB  1 
ATOM   669 C  CG  . TYR A 1 87  ? -8.078  15.715  -9.047  1.00 39.05 ? 96  TYR A CG  1 
ATOM   670 C  CD1 . TYR A 1 87  ? -8.464  14.780  -9.996  1.00 38.63 ? 96  TYR A CD1 1 
ATOM   671 C  CD2 . TYR A 1 87  ? -6.719  15.993  -8.918  1.00 39.17 ? 96  TYR A CD2 1 
ATOM   672 C  CE1 . TYR A 1 87  ? -7.536  14.128  -10.779 1.00 38.06 ? 96  TYR A CE1 1 
ATOM   673 C  CE2 . TYR A 1 87  ? -5.781  15.342  -9.698  1.00 39.97 ? 96  TYR A CE2 1 
ATOM   674 C  CZ  . TYR A 1 87  ? -6.200  14.408  -10.628 1.00 41.73 ? 96  TYR A CZ  1 
ATOM   675 O  OH  . TYR A 1 87  ? -5.291  13.740  -11.421 1.00 43.32 ? 96  TYR A OH  1 
ATOM   676 N  N   . CYS A 1 88  ? -10.224 13.308  -7.167  1.00 41.37 ? 97  CYS A N   1 
ATOM   677 C  CA  . CYS A 1 88  ? -11.147 12.214  -7.434  1.00 37.13 ? 97  CYS A CA  1 
ATOM   678 C  C   . CYS A 1 88  ? -12.013 11.853  -6.226  1.00 42.24 ? 97  CYS A C   1 
ATOM   679 O  O   . CYS A 1 88  ? -13.084 11.259  -6.398  1.00 41.20 ? 97  CYS A O   1 
ATOM   680 C  CB  . CYS A 1 88  ? -10.377 10.980  -7.919  1.00 33.42 ? 97  CYS A CB  1 
ATOM   681 S  SG  . CYS A 1 88  ? -9.556  11.188  -9.543  1.00 38.83 ? 97  CYS A SG  1 
ATOM   682 N  N   . LEU A 1 89  ? -11.594 12.208  -5.015  1.00 43.62 ? 98  LEU A N   1 
ATOM   683 C  CA  . LEU A 1 89  ? -12.412 11.948  -3.842  1.00 44.05 ? 98  LEU A CA  1 
ATOM   684 C  C   . LEU A 1 89  ? -13.673 12.805  -3.867  1.00 44.97 ? 98  LEU A C   1 
ATOM   685 O  O   . LEU A 1 89  ? -13.776 13.787  -4.606  1.00 47.13 ? 98  LEU A O   1 
ATOM   686 C  CB  . LEU A 1 89  ? -11.619 12.222  -2.571  1.00 41.99 ? 98  LEU A CB  1 
ATOM   687 C  CG  . LEU A 1 89  ? -10.363 11.369  -2.508  1.00 37.58 ? 98  LEU A CG  1 
ATOM   688 C  CD1 . LEU A 1 89  ? -9.544  11.743  -1.285  1.00 41.90 ? 98  LEU A CD1 1 
ATOM   689 C  CD2 . LEU A 1 89  ? -10.773 9.910   -2.489  1.00 31.01 ? 98  LEU A CD2 1 
ATOM   690 N  N   . THR A 1 90  ? -14.649 12.413  -3.052  1.00 48.03 ? 99  THR A N   1 
ATOM   691 C  CA  . THR A 1 90  ? -15.868 13.196  -2.908  1.00 49.16 ? 99  THR A CA  1 
ATOM   692 C  C   . THR A 1 90  ? -16.150 13.405  -1.438  1.00 50.82 ? 99  THR A C   1 
ATOM   693 O  O   . THR A 1 90  ? -16.392 12.449  -0.711  1.00 58.83 ? 99  THR A O   1 
ATOM   694 C  CB  . THR A 1 90  ? -17.093 12.549  -3.580  1.00 51.41 ? 99  THR A CB  1 
ATOM   695 O  OG1 . THR A 1 90  ? -16.871 12.460  -4.991  1.00 56.27 ? 99  THR A OG1 1 
ATOM   696 C  CG2 . THR A 1 90  ? -18.327 13.401  -3.366  1.00 49.86 ? 99  THR A CG2 1 
ATOM   697 N  N   . PRO A 1 91  ? -16.112 14.669  -0.992  1.00 54.71 ? 100 PRO A N   1 
ATOM   698 C  CA  . PRO A 1 91  ? -15.856 15.831  -1.861  1.00 56.46 ? 100 PRO A CA  1 
ATOM   699 C  C   . PRO A 1 91  ? -14.398 15.943  -2.322  1.00 54.19 ? 100 PRO A C   1 
ATOM   700 O  O   . PRO A 1 91  ? -13.528 15.238  -1.801  1.00 53.57 ? 100 PRO A O   1 
ATOM   701 C  CB  . PRO A 1 91  ? -16.223 17.019  -0.968  1.00 59.90 ? 100 PRO A CB  1 
ATOM   702 C  CG  . PRO A 1 91  ? -15.964 16.524  0.434   1.00 60.32 ? 100 PRO A CG  1 
ATOM   703 C  CD  . PRO A 1 91  ? -16.306 15.052  0.419   1.00 54.95 ? 100 PRO A CD  1 
ATOM   704 N  N   . SER A 1 92  ? -14.142 16.791  -3.315  1.00 51.31 ? 101 SER A N   1 
ATOM   705 C  CA  . SER A 1 92  ? -12.764 17.097  -3.658  1.00 48.11 ? 101 SER A CA  1 
ATOM   706 C  C   . SER A 1 92  ? -12.018 17.568  -2.421  1.00 54.15 ? 101 SER A C   1 
ATOM   707 O  O   . SER A 1 92  ? -12.594 18.167  -1.506  1.00 58.49 ? 101 SER A O   1 
ATOM   708 C  CB  . SER A 1 92  ? -12.696 18.177  -4.730  1.00 49.15 ? 101 SER A CB  1 
ATOM   709 O  OG  . SER A 1 92  ? -13.076 17.660  -5.988  1.00 59.21 ? 101 SER A OG  1 
ATOM   710 N  N   . MET A 1 93  ? -10.734 17.266  -2.379  1.00 49.11 ? 102 MET A N   1 
ATOM   711 C  CA  . MET A 1 93  ? -9.847  17.895  -1.423  1.00 44.99 ? 102 MET A CA  1 
ATOM   712 C  C   . MET A 1 93  ? -9.096  19.006  -2.132  1.00 48.98 ? 102 MET A C   1 
ATOM   713 O  O   . MET A 1 93  ? -8.583  18.806  -3.239  1.00 49.52 ? 102 MET A O   1 
ATOM   714 C  CB  . MET A 1 93  ? -8.859  16.899  -0.833  1.00 44.02 ? 102 MET A CB  1 
ATOM   715 C  CG  . MET A 1 93  ? -9.461  15.882  0.063   1.00 43.96 ? 102 MET A CG  1 
ATOM   716 S  SD  . MET A 1 93  ? -8.094  15.048  0.841   1.00 42.42 ? 102 MET A SD  1 
ATOM   717 C  CE  . MET A 1 93  ? -8.926  13.866  1.888   1.00 37.42 ? 102 MET A CE  1 
ATOM   718 N  N   . SER A 1 94  ? -9.043  20.171  -1.498  1.00 50.45 ? 103 SER A N   1 
ATOM   719 C  CA  . SER A 1 94  ? -8.203  21.263  -1.972  1.00 54.35 ? 103 SER A CA  1 
ATOM   720 C  C   . SER A 1 94  ? -6.794  21.192  -1.399  1.00 55.26 ? 103 SER A C   1 
ATOM   721 O  O   . SER A 1 94  ? -5.844  21.648  -2.048  1.00 54.81 ? 103 SER A O   1 
ATOM   722 C  CB  . SER A 1 94  ? -8.848  22.606  -1.616  1.00 48.92 ? 103 SER A CB  1 
ATOM   723 O  OG  . SER A 1 94  ? -9.368  22.580  -0.297  1.00 53.58 ? 103 SER A OG  1 
ATOM   724 N  N   . GLU A 1 95  ? -6.652  20.606  -0.210  1.00 51.17 ? 104 GLU A N   1 
ATOM   725 C  CA  . GLU A 1 95  ? -5.436  20.459  0.573   1.00 53.30 ? 104 GLU A CA  1 
ATOM   726 C  C   . GLU A 1 95  ? -5.205  18.996  0.905   1.00 50.68 ? 104 GLU A C   1 
ATOM   727 O  O   . GLU A 1 95  ? -6.163  18.245  1.117   1.00 50.80 ? 104 GLU A O   1 
ATOM   728 C  CB  . GLU A 1 95  ? -5.528  21.229  1.897   1.00 57.11 ? 104 GLU A CB  1 
ATOM   729 C  CG  . GLU A 1 95  ? -5.092  22.671  1.894   1.00 64.70 ? 104 GLU A CG  1 
ATOM   730 C  CD  . GLU A 1 95  ? -4.919  23.185  3.323   1.00 74.87 ? 104 GLU A CD  1 
ATOM   731 O  OE1 . GLU A 1 95  ? -5.903  23.124  4.104   1.00 65.21 ? 104 GLU A OE1 1 
ATOM   732 O  OE2 . GLU A 1 95  ? -3.790  23.609  3.670   1.00 70.24 ? 104 GLU A OE2 1 
ATOM   733 N  N   . PRO A 1 96  ? -3.949  18.567  1.006   1.00 49.16 ? 105 PRO A N   1 
ATOM   734 C  CA  . PRO A 1 96  ? -3.685  17.238  1.541   1.00 44.52 ? 105 PRO A CA  1 
ATOM   735 C  C   . PRO A 1 96  ? -4.211  17.139  2.956   1.00 39.97 ? 105 PRO A C   1 
ATOM   736 O  O   . PRO A 1 96  ? -4.177  18.121  3.718   1.00 44.96 ? 105 PRO A O   1 
ATOM   737 C  CB  . PRO A 1 96  ? -2.155  17.134  1.495   1.00 41.03 ? 105 PRO A CB  1 
ATOM   738 C  CG  . PRO A 1 96  ? -1.730  18.148  0.488   1.00 39.99 ? 105 PRO A CG  1 
ATOM   739 C  CD  . PRO A 1 96  ? -2.714  19.264  0.608   1.00 39.87 ? 105 PRO A CD  1 
ATOM   740 N  N   . PRO A 1 97  ? -4.717  15.980  3.356   1.00 40.68 ? 106 PRO A N   1 
ATOM   741 C  CA  . PRO A 1 97  ? -5.145  15.804  4.747   1.00 37.35 ? 106 PRO A CA  1 
ATOM   742 C  C   . PRO A 1 97  ? -3.987  15.906  5.735   1.00 40.29 ? 106 PRO A C   1 
ATOM   743 O  O   . PRO A 1 97  ? -2.815  15.711  5.404   1.00 43.80 ? 106 PRO A O   1 
ATOM   744 C  CB  . PRO A 1 97  ? -5.746  14.395  4.752   1.00 34.84 ? 106 PRO A CB  1 
ATOM   745 C  CG  . PRO A 1 97  ? -5.098  13.696  3.628   1.00 38.01 ? 106 PRO A CG  1 
ATOM   746 C  CD  . PRO A 1 97  ? -4.913  14.755  2.560   1.00 43.19 ? 106 PRO A CD  1 
ATOM   747 N  N   . GLU A 1 98  ? -4.338  16.193  6.984   1.00 37.66 ? 107 GLU A N   1 
ATOM   748 C  CA  . GLU A 1 98  ? -3.370  16.235  8.069   1.00 38.89 ? 107 GLU A CA  1 
ATOM   749 C  C   . GLU A 1 98  ? -3.437  14.949  8.878   1.00 39.78 ? 107 GLU A C   1 
ATOM   750 O  O   . GLU A 1 98  ? -4.520  14.394  9.081   1.00 41.94 ? 107 GLU A O   1 
ATOM   751 C  CB  . GLU A 1 98  ? -3.610  17.435  8.985   1.00 42.02 ? 107 GLU A CB  1 
ATOM   752 C  CG  . GLU A 1 98  ? -3.067  18.747  8.434   1.00 43.58 ? 107 GLU A CG  1 
ATOM   753 C  CD  . GLU A 1 98  ? -4.143  19.544  7.761   1.00 47.39 ? 107 GLU A CD  1 
ATOM   754 O  OE1 . GLU A 1 98  ? -5.336  19.248  8.021   1.00 45.55 ? 107 GLU A OE1 1 
ATOM   755 O  OE2 . GLU A 1 98  ? -3.795  20.457  6.976   1.00 49.74 ? 107 GLU A OE2 1 
ATOM   756 N  N   . GLY A 1 99  ? -2.273  14.484  9.344   1.00 40.02 ? 108 GLY A N   1 
ATOM   757 C  CA  . GLY A 1 99  ? -2.176  13.244  10.085  1.00 36.84 ? 108 GLY A CA  1 
ATOM   758 C  C   . GLY A 1 99  ? -2.445  12.036  9.201   1.00 38.91 ? 108 GLY A C   1 
ATOM   759 O  O   . GLY A 1 99  ? -2.389  12.099  7.973   1.00 40.16 ? 108 GLY A O   1 
ATOM   760 N  N   . SER A 1 100 ? -2.735  10.915  9.858   1.00 42.65 ? 109 SER A N   1 
ATOM   761 C  CA  . SER A 1 100 ? -3.133  9.705   9.158   1.00 39.09 ? 109 SER A CA  1 
ATOM   762 C  C   . SER A 1 100 ? -4.392  9.924   8.325   1.00 42.31 ? 109 SER A C   1 
ATOM   763 O  O   . SER A 1 100 ? -5.240  10.787  8.612   1.00 46.57 ? 109 SER A O   1 
ATOM   764 C  CB  . SER A 1 100 ? -3.397  8.574   10.144  1.00 43.26 ? 109 SER A CB  1 
ATOM   765 O  OG  . SER A 1 100 ? -2.175  7.998   10.570  1.00 52.65 ? 109 SER A OG  1 
ATOM   766 N  N   . TRP A 1 101 ? -4.521  9.106   7.289   1.00 40.27 ? 110 TRP A N   1 
ATOM   767 C  CA  . TRP A 1 101 ? -5.699  9.118   6.437   1.00 39.61 ? 110 TRP A CA  1 
ATOM   768 C  C   . TRP A 1 101 ? -6.046  7.685   6.058   1.00 38.55 ? 110 TRP A C   1 
ATOM   769 O  O   . TRP A 1 101 ? -5.168  6.915   5.659   1.00 39.55 ? 110 TRP A O   1 
ATOM   770 C  CB  . TRP A 1 101 ? -5.464  9.977   5.189   1.00 33.93 ? 110 TRP A CB  1 
ATOM   771 C  CG  . TRP A 1 101 ? -6.631  10.003  4.291   1.00 36.41 ? 110 TRP A CG  1 
ATOM   772 C  CD1 . TRP A 1 101 ? -7.791  10.692  4.480   1.00 37.03 ? 110 TRP A CD1 1 
ATOM   773 C  CD2 . TRP A 1 101 ? -6.782  9.293   3.057   1.00 38.39 ? 110 TRP A CD2 1 
ATOM   774 N  NE1 . TRP A 1 101 ? -8.653  10.459  3.441   1.00 37.18 ? 110 TRP A NE1 1 
ATOM   775 C  CE2 . TRP A 1 101 ? -8.059  9.600   2.555   1.00 38.55 ? 110 TRP A CE2 1 
ATOM   776 C  CE3 . TRP A 1 101 ? -5.960  8.432   2.327   1.00 37.20 ? 110 TRP A CE3 1 
ATOM   777 C  CZ2 . TRP A 1 101 ? -8.532  9.078   1.354   1.00 36.22 ? 110 TRP A CZ2 1 
ATOM   778 C  CZ3 . TRP A 1 101 ? -6.437  7.910   1.138   1.00 35.79 ? 110 TRP A CZ3 1 
ATOM   779 C  CH2 . TRP A 1 101 ? -7.708  8.235   0.666   1.00 36.10 ? 110 TRP A CH2 1 
ATOM   780 N  N   . SER A 1 102 ? -7.318  7.323   6.201   1.00 41.22 ? 111 SER A N   1 
ATOM   781 C  CA  . SER A 1 102 ? -7.827  6.015   5.806   1.00 42.29 ? 111 SER A CA  1 
ATOM   782 C  C   . SER A 1 102 ? -8.884  6.189   4.721   1.00 42.45 ? 111 SER A C   1 
ATOM   783 O  O   . SER A 1 102 ? -9.772  7.040   4.848   1.00 46.46 ? 111 SER A O   1 
ATOM   784 C  CB  . SER A 1 102 ? -8.419  5.281   7.012   1.00 41.59 ? 111 SER A CB  1 
ATOM   785 O  OG  . SER A 1 102 ? -7.424  4.998   7.983   1.00 42.72 ? 111 SER A OG  1 
ATOM   786 N  N   . CYS A 1 103 ? -8.795  5.383   3.662   1.00 39.77 ? 112 CYS A N   1 
ATOM   787 C  CA  . CYS A 1 103 ? -9.746  5.488   2.565   1.00 40.28 ? 112 CYS A CA  1 
ATOM   788 C  C   . CYS A 1 103 ? -11.058 4.793   2.922   1.00 41.70 ? 112 CYS A C   1 
ATOM   789 O  O   . CYS A 1 103 ? -11.184 4.137   3.959   1.00 44.80 ? 112 CYS A O   1 
ATOM   790 C  CB  . CYS A 1 103 ? -9.160  4.904   1.280   1.00 38.55 ? 112 CYS A CB  1 
ATOM   791 S  SG  . CYS A 1 103 ? -9.139  3.100   1.186   1.00 39.15 ? 112 CYS A SG  1 
ATOM   792 N  N   . HIS A 1 104 ? -12.058 4.965   2.053   1.00 44.16 ? 113 HIS A N   1 
ATOM   793 C  CA  . HIS A 1 104 ? -13.377 4.411   2.347   1.00 44.47 ? 113 HIS A CA  1 
ATOM   794 C  C   . HIS A 1 104 ? -13.327 2.892   2.452   1.00 44.62 ? 113 HIS A C   1 
ATOM   795 O  O   . HIS A 1 104 ? -13.935 2.306   3.359   1.00 43.93 ? 113 HIS A O   1 
ATOM   796 C  CB  . HIS A 1 104 ? -14.407 4.857   1.301   1.00 48.01 ? 113 HIS A CB  1 
ATOM   797 C  CG  . HIS A 1 104 ? -13.887 4.893   -0.108  1.00 60.27 ? 113 HIS A CG  1 
ATOM   798 N  ND1 . HIS A 1 104 ? -12.945 5.809   -0.537  1.00 59.52 ? 113 HIS A ND1 1 
ATOM   799 C  CD2 . HIS A 1 104 ? -14.216 4.155   -1.198  1.00 59.25 ? 113 HIS A CD2 1 
ATOM   800 C  CE1 . HIS A 1 104 ? -12.701 5.618   -1.823  1.00 57.40 ? 113 HIS A CE1 1 
ATOM   801 N  NE2 . HIS A 1 104 ? -13.460 4.621   -2.248  1.00 59.62 ? 113 HIS A NE2 1 
ATOM   802 N  N   . LEU A 1 105 ? -12.591 2.236   1.552   1.00 42.85 ? 114 LEU A N   1 
ATOM   803 C  CA  . LEU A 1 105 ? -12.567 0.777   1.562   1.00 40.49 ? 114 LEU A CA  1 
ATOM   804 C  C   . LEU A 1 105 ? -12.035 0.238   2.885   1.00 42.24 ? 114 LEU A C   1 
ATOM   805 O  O   . LEU A 1 105 ? -12.555 -0.752  3.412   1.00 42.49 ? 114 LEU A O   1 
ATOM   806 C  CB  . LEU A 1 105 ? -11.742 0.256   0.389   1.00 36.99 ? 114 LEU A CB  1 
ATOM   807 C  CG  . LEU A 1 105 ? -12.372 0.508   -0.977  1.00 41.87 ? 114 LEU A CG  1 
ATOM   808 C  CD1 . LEU A 1 105 ? -11.374 0.218   -2.092  1.00 43.29 ? 114 LEU A CD1 1 
ATOM   809 C  CD2 . LEU A 1 105 ? -13.606 -0.349  -1.131  1.00 36.70 ? 114 LEU A CD2 1 
ATOM   810 N  N   . CYS A 1 106 ? -11.014 0.886   3.447   1.00 39.17 ? 115 CYS A N   1 
ATOM   811 C  CA  . CYS A 1 106 ? -10.439 0.444   4.714   1.00 42.75 ? 115 CYS A CA  1 
ATOM   812 C  C   . CYS A 1 106 ? -11.329 0.796   5.906   1.00 47.03 ? 115 CYS A C   1 
ATOM   813 O  O   . CYS A 1 106 ? -11.421 0.025   6.874   1.00 46.11 ? 115 CYS A O   1 
ATOM   814 C  CB  . CYS A 1 106 ? -9.048  1.051   4.885   1.00 38.57 ? 115 CYS A CB  1 
ATOM   815 S  SG  . CYS A 1 106 ? -7.862  0.380   3.724   1.00 35.37 ? 115 CYS A SG  1 
ATOM   816 N  N   . LEU A 1 107 ? -11.978 1.957   5.864   1.00 43.69 ? 116 LEU A N   1 
ATOM   817 C  CA  . LEU A 1 107 ? -12.943 2.275   6.905   1.00 44.04 ? 116 LEU A CA  1 
ATOM   818 C  C   . LEU A 1 107 ? -14.033 1.211   6.973   1.00 47.83 ? 116 LEU A C   1 
ATOM   819 O  O   . LEU A 1 107 ? -14.389 0.745   8.067   1.00 44.83 ? 116 LEU A O   1 
ATOM   820 C  CB  . LEU A 1 107 ? -13.522 3.667   6.660   1.00 42.46 ? 116 LEU A CB  1 
ATOM   821 C  CG  . LEU A 1 107 ? -12.580 4.760   7.165   1.00 42.20 ? 116 LEU A CG  1 
ATOM   822 C  CD1 . LEU A 1 107 ? -13.118 6.153   6.912   1.00 40.44 ? 116 LEU A CD1 1 
ATOM   823 C  CD2 . LEU A 1 107 ? -12.364 4.540   8.650   1.00 47.23 ? 116 LEU A CD2 1 
ATOM   824 N  N   . ASP A 1 108 ? -14.540 0.778   5.810   1.00 46.74 ? 117 ASP A N   1 
ATOM   825 C  CA  . ASP A 1 108 ? -15.543 -0.288  5.785   1.00 45.79 ? 117 ASP A CA  1 
ATOM   826 C  C   . ASP A 1 108 ? -14.959 -1.614  6.258   1.00 45.98 ? 117 ASP A C   1 
ATOM   827 O  O   . ASP A 1 108 ? -15.621 -2.371  6.976   1.00 50.58 ? 117 ASP A O   1 
ATOM   828 C  CB  . ASP A 1 108 ? -16.112 -0.451  4.378   1.00 47.25 ? 117 ASP A CB  1 
ATOM   829 C  CG  . ASP A 1 108 ? -17.105 0.627   4.013   1.00 50.84 ? 117 ASP A CG  1 
ATOM   830 O  OD1 . ASP A 1 108 ? -17.526 1.370   4.925   1.00 48.19 ? 117 ASP A OD1 1 
ATOM   831 O  OD2 . ASP A 1 108 ? -17.473 0.719   2.816   1.00 54.88 ? 117 ASP A OD2 1 
ATOM   832 N  N   . LEU A 1 109 ? -13.730 -1.924  5.858   1.00 45.00 ? 118 LEU A N   1 
ATOM   833 C  CA  . LEU A 1 109 ? -13.167 -3.227  6.180   1.00 45.74 ? 118 LEU A CA  1 
ATOM   834 C  C   . LEU A 1 109 ? -12.578 -3.237  7.583   1.00 49.92 ? 118 LEU A C   1 
ATOM   835 O  O   . LEU A 1 109 ? -13.016 -4.001  8.449   1.00 54.42 ? 118 LEU A O   1 
ATOM   836 C  CB  . LEU A 1 109 ? -12.101 -3.612  5.145   1.00 46.90 ? 118 LEU A CB  1 
ATOM   837 C  CG  . LEU A 1 109 ? -11.245 -4.848  5.453   1.00 48.45 ? 118 LEU A CG  1 
ATOM   838 C  CD1 . LEU A 1 109 ? -12.095 -6.102  5.399   1.00 42.87 ? 118 LEU A CD1 1 
ATOM   839 C  CD2 . LEU A 1 109 ? -10.041 -4.963  4.512   1.00 52.48 ? 118 LEU A CD2 1 
ATOM   840 N  N   . LEU A 1 110 ? -11.585 -2.383  7.825   1.00 47.72 ? 119 LEU A N   1 
ATOM   841 C  CA  . LEU A 1 110 ? -10.817 -2.432  9.059   1.00 47.85 ? 119 LEU A CA  1 
ATOM   842 C  C   . LEU A 1 110 ? -11.535 -1.804  10.244  1.00 47.66 ? 119 LEU A C   1 
ATOM   843 O  O   . LEU A 1 110 ? -11.107 -2.017  11.385  1.00 49.05 ? 119 LEU A O   1 
ATOM   844 C  CB  . LEU A 1 110 ? -9.469  -1.755  8.825   1.00 49.77 ? 119 LEU A CB  1 
ATOM   845 C  CG  . LEU A 1 110 ? -8.700  -2.505  7.739   1.00 50.15 ? 119 LEU A CG  1 
ATOM   846 C  CD1 . LEU A 1 110 ? -7.561  -1.675  7.183   1.00 48.36 ? 119 LEU A CD1 1 
ATOM   847 C  CD2 . LEU A 1 110 ? -8.187  -3.812  8.325   1.00 46.73 ? 119 LEU A CD2 1 
ATOM   848 N  N   . LYS A 1 111 ? -12.610 -1.056  9.999   1.00 49.75 ? 120 LYS A N   1 
ATOM   849 C  CA  . LYS A 1 111 ? -13.394 -0.407  11.042  1.00 46.17 ? 120 LYS A CA  1 
ATOM   850 C  C   . LYS A 1 111 ? -12.481 0.306   12.029  1.00 47.40 ? 120 LYS A C   1 
ATOM   851 O  O   . LYS A 1 111 ? -11.671 1.145   11.620  1.00 45.33 ? 120 LYS A O   1 
ATOM   852 C  CB  . LYS A 1 111 ? -14.308 -1.428  11.731  1.00 50.45 ? 120 LYS A CB  1 
ATOM   853 C  CG  . LYS A 1 111 ? -15.619 -1.699  10.949  1.00 53.23 ? 120 LYS A CG  1 
ATOM   854 C  CD  . LYS A 1 111 ? -15.864 -3.185  10.653  1.00 53.98 ? 120 LYS A CD  1 
ATOM   855 C  CE  . LYS A 1 111 ? -17.204 -3.391  9.913   1.00 64.14 ? 120 LYS A CE  1 
ATOM   856 N  NZ  . LYS A 1 111 ? -17.520 -4.829  9.560   1.00 61.24 ? 120 LYS A NZ  1 
ATOM   857 N  N   . GLU A 1 112 ? -12.584 -0.030  13.319  1.00 52.67 ? 121 GLU A N   1 
ATOM   858 C  CA  . GLU A 1 112 ? -11.819 0.685   14.340  1.00 46.77 ? 121 GLU A CA  1 
ATOM   859 C  C   . GLU A 1 112 ? -10.314 0.479   14.213  1.00 46.72 ? 121 GLU A C   1 
ATOM   860 O  O   . GLU A 1 112 ? -9.554  1.188   14.878  1.00 47.32 ? 121 GLU A O   1 
ATOM   861 C  CB  . GLU A 1 112 ? -12.275 0.263   15.741  1.00 50.46 ? 121 GLU A CB  1 
ATOM   862 C  CG  . GLU A 1 112 ? -11.559 -0.952  16.310  1.00 49.27 ? 121 GLU A CG  1 
ATOM   863 C  CD  . GLU A 1 112 ? -12.221 -2.249  15.928  1.00 49.63 ? 121 GLU A CD  1 
ATOM   864 O  OE1 . GLU A 1 112 ? -13.440 -2.243  15.637  1.00 50.66 ? 121 GLU A OE1 1 
ATOM   865 O  OE2 . GLU A 1 112 ? -11.514 -3.278  15.923  1.00 56.55 ? 121 GLU A OE2 1 
ATOM   866 N  N   . LYS A 1 113 ? -9.862  -0.462  13.390  1.00 47.39 ? 122 LYS A N   1 
ATOM   867 C  CA  . LYS A 1 113 ? -8.436  -0.679  13.201  1.00 44.95 ? 122 LYS A CA  1 
ATOM   868 C  C   . LYS A 1 113 ? -7.819  0.254   12.157  1.00 47.07 ? 122 LYS A C   1 
ATOM   869 O  O   . LYS A 1 113 ? -6.598  0.236   11.983  1.00 44.66 ? 122 LYS A O   1 
ATOM   870 C  CB  . LYS A 1 113 ? -8.189  -2.143  12.827  1.00 47.12 ? 122 LYS A CB  1 
ATOM   871 C  CG  . LYS A 1 113 ? -7.891  -3.075  14.014  1.00 48.23 ? 122 LYS A CG  1 
ATOM   872 C  CD  . LYS A 1 113 ? -8.286  -4.534  13.729  1.00 49.62 ? 122 LYS A CD  1 
ATOM   873 C  CE  . LYS A 1 113 ? -7.300  -5.526  14.363  1.00 58.81 ? 122 LYS A CE  1 
ATOM   874 N  NZ  . LYS A 1 113 ? -7.003  -5.241  15.807  1.00 61.56 ? 122 LYS A NZ  1 
ATOM   875 N  N   . ALA A 1 114 ? -8.620  1.067   11.464  1.00 48.56 ? 123 ALA A N   1 
ATOM   876 C  CA  . ALA A 1 114 ? -8.079  2.014   10.498  1.00 44.54 ? 123 ALA A CA  1 
ATOM   877 C  C   . ALA A 1 114 ? -7.214  3.066   11.193  1.00 47.34 ? 123 ALA A C   1 
ATOM   878 O  O   . ALA A 1 114 ? -7.429  3.413   12.361  1.00 45.42 ? 123 ALA A O   1 
ATOM   879 C  CB  . ALA A 1 114 ? -9.207  2.693   9.717   1.00 38.05 ? 123 ALA A CB  1 
ATOM   880 N  N   . SER A 1 115 ? -6.223  3.571   10.448  1.00 47.33 ? 124 SER A N   1 
ATOM   881 C  CA  . SER A 1 115 ? -5.245  4.498   11.015  1.00 46.82 ? 124 SER A CA  1 
ATOM   882 C  C   . SER A 1 115 ? -5.885  5.799   11.475  1.00 45.00 ? 124 SER A C   1 
ATOM   883 O  O   . SER A 1 115 ? -5.392  6.433   12.414  1.00 45.80 ? 124 SER A O   1 
ATOM   884 C  CB  . SER A 1 115 ? -4.156  4.808   9.987   1.00 45.56 ? 124 SER A CB  1 
ATOM   885 O  OG  . SER A 1 115 ? -3.545  3.630   9.512   1.00 48.03 ? 124 SER A OG  1 
ATOM   886 N  N   . ILE A 1 116 ? -6.963  6.226   10.820  1.00 42.82 ? 125 ILE A N   1 
ATOM   887 C  CA  . ILE A 1 116 ? -7.540  7.534   11.100  1.00 44.45 ? 125 ILE A CA  1 
ATOM   888 C  C   . ILE A 1 116 ? -8.110  7.641   12.507  1.00 44.81 ? 125 ILE A C   1 
ATOM   889 O  O   . ILE A 1 116 ? -8.468  8.740   12.937  1.00 46.68 ? 125 ILE A O   1 
ATOM   890 C  CB  . ILE A 1 116 ? -8.599  7.843   10.020  1.00 42.38 ? 125 ILE A CB  1 
ATOM   891 C  CG1 . ILE A 1 116 ? -8.726  9.348   9.787   1.00 36.99 ? 125 ILE A CG1 1 
ATOM   892 C  CG2 . ILE A 1 116 ? -9.935  7.220   10.377  1.00 43.54 ? 125 ILE A CG2 1 
ATOM   893 C  CD1 . ILE A 1 116 ? -9.272  9.687   8.389   1.00 45.51 ? 125 ILE A CD1 1 
ATOM   894 N  N   . TYR A 1 117 ? -8.167  6.541   13.247  1.00 48.21 ? 126 TYR A N   1 
ATOM   895 C  CA  . TYR A 1 117 ? -8.807  6.487   14.549  1.00 49.50 ? 126 TYR A CA  1 
ATOM   896 C  C   . TYR A 1 117 ? -7.766  6.559   15.665  1.00 52.96 ? 126 TYR A C   1 
ATOM   897 O  O   . TYR A 1 117 ? -6.579  6.816   15.433  1.00 53.15 ? 126 TYR A O   1 
ATOM   898 C  CB  . TYR A 1 117 ? -9.652  5.211   14.659  1.00 47.74 ? 126 TYR A CB  1 
ATOM   899 C  CG  . TYR A 1 117 ? -10.933 5.222   13.852  1.00 46.86 ? 126 TYR A CG  1 
ATOM   900 C  CD1 . TYR A 1 117 ? -11.808 6.299   13.923  1.00 44.65 ? 126 TYR A CD1 1 
ATOM   901 C  CD2 . TYR A 1 117 ? -11.264 4.157   13.015  1.00 45.17 ? 126 TYR A CD2 1 
ATOM   902 C  CE1 . TYR A 1 117 ? -12.982 6.313   13.195  1.00 43.49 ? 126 TYR A CE1 1 
ATOM   903 C  CE2 . TYR A 1 117 ? -12.433 4.165   12.274  1.00 45.05 ? 126 TYR A CE2 1 
ATOM   904 C  CZ  . TYR A 1 117 ? -13.292 5.246   12.368  1.00 46.59 ? 126 TYR A CZ  1 
ATOM   905 O  OH  . TYR A 1 117 ? -14.472 5.259   11.641  1.00 41.87 ? 126 TYR A OH  1 
ATOM   906 N  N   . GLN A 1 118 ? -8.213  6.313   16.894  1.00 59.49 ? 127 GLN A N   1 
ATOM   907 C  CA  . GLN A 1 118 ? -7.337  6.337   18.060  1.00 62.41 ? 127 GLN A CA  1 
ATOM   908 C  C   . GLN A 1 118 ? -7.345  4.996   18.783  1.00 61.31 ? 127 GLN A C   1 
ATOM   909 O  O   . GLN A 1 118 ? -8.408  4.411   18.988  1.00 63.50 ? 127 GLN A O   1 
ATOM   910 C  CB  . GLN A 1 118 ? -7.773  7.446   19.018  1.00 65.82 ? 127 GLN A CB  1 
ATOM   911 C  CG  . GLN A 1 118 ? -7.990  8.799   18.347  1.00 65.66 ? 127 GLN A CG  1 
ATOM   912 C  CD  . GLN A 1 118 ? -8.657  9.798   19.267  1.00 65.66 ? 127 GLN A CD  1 
ATOM   913 O  OE1 . GLN A 1 118 ? -9.463  9.428   20.119  1.00 73.00 ? 127 GLN A OE1 1 
ATOM   914 N  NE2 . GLN A 1 118 ? -8.322  11.069  19.105  1.00 65.69 ? 127 GLN A NE2 1 
HETATM 915 ZN ZN  . ZN  B 2 .   ? 12.807  -8.993  2.844   1.00 39.28 ? 201 ZN  A ZN  1 
HETATM 916 ZN ZN  . ZN  C 2 .   ? -7.776  9.829   -9.869  1.00 43.65 ? 202 ZN  A ZN  1 
HETATM 917 ZN ZN  . ZN  D 2 .   ? 5.967   -1.506  -9.699  1.00 42.84 ? 203 ZN  A ZN  1 
HETATM 918 ZN ZN  . ZN  E 2 .   ? -7.277  1.954   2.220   1.00 41.06 ? 204 ZN  A ZN  1 
HETATM 919 O  O   . HOH F 3 .   ? -12.604 19.025  -7.842  1.00 50.54 ? 301 HOH A O   1 
HETATM 920 O  O   . HOH F 3 .   ? 0.435   3.676   2.261   1.00 40.76 ? 302 HOH A O   1 
HETATM 921 O  O   . HOH F 3 .   ? 0.045   -7.016  -6.426  1.00 47.18 ? 303 HOH A O   1 
HETATM 922 O  O   . HOH F 3 .   ? -4.155  2.595   -5.956  1.00 35.99 ? 304 HOH A O   1 
HETATM 923 O  O   . HOH F 3 .   ? -11.425 2.802   -11.870 1.00 37.39 ? 305 HOH A O   1 
HETATM 924 O  O   . HOH F 3 .   ? -0.892  -0.185  -4.497  1.00 35.92 ? 306 HOH A O   1 
HETATM 925 O  O   . HOH F 3 .   ? -3.522  -6.550  -12.103 1.00 45.93 ? 307 HOH A O   1 
HETATM 926 O  O   . HOH F 3 .   ? -12.024 8.586   4.276   1.00 48.39 ? 308 HOH A O   1 
HETATM 927 O  O   . HOH F 3 .   ? -12.412 3.373   -4.788  1.00 47.16 ? 309 HOH A O   1 
HETATM 928 O  O   . HOH F 3 .   ? -6.636  -6.787  4.950   1.00 42.83 ? 310 HOH A O   1 
# 
loop_
_pdbx_poly_seq_scheme.asym_id 
_pdbx_poly_seq_scheme.entity_id 
_pdbx_poly_seq_scheme.seq_id 
_pdbx_poly_seq_scheme.mon_id 
_pdbx_poly_seq_scheme.ndb_seq_num 
_pdbx_poly_seq_scheme.pdb_seq_num 
_pdbx_poly_seq_scheme.auth_seq_num 
_pdbx_poly_seq_scheme.pdb_mon_id 
_pdbx_poly_seq_scheme.auth_mon_id 
_pdbx_poly_seq_scheme.pdb_strand_id 
_pdbx_poly_seq_scheme.pdb_ins_code 
_pdbx_poly_seq_scheme.hetero 
A 1 1   SER 1   10  10  SER SER A . n 
A 1 2   ASN 2   11  11  ASN ASN A . n 
A 1 3   ASN 3   12  12  ASN ASN A . n 
A 1 4   TYR 4   13  13  TYR TYR A . n 
A 1 5   CYS 5   14  14  CYS CYS A . n 
A 1 6   ASP 6   15  15  ASP ASP A . n 
A 1 7   PHE 7   16  16  PHE PHE A . n 
A 1 8   CYS 8   17  17  CYS CYS A . n 
A 1 9   LEU 9   18  18  LEU LEU A . n 
A 1 10  GLY 10  19  19  GLY GLY A . n 
A 1 11  ASP 11  20  20  ASP ASP A . n 
A 1 12  SER 12  21  21  SER SER A . n 
A 1 13  LYS 13  22  22  LYS LYS A . n 
A 1 14  ILE 14  23  23  ILE ILE A . n 
A 1 15  ASN 15  24  24  ASN ASN A . n 
A 1 16  LYS 16  25  25  LYS LYS A . n 
A 1 17  LYS 17  26  26  LYS LYS A . n 
A 1 18  THR 18  27  27  THR THR A . n 
A 1 19  GLY 19  28  28  GLY GLY A . n 
A 1 20  GLN 20  29  29  GLN GLN A . n 
A 1 21  PRO 21  30  30  PRO PRO A . n 
A 1 22  GLU 22  31  31  GLU GLU A . n 
A 1 23  GLU 23  32  32  GLU GLU A . n 
A 1 24  LEU 24  33  33  LEU LEU A . n 
A 1 25  VAL 25  34  34  VAL VAL A . n 
A 1 26  SER 26  35  35  SER SER A . n 
A 1 27  CYS 27  36  36  CYS CYS A . n 
A 1 28  SER 28  37  37  SER SER A . n 
A 1 29  ASP 29  38  38  ASP ASP A . n 
A 1 30  CYS 30  39  39  CYS CYS A . n 
A 1 31  GLY 31  40  40  GLY GLY A . n 
A 1 32  ARG 32  41  41  ARG ARG A . n 
A 1 33  SER 33  42  42  SER SER A . n 
A 1 34  GLY 34  43  43  GLY GLY A . n 
A 1 35  HIS 35  44  44  HIS HIS A . n 
A 1 36  PRO 36  45  45  PRO PRO A . n 
A 1 37  SER 37  46  46  SER SER A . n 
A 1 38  CYS 38  47  47  CYS CYS A . n 
A 1 39  LEU 39  48  48  LEU LEU A . n 
A 1 40  GLN 40  49  49  GLN GLN A . n 
A 1 41  PHE 41  50  50  PHE PHE A . n 
A 1 42  THR 42  51  51  THR THR A . n 
A 1 43  PRO 43  52  52  PRO PRO A . n 
A 1 44  VAL 44  53  53  VAL VAL A . n 
A 1 45  MET 45  54  54  MET MET A . n 
A 1 46  MET 46  55  55  MET MET A . n 
A 1 47  ALA 47  56  56  ALA ALA A . n 
A 1 48  ALA 48  57  57  ALA ALA A . n 
A 1 49  VAL 49  58  58  VAL VAL A . n 
A 1 50  LYS 50  59  59  LYS LYS A . n 
A 1 51  THR 51  60  60  THR THR A . n 
A 1 52  TYR 52  61  61  TYR TYR A . n 
A 1 53  ARG 53  62  62  ARG ARG A . n 
A 1 54  TRP 54  63  63  TRP TRP A . n 
A 1 55  GLN 55  64  64  GLN GLN A . n 
A 1 56  CYS 56  65  65  CYS CYS A . n 
A 1 57  ILE 57  66  66  ILE ILE A . n 
A 1 58  GLU 58  67  67  GLU GLU A . n 
A 1 59  CYS 59  68  68  CYS CYS A . n 
A 1 60  LYS 60  69  69  LYS LYS A . n 
A 1 61  CYS 61  70  70  CYS CYS A . n 
A 1 62  CYS 62  71  71  CYS CYS A . n 
A 1 63  ASN 63  72  72  ASN ASN A . n 
A 1 64  ILE 64  73  73  ILE ILE A . n 
A 1 65  CYS 65  74  74  CYS CYS A . n 
A 1 66  GLY 66  75  75  GLY GLY A . n 
A 1 67  THR 67  76  76  THR THR A . n 
A 1 68  SER 68  77  77  SER SER A . n 
A 1 69  GLU 69  78  78  GLU GLU A . n 
A 1 70  ASN 70  79  79  ASN ASN A . n 
A 1 71  ASP 71  80  80  ASP ASP A . n 
A 1 72  ASP 72  81  81  ASP ASP A . n 
A 1 73  GLN 73  82  82  GLN GLN A . n 
A 1 74  LEU 74  83  83  LEU LEU A . n 
A 1 75  LEU 75  84  84  LEU LEU A . n 
A 1 76  PHE 76  85  85  PHE PHE A . n 
A 1 77  CYS 77  86  86  CYS CYS A . n 
A 1 78  ASP 78  87  87  ASP ASP A . n 
A 1 79  ASP 79  88  88  ASP ASP A . n 
A 1 80  CYS 80  89  89  CYS CYS A . n 
A 1 81  ASP 81  90  90  ASP ASP A . n 
A 1 82  ARG 82  91  91  ARG ARG A . n 
A 1 83  GLY 83  92  92  GLY GLY A . n 
A 1 84  TYR 84  93  93  TYR TYR A . n 
A 1 85  HIS 85  94  94  HIS HIS A . n 
A 1 86  MET 86  95  95  MET MET A . n 
A 1 87  TYR 87  96  96  TYR TYR A . n 
A 1 88  CYS 88  97  97  CYS CYS A . n 
A 1 89  LEU 89  98  98  LEU LEU A . n 
A 1 90  THR 90  99  99  THR THR A . n 
A 1 91  PRO 91  100 100 PRO PRO A . n 
A 1 92  SER 92  101 101 SER SER A . n 
A 1 93  MET 93  102 102 MET MET A . n 
A 1 94  SER 94  103 103 SER SER A . n 
A 1 95  GLU 95  104 104 GLU GLU A . n 
A 1 96  PRO 96  105 105 PRO PRO A . n 
A 1 97  PRO 97  106 106 PRO PRO A . n 
A 1 98  GLU 98  107 107 GLU GLU A . n 
A 1 99  GLY 99  108 108 GLY GLY A . n 
A 1 100 SER 100 109 109 SER SER A . n 
A 1 101 TRP 101 110 110 TRP TRP A . n 
A 1 102 SER 102 111 111 SER SER A . n 
A 1 103 CYS 103 112 112 CYS CYS A . n 
A 1 104 HIS 104 113 113 HIS HIS A . n 
A 1 105 LEU 105 114 114 LEU LEU A . n 
A 1 106 CYS 106 115 115 CYS CYS A . n 
A 1 107 LEU 107 116 116 LEU LEU A . n 
A 1 108 ASP 108 117 117 ASP ASP A . n 
A 1 109 LEU 109 118 118 LEU LEU A . n 
A 1 110 LEU 110 119 119 LEU LEU A . n 
A 1 111 LYS 111 120 120 LYS LYS A . n 
A 1 112 GLU 112 121 121 GLU GLU A . n 
A 1 113 LYS 113 122 122 LYS LYS A . n 
A 1 114 ALA 114 123 123 ALA ALA A . n 
A 1 115 SER 115 124 124 SER SER A . n 
A 1 116 ILE 116 125 125 ILE ILE A . n 
A 1 117 TYR 117 126 126 TYR TYR A . n 
A 1 118 GLN 118 127 127 GLN GLN A . n 
A 1 119 ASN 119 128 ?   ?   ?   A . n 
A 1 120 GLN 120 129 ?   ?   ?   A . n 
A 1 121 ASN 121 130 ?   ?   ?   A . n 
A 1 122 SER 122 131 ?   ?   ?   A . n 
A 1 123 SER 123 132 ?   ?   ?   A . n 
# 
loop_
_pdbx_nonpoly_scheme.asym_id 
_pdbx_nonpoly_scheme.entity_id 
_pdbx_nonpoly_scheme.mon_id 
_pdbx_nonpoly_scheme.ndb_seq_num 
_pdbx_nonpoly_scheme.pdb_seq_num 
_pdbx_nonpoly_scheme.auth_seq_num 
_pdbx_nonpoly_scheme.pdb_mon_id 
_pdbx_nonpoly_scheme.auth_mon_id 
_pdbx_nonpoly_scheme.pdb_strand_id 
_pdbx_nonpoly_scheme.pdb_ins_code 
B 2 ZN  1  201 1  ZN  ZN  A . 
C 2 ZN  1  202 2  ZN  ZN  A . 
D 2 ZN  1  203 3  ZN  ZN  A . 
E 2 ZN  1  204 4  ZN  ZN  A . 
F 3 HOH 1  301 8  HOH HOH A . 
F 3 HOH 2  302 1  HOH HOH A . 
F 3 HOH 3  303 10 HOH HOH A . 
F 3 HOH 4  304 3  HOH HOH A . 
F 3 HOH 5  305 12 HOH HOH A . 
F 3 HOH 6  306 2  HOH HOH A . 
F 3 HOH 7  307 5  HOH HOH A . 
F 3 HOH 8  308 9  HOH HOH A . 
F 3 HOH 9  309 11 HOH HOH A . 
F 3 HOH 10 310 13 HOH HOH A . 
# 
_pdbx_struct_assembly.id                   1 
_pdbx_struct_assembly.details              author_defined_assembly 
_pdbx_struct_assembly.method_details       ? 
_pdbx_struct_assembly.oligomeric_details   monomeric 
_pdbx_struct_assembly.oligomeric_count     1 
# 
_pdbx_struct_assembly_gen.assembly_id       1 
_pdbx_struct_assembly_gen.oper_expression   1 
_pdbx_struct_assembly_gen.asym_id_list      A,B,C,D,E,F 
# 
loop_
_pdbx_struct_assembly_prop.biol_id 
_pdbx_struct_assembly_prop.type 
_pdbx_struct_assembly_prop.value 
_pdbx_struct_assembly_prop.details 
1 'ABSA (A^2)' 0    ? 
1 MORE         0    ? 
1 'SSA (A^2)'  7600 ? 
# 
_pdbx_struct_oper_list.id                   1 
_pdbx_struct_oper_list.type                 'identity operation' 
_pdbx_struct_oper_list.name                 1_555 
_pdbx_struct_oper_list.symmetry_operation   x,y,z 
_pdbx_struct_oper_list.matrix[1][1]         1.0000000000 
_pdbx_struct_oper_list.matrix[1][2]         0.0000000000 
_pdbx_struct_oper_list.matrix[1][3]         0.0000000000 
_pdbx_struct_oper_list.vector[1]            0.0000000000 
_pdbx_struct_oper_list.matrix[2][1]         0.0000000000 
_pdbx_struct_oper_list.matrix[2][2]         1.0000000000 
_pdbx_struct_oper_list.matrix[2][3]         0.0000000000 
_pdbx_struct_oper_list.vector[2]            0.0000000000 
_pdbx_struct_oper_list.matrix[3][1]         0.0000000000 
_pdbx_struct_oper_list.matrix[3][2]         0.0000000000 
_pdbx_struct_oper_list.matrix[3][3]         1.0000000000 
_pdbx_struct_oper_list.vector[3]            0.0000000000 
# 
loop_
_pdbx_struct_conn_angle.id 
_pdbx_struct_conn_angle.ptnr1_label_atom_id 
_pdbx_struct_conn_angle.ptnr1_label_alt_id 
_pdbx_struct_conn_angle.ptnr1_label_asym_id 
_pdbx_struct_conn_angle.ptnr1_label_comp_id 
_pdbx_struct_conn_angle.ptnr1_label_seq_id 
_pdbx_struct_conn_angle.ptnr1_auth_atom_id 
_pdbx_struct_conn_angle.ptnr1_auth_asym_id 
_pdbx_struct_conn_angle.ptnr1_auth_comp_id 
_pdbx_struct_conn_angle.ptnr1_auth_seq_id 
_pdbx_struct_conn_angle.ptnr1_PDB_ins_code 
_pdbx_struct_conn_angle.ptnr1_symmetry 
_pdbx_struct_conn_angle.ptnr2_label_atom_id 
_pdbx_struct_conn_angle.ptnr2_label_alt_id 
_pdbx_struct_conn_angle.ptnr2_label_asym_id 
_pdbx_struct_conn_angle.ptnr2_label_comp_id 
_pdbx_struct_conn_angle.ptnr2_label_seq_id 
_pdbx_struct_conn_angle.ptnr2_auth_atom_id 
_pdbx_struct_conn_angle.ptnr2_auth_asym_id 
_pdbx_struct_conn_angle.ptnr2_auth_comp_id 
_pdbx_struct_conn_angle.ptnr2_auth_seq_id 
_pdbx_struct_conn_angle.ptnr2_PDB_ins_code 
_pdbx_struct_conn_angle.ptnr2_symmetry 
_pdbx_struct_conn_angle.ptnr3_label_atom_id 
_pdbx_struct_conn_angle.ptnr3_label_alt_id 
_pdbx_struct_conn_angle.ptnr3_label_asym_id 
_pdbx_struct_conn_angle.ptnr3_label_comp_id 
_pdbx_struct_conn_angle.ptnr3_label_seq_id 
_pdbx_struct_conn_angle.ptnr3_auth_atom_id 
_pdbx_struct_conn_angle.ptnr3_auth_asym_id 
_pdbx_struct_conn_angle.ptnr3_auth_comp_id 
_pdbx_struct_conn_angle.ptnr3_auth_seq_id 
_pdbx_struct_conn_angle.ptnr3_PDB_ins_code 
_pdbx_struct_conn_angle.ptnr3_symmetry 
_pdbx_struct_conn_angle.value 
_pdbx_struct_conn_angle.value_esd 
1  SG  ? A CYS 5   ? A CYS 14  ? 1_555 ZN ? B ZN . ? A ZN 201 ? 1_555 SG  ? A CYS 8   ? A CYS 17  ? 1_555 108.0 ? 
2  SG  ? A CYS 5   ? A CYS 14  ? 1_555 ZN ? B ZN . ? A ZN 201 ? 1_555 ND1 ? A HIS 35  ? A HIS 44  ? 1_555 96.2  ? 
3  SG  ? A CYS 8   ? A CYS 17  ? 1_555 ZN ? B ZN . ? A ZN 201 ? 1_555 ND1 ? A HIS 35  ? A HIS 44  ? 1_555 103.3 ? 
4  SG  ? A CYS 5   ? A CYS 14  ? 1_555 ZN ? B ZN . ? A ZN 201 ? 1_555 SG  ? A CYS 38  ? A CYS 47  ? 1_555 110.7 ? 
5  SG  ? A CYS 8   ? A CYS 17  ? 1_555 ZN ? B ZN . ? A ZN 201 ? 1_555 SG  ? A CYS 38  ? A CYS 47  ? 1_555 116.7 ? 
6  ND1 ? A HIS 35  ? A HIS 44  ? 1_555 ZN ? B ZN . ? A ZN 201 ? 1_555 SG  ? A CYS 38  ? A CYS 47  ? 1_555 119.6 ? 
7  SG  ? A CYS 27  ? A CYS 36  ? 1_555 ZN ? D ZN . ? A ZN 203 ? 1_555 SG  ? A CYS 30  ? A CYS 39  ? 1_555 104.4 ? 
8  SG  ? A CYS 27  ? A CYS 36  ? 1_555 ZN ? D ZN . ? A ZN 203 ? 1_555 SG  ? A CYS 56  ? A CYS 65  ? 1_555 112.8 ? 
9  SG  ? A CYS 30  ? A CYS 39  ? 1_555 ZN ? D ZN . ? A ZN 203 ? 1_555 SG  ? A CYS 56  ? A CYS 65  ? 1_555 120.3 ? 
10 SG  ? A CYS 27  ? A CYS 36  ? 1_555 ZN ? D ZN . ? A ZN 203 ? 1_555 SG  ? A CYS 59  ? A CYS 68  ? 1_555 102.0 ? 
11 SG  ? A CYS 30  ? A CYS 39  ? 1_555 ZN ? D ZN . ? A ZN 203 ? 1_555 SG  ? A CYS 59  ? A CYS 68  ? 1_555 103.3 ? 
12 SG  ? A CYS 56  ? A CYS 65  ? 1_555 ZN ? D ZN . ? A ZN 203 ? 1_555 SG  ? A CYS 59  ? A CYS 68  ? 1_555 112.1 ? 
13 SG  ? A CYS 62  ? A CYS 71  ? 1_555 ZN ? C ZN . ? A ZN 202 ? 1_555 SG  ? A CYS 65  ? A CYS 74  ? 1_555 108.5 ? 
14 SG  ? A CYS 62  ? A CYS 71  ? 1_555 ZN ? C ZN . ? A ZN 202 ? 1_555 ND1 ? A HIS 85  ? A HIS 94  ? 1_555 104.1 ? 
15 SG  ? A CYS 65  ? A CYS 74  ? 1_555 ZN ? C ZN . ? A ZN 202 ? 1_555 ND1 ? A HIS 85  ? A HIS 94  ? 1_555 93.4  ? 
16 SG  ? A CYS 62  ? A CYS 71  ? 1_555 ZN ? C ZN . ? A ZN 202 ? 1_555 SG  ? A CYS 88  ? A CYS 97  ? 1_555 115.1 ? 
17 SG  ? A CYS 65  ? A CYS 74  ? 1_555 ZN ? C ZN . ? A ZN 202 ? 1_555 SG  ? A CYS 88  ? A CYS 97  ? 1_555 114.5 ? 
18 ND1 ? A HIS 85  ? A HIS 94  ? 1_555 ZN ? C ZN . ? A ZN 202 ? 1_555 SG  ? A CYS 88  ? A CYS 97  ? 1_555 118.8 ? 
19 SG  ? A CYS 77  ? A CYS 86  ? 1_555 ZN ? E ZN . ? A ZN 204 ? 1_555 SG  ? A CYS 80  ? A CYS 89  ? 1_555 100.5 ? 
20 SG  ? A CYS 77  ? A CYS 86  ? 1_555 ZN ? E ZN . ? A ZN 204 ? 1_555 SG  ? A CYS 103 ? A CYS 112 ? 1_555 104.7 ? 
21 SG  ? A CYS 80  ? A CYS 89  ? 1_555 ZN ? E ZN . ? A ZN 204 ? 1_555 SG  ? A CYS 103 ? A CYS 112 ? 1_555 111.1 ? 
22 SG  ? A CYS 77  ? A CYS 86  ? 1_555 ZN ? E ZN . ? A ZN 204 ? 1_555 SG  ? A CYS 106 ? A CYS 115 ? 1_555 113.4 ? 
23 SG  ? A CYS 80  ? A CYS 89  ? 1_555 ZN ? E ZN . ? A ZN 204 ? 1_555 SG  ? A CYS 106 ? A CYS 115 ? 1_555 111.5 ? 
24 SG  ? A CYS 103 ? A CYS 112 ? 1_555 ZN ? E ZN . ? A ZN 204 ? 1_555 SG  ? A CYS 106 ? A CYS 115 ? 1_555 114.6 ? 
# 
loop_
_pdbx_audit_revision_history.ordinal 
_pdbx_audit_revision_history.data_content_type 
_pdbx_audit_revision_history.major_revision 
_pdbx_audit_revision_history.minor_revision 
_pdbx_audit_revision_history.revision_date 
1 'Structure model' 1 0 2016-10-26 
2 'Structure model' 1 1 2016-11-30 
3 'Structure model' 1 2 2023-11-08 
# 
_pdbx_audit_revision_details.ordinal             1 
_pdbx_audit_revision_details.revision_ordinal    1 
_pdbx_audit_revision_details.data_content_type   'Structure model' 
_pdbx_audit_revision_details.provider            repository 
_pdbx_audit_revision_details.type                'Initial release' 
_pdbx_audit_revision_details.description         ? 
_pdbx_audit_revision_details.details             ? 
# 
loop_
_pdbx_audit_revision_group.ordinal 
_pdbx_audit_revision_group.revision_ordinal 
_pdbx_audit_revision_group.data_content_type 
_pdbx_audit_revision_group.group 
1 2 'Structure model' 'Database references'    
2 3 'Structure model' 'Data collection'        
3 3 'Structure model' 'Database references'    
4 3 'Structure model' 'Refinement description' 
# 
loop_
_pdbx_audit_revision_category.ordinal 
_pdbx_audit_revision_category.revision_ordinal 
_pdbx_audit_revision_category.data_content_type 
_pdbx_audit_revision_category.category 
1 3 'Structure model' chem_comp_atom                
2 3 'Structure model' chem_comp_bond                
3 3 'Structure model' database_2                    
4 3 'Structure model' pdbx_initial_refinement_model 
# 
loop_
_pdbx_audit_revision_item.ordinal 
_pdbx_audit_revision_item.revision_ordinal 
_pdbx_audit_revision_item.data_content_type 
_pdbx_audit_revision_item.item 
1 3 'Structure model' '_database_2.pdbx_DOI'                
2 3 'Structure model' '_database_2.pdbx_database_accession' 
# 
loop_
_software.citation_id 
_software.classification 
_software.compiler_name 
_software.compiler_version 
_software.contact_author 
_software.contact_author_email 
_software.date 
_software.description 
_software.dependencies 
_software.hardware 
_software.language 
_software.location 
_software.mods 
_software.name 
_software.os 
_software.os_version 
_software.type 
_software.version 
_software.pdbx_ordinal 
? refinement        ? ? ? ? ? ? ? ? ? ? ? PHENIX   ? ? ? '(1.10_2155: ???)' 1 
? 'data processing' ? ? ? ? ? ? ? ? ? ? ? HKL-2000 ? ? ? .                  2 
? 'model building'  ? ? ? ? ? ? ? ? ? ? ? Coot     ? ? ? .                  3 
? phasing           ? ? ? ? ? ? ? ? ? ? ? PHASER   ? ? ? .                  4 
# 
loop_
_pdbx_validate_torsion.id 
_pdbx_validate_torsion.PDB_model_num 
_pdbx_validate_torsion.auth_comp_id 
_pdbx_validate_torsion.auth_asym_id 
_pdbx_validate_torsion.auth_seq_id 
_pdbx_validate_torsion.PDB_ins_code 
_pdbx_validate_torsion.label_alt_id 
_pdbx_validate_torsion.phi 
_pdbx_validate_torsion.psi 
1 1 ASP A 38  ? ? -109.56 -64.14  
2 1 LYS A 120 ? ? 46.92   -123.54 
# 
loop_
_pdbx_unobs_or_zero_occ_residues.id 
_pdbx_unobs_or_zero_occ_residues.PDB_model_num 
_pdbx_unobs_or_zero_occ_residues.polymer_flag 
_pdbx_unobs_or_zero_occ_residues.occupancy_flag 
_pdbx_unobs_or_zero_occ_residues.auth_asym_id 
_pdbx_unobs_or_zero_occ_residues.auth_comp_id 
_pdbx_unobs_or_zero_occ_residues.auth_seq_id 
_pdbx_unobs_or_zero_occ_residues.PDB_ins_code 
_pdbx_unobs_or_zero_occ_residues.label_asym_id 
_pdbx_unobs_or_zero_occ_residues.label_comp_id 
_pdbx_unobs_or_zero_occ_residues.label_seq_id 
1 1 Y 1 A ASN 128 ? A ASN 119 
2 1 Y 1 A GLN 129 ? A GLN 120 
3 1 Y 1 A ASN 130 ? A ASN 121 
4 1 Y 1 A SER 131 ? A SER 122 
5 1 Y 1 A SER 132 ? A SER 123 
# 
loop_
_chem_comp_atom.comp_id 
_chem_comp_atom.atom_id 
_chem_comp_atom.type_symbol 
_chem_comp_atom.pdbx_aromatic_flag 
_chem_comp_atom.pdbx_stereo_config 
_chem_comp_atom.pdbx_ordinal 
ALA N    N  N N 1   
ALA CA   C  N S 2   
ALA C    C  N N 3   
ALA O    O  N N 4   
ALA CB   C  N N 5   
ALA OXT  O  N N 6   
ALA H    H  N N 7   
ALA H2   H  N N 8   
ALA HA   H  N N 9   
ALA HB1  H  N N 10  
ALA HB2  H  N N 11  
ALA HB3  H  N N 12  
ALA HXT  H  N N 13  
ARG N    N  N N 14  
ARG CA   C  N S 15  
ARG C    C  N N 16  
ARG O    O  N N 17  
ARG CB   C  N N 18  
ARG CG   C  N N 19  
ARG CD   C  N N 20  
ARG NE   N  N N 21  
ARG CZ   C  N N 22  
ARG NH1  N  N N 23  
ARG NH2  N  N N 24  
ARG OXT  O  N N 25  
ARG H    H  N N 26  
ARG H2   H  N N 27  
ARG HA   H  N N 28  
ARG HB2  H  N N 29  
ARG HB3  H  N N 30  
ARG HG2  H  N N 31  
ARG HG3  H  N N 32  
ARG HD2  H  N N 33  
ARG HD3  H  N N 34  
ARG HE   H  N N 35  
ARG HH11 H  N N 36  
ARG HH12 H  N N 37  
ARG HH21 H  N N 38  
ARG HH22 H  N N 39  
ARG HXT  H  N N 40  
ASN N    N  N N 41  
ASN CA   C  N S 42  
ASN C    C  N N 43  
ASN O    O  N N 44  
ASN CB   C  N N 45  
ASN CG   C  N N 46  
ASN OD1  O  N N 47  
ASN ND2  N  N N 48  
ASN OXT  O  N N 49  
ASN H    H  N N 50  
ASN H2   H  N N 51  
ASN HA   H  N N 52  
ASN HB2  H  N N 53  
ASN HB3  H  N N 54  
ASN HD21 H  N N 55  
ASN HD22 H  N N 56  
ASN HXT  H  N N 57  
ASP N    N  N N 58  
ASP CA   C  N S 59  
ASP C    C  N N 60  
ASP O    O  N N 61  
ASP CB   C  N N 62  
ASP CG   C  N N 63  
ASP OD1  O  N N 64  
ASP OD2  O  N N 65  
ASP OXT  O  N N 66  
ASP H    H  N N 67  
ASP H2   H  N N 68  
ASP HA   H  N N 69  
ASP HB2  H  N N 70  
ASP HB3  H  N N 71  
ASP HD2  H  N N 72  
ASP HXT  H  N N 73  
CYS N    N  N N 74  
CYS CA   C  N R 75  
CYS C    C  N N 76  
CYS O    O  N N 77  
CYS CB   C  N N 78  
CYS SG   S  N N 79  
CYS OXT  O  N N 80  
CYS H    H  N N 81  
CYS H2   H  N N 82  
CYS HA   H  N N 83  
CYS HB2  H  N N 84  
CYS HB3  H  N N 85  
CYS HG   H  N N 86  
CYS HXT  H  N N 87  
GLN N    N  N N 88  
GLN CA   C  N S 89  
GLN C    C  N N 90  
GLN O    O  N N 91  
GLN CB   C  N N 92  
GLN CG   C  N N 93  
GLN CD   C  N N 94  
GLN OE1  O  N N 95  
GLN NE2  N  N N 96  
GLN OXT  O  N N 97  
GLN H    H  N N 98  
GLN H2   H  N N 99  
GLN HA   H  N N 100 
GLN HB2  H  N N 101 
GLN HB3  H  N N 102 
GLN HG2  H  N N 103 
GLN HG3  H  N N 104 
GLN HE21 H  N N 105 
GLN HE22 H  N N 106 
GLN HXT  H  N N 107 
GLU N    N  N N 108 
GLU CA   C  N S 109 
GLU C    C  N N 110 
GLU O    O  N N 111 
GLU CB   C  N N 112 
GLU CG   C  N N 113 
GLU CD   C  N N 114 
GLU OE1  O  N N 115 
GLU OE2  O  N N 116 
GLU OXT  O  N N 117 
GLU H    H  N N 118 
GLU H2   H  N N 119 
GLU HA   H  N N 120 
GLU HB2  H  N N 121 
GLU HB3  H  N N 122 
GLU HG2  H  N N 123 
GLU HG3  H  N N 124 
GLU HE2  H  N N 125 
GLU HXT  H  N N 126 
GLY N    N  N N 127 
GLY CA   C  N N 128 
GLY C    C  N N 129 
GLY O    O  N N 130 
GLY OXT  O  N N 131 
GLY H    H  N N 132 
GLY H2   H  N N 133 
GLY HA2  H  N N 134 
GLY HA3  H  N N 135 
GLY HXT  H  N N 136 
HIS N    N  N N 137 
HIS CA   C  N S 138 
HIS C    C  N N 139 
HIS O    O  N N 140 
HIS CB   C  N N 141 
HIS CG   C  Y N 142 
HIS ND1  N  Y N 143 
HIS CD2  C  Y N 144 
HIS CE1  C  Y N 145 
HIS NE2  N  Y N 146 
HIS OXT  O  N N 147 
HIS H    H  N N 148 
HIS H2   H  N N 149 
HIS HA   H  N N 150 
HIS HB2  H  N N 151 
HIS HB3  H  N N 152 
HIS HD1  H  N N 153 
HIS HD2  H  N N 154 
HIS HE1  H  N N 155 
HIS HE2  H  N N 156 
HIS HXT  H  N N 157 
HOH O    O  N N 158 
HOH H1   H  N N 159 
HOH H2   H  N N 160 
ILE N    N  N N 161 
ILE CA   C  N S 162 
ILE C    C  N N 163 
ILE O    O  N N 164 
ILE CB   C  N S 165 
ILE CG1  C  N N 166 
ILE CG2  C  N N 167 
ILE CD1  C  N N 168 
ILE OXT  O  N N 169 
ILE H    H  N N 170 
ILE H2   H  N N 171 
ILE HA   H  N N 172 
ILE HB   H  N N 173 
ILE HG12 H  N N 174 
ILE HG13 H  N N 175 
ILE HG21 H  N N 176 
ILE HG22 H  N N 177 
ILE HG23 H  N N 178 
ILE HD11 H  N N 179 
ILE HD12 H  N N 180 
ILE HD13 H  N N 181 
ILE HXT  H  N N 182 
LEU N    N  N N 183 
LEU CA   C  N S 184 
LEU C    C  N N 185 
LEU O    O  N N 186 
LEU CB   C  N N 187 
LEU CG   C  N N 188 
LEU CD1  C  N N 189 
LEU CD2  C  N N 190 
LEU OXT  O  N N 191 
LEU H    H  N N 192 
LEU H2   H  N N 193 
LEU HA   H  N N 194 
LEU HB2  H  N N 195 
LEU HB3  H  N N 196 
LEU HG   H  N N 197 
LEU HD11 H  N N 198 
LEU HD12 H  N N 199 
LEU HD13 H  N N 200 
LEU HD21 H  N N 201 
LEU HD22 H  N N 202 
LEU HD23 H  N N 203 
LEU HXT  H  N N 204 
LYS N    N  N N 205 
LYS CA   C  N S 206 
LYS C    C  N N 207 
LYS O    O  N N 208 
LYS CB   C  N N 209 
LYS CG   C  N N 210 
LYS CD   C  N N 211 
LYS CE   C  N N 212 
LYS NZ   N  N N 213 
LYS OXT  O  N N 214 
LYS H    H  N N 215 
LYS H2   H  N N 216 
LYS HA   H  N N 217 
LYS HB2  H  N N 218 
LYS HB3  H  N N 219 
LYS HG2  H  N N 220 
LYS HG3  H  N N 221 
LYS HD2  H  N N 222 
LYS HD3  H  N N 223 
LYS HE2  H  N N 224 
LYS HE3  H  N N 225 
LYS HZ1  H  N N 226 
LYS HZ2  H  N N 227 
LYS HZ3  H  N N 228 
LYS HXT  H  N N 229 
MET N    N  N N 230 
MET CA   C  N S 231 
MET C    C  N N 232 
MET O    O  N N 233 
MET CB   C  N N 234 
MET CG   C  N N 235 
MET SD   S  N N 236 
MET CE   C  N N 237 
MET OXT  O  N N 238 
MET H    H  N N 239 
MET H2   H  N N 240 
MET HA   H  N N 241 
MET HB2  H  N N 242 
MET HB3  H  N N 243 
MET HG2  H  N N 244 
MET HG3  H  N N 245 
MET HE1  H  N N 246 
MET HE2  H  N N 247 
MET HE3  H  N N 248 
MET HXT  H  N N 249 
PHE N    N  N N 250 
PHE CA   C  N S 251 
PHE C    C  N N 252 
PHE O    O  N N 253 
PHE CB   C  N N 254 
PHE CG   C  Y N 255 
PHE CD1  C  Y N 256 
PHE CD2  C  Y N 257 
PHE CE1  C  Y N 258 
PHE CE2  C  Y N 259 
PHE CZ   C  Y N 260 
PHE OXT  O  N N 261 
PHE H    H  N N 262 
PHE H2   H  N N 263 
PHE HA   H  N N 264 
PHE HB2  H  N N 265 
PHE HB3  H  N N 266 
PHE HD1  H  N N 267 
PHE HD2  H  N N 268 
PHE HE1  H  N N 269 
PHE HE2  H  N N 270 
PHE HZ   H  N N 271 
PHE HXT  H  N N 272 
PRO N    N  N N 273 
PRO CA   C  N S 274 
PRO C    C  N N 275 
PRO O    O  N N 276 
PRO CB   C  N N 277 
PRO CG   C  N N 278 
PRO CD   C  N N 279 
PRO OXT  O  N N 280 
PRO H    H  N N 281 
PRO HA   H  N N 282 
PRO HB2  H  N N 283 
PRO HB3  H  N N 284 
PRO HG2  H  N N 285 
PRO HG3  H  N N 286 
PRO HD2  H  N N 287 
PRO HD3  H  N N 288 
PRO HXT  H  N N 289 
SER N    N  N N 290 
SER CA   C  N S 291 
SER C    C  N N 292 
SER O    O  N N 293 
SER CB   C  N N 294 
SER OG   O  N N 295 
SER OXT  O  N N 296 
SER H    H  N N 297 
SER H2   H  N N 298 
SER HA   H  N N 299 
SER HB2  H  N N 300 
SER HB3  H  N N 301 
SER HG   H  N N 302 
SER HXT  H  N N 303 
THR N    N  N N 304 
THR CA   C  N S 305 
THR C    C  N N 306 
THR O    O  N N 307 
THR CB   C  N R 308 
THR OG1  O  N N 309 
THR CG2  C  N N 310 
THR OXT  O  N N 311 
THR H    H  N N 312 
THR H2   H  N N 313 
THR HA   H  N N 314 
THR HB   H  N N 315 
THR HG1  H  N N 316 
THR HG21 H  N N 317 
THR HG22 H  N N 318 
THR HG23 H  N N 319 
THR HXT  H  N N 320 
TRP N    N  N N 321 
TRP CA   C  N S 322 
TRP C    C  N N 323 
TRP O    O  N N 324 
TRP CB   C  N N 325 
TRP CG   C  Y N 326 
TRP CD1  C  Y N 327 
TRP CD2  C  Y N 328 
TRP NE1  N  Y N 329 
TRP CE2  C  Y N 330 
TRP CE3  C  Y N 331 
TRP CZ2  C  Y N 332 
TRP CZ3  C  Y N 333 
TRP CH2  C  Y N 334 
TRP OXT  O  N N 335 
TRP H    H  N N 336 
TRP H2   H  N N 337 
TRP HA   H  N N 338 
TRP HB2  H  N N 339 
TRP HB3  H  N N 340 
TRP HD1  H  N N 341 
TRP HE1  H  N N 342 
TRP HE3  H  N N 343 
TRP HZ2  H  N N 344 
TRP HZ3  H  N N 345 
TRP HH2  H  N N 346 
TRP HXT  H  N N 347 
TYR N    N  N N 348 
TYR CA   C  N S 349 
TYR C    C  N N 350 
TYR O    O  N N 351 
TYR CB   C  N N 352 
TYR CG   C  Y N 353 
TYR CD1  C  Y N 354 
TYR CD2  C  Y N 355 
TYR CE1  C  Y N 356 
TYR CE2  C  Y N 357 
TYR CZ   C  Y N 358 
TYR OH   O  N N 359 
TYR OXT  O  N N 360 
TYR H    H  N N 361 
TYR H2   H  N N 362 
TYR HA   H  N N 363 
TYR HB2  H  N N 364 
TYR HB3  H  N N 365 
TYR HD1  H  N N 366 
TYR HD2  H  N N 367 
TYR HE1  H  N N 368 
TYR HE2  H  N N 369 
TYR HH   H  N N 370 
TYR HXT  H  N N 371 
VAL N    N  N N 372 
VAL CA   C  N S 373 
VAL C    C  N N 374 
VAL O    O  N N 375 
VAL CB   C  N N 376 
VAL CG1  C  N N 377 
VAL CG2  C  N N 378 
VAL OXT  O  N N 379 
VAL H    H  N N 380 
VAL H2   H  N N 381 
VAL HA   H  N N 382 
VAL HB   H  N N 383 
VAL HG11 H  N N 384 
VAL HG12 H  N N 385 
VAL HG13 H  N N 386 
VAL HG21 H  N N 387 
VAL HG22 H  N N 388 
VAL HG23 H  N N 389 
VAL HXT  H  N N 390 
ZN  ZN   ZN N N 391 
# 
loop_
_chem_comp_bond.comp_id 
_chem_comp_bond.atom_id_1 
_chem_comp_bond.atom_id_2 
_chem_comp_bond.value_order 
_chem_comp_bond.pdbx_aromatic_flag 
_chem_comp_bond.pdbx_stereo_config 
_chem_comp_bond.pdbx_ordinal 
ALA N   CA   sing N N 1   
ALA N   H    sing N N 2   
ALA N   H2   sing N N 3   
ALA CA  C    sing N N 4   
ALA CA  CB   sing N N 5   
ALA CA  HA   sing N N 6   
ALA C   O    doub N N 7   
ALA C   OXT  sing N N 8   
ALA CB  HB1  sing N N 9   
ALA CB  HB2  sing N N 10  
ALA CB  HB3  sing N N 11  
ALA OXT HXT  sing N N 12  
ARG N   CA   sing N N 13  
ARG N   H    sing N N 14  
ARG N   H2   sing N N 15  
ARG CA  C    sing N N 16  
ARG CA  CB   sing N N 17  
ARG CA  HA   sing N N 18  
ARG C   O    doub N N 19  
ARG C   OXT  sing N N 20  
ARG CB  CG   sing N N 21  
ARG CB  HB2  sing N N 22  
ARG CB  HB3  sing N N 23  
ARG CG  CD   sing N N 24  
ARG CG  HG2  sing N N 25  
ARG CG  HG3  sing N N 26  
ARG CD  NE   sing N N 27  
ARG CD  HD2  sing N N 28  
ARG CD  HD3  sing N N 29  
ARG NE  CZ   sing N N 30  
ARG NE  HE   sing N N 31  
ARG CZ  NH1  sing N N 32  
ARG CZ  NH2  doub N N 33  
ARG NH1 HH11 sing N N 34  
ARG NH1 HH12 sing N N 35  
ARG NH2 HH21 sing N N 36  
ARG NH2 HH22 sing N N 37  
ARG OXT HXT  sing N N 38  
ASN N   CA   sing N N 39  
ASN N   H    sing N N 40  
ASN N   H2   sing N N 41  
ASN CA  C    sing N N 42  
ASN CA  CB   sing N N 43  
ASN CA  HA   sing N N 44  
ASN C   O    doub N N 45  
ASN C   OXT  sing N N 46  
ASN CB  CG   sing N N 47  
ASN CB  HB2  sing N N 48  
ASN CB  HB3  sing N N 49  
ASN CG  OD1  doub N N 50  
ASN CG  ND2  sing N N 51  
ASN ND2 HD21 sing N N 52  
ASN ND2 HD22 sing N N 53  
ASN OXT HXT  sing N N 54  
ASP N   CA   sing N N 55  
ASP N   H    sing N N 56  
ASP N   H2   sing N N 57  
ASP CA  C    sing N N 58  
ASP CA  CB   sing N N 59  
ASP CA  HA   sing N N 60  
ASP C   O    doub N N 61  
ASP C   OXT  sing N N 62  
ASP CB  CG   sing N N 63  
ASP CB  HB2  sing N N 64  
ASP CB  HB3  sing N N 65  
ASP CG  OD1  doub N N 66  
ASP CG  OD2  sing N N 67  
ASP OD2 HD2  sing N N 68  
ASP OXT HXT  sing N N 69  
CYS N   CA   sing N N 70  
CYS N   H    sing N N 71  
CYS N   H2   sing N N 72  
CYS CA  C    sing N N 73  
CYS CA  CB   sing N N 74  
CYS CA  HA   sing N N 75  
CYS C   O    doub N N 76  
CYS C   OXT  sing N N 77  
CYS CB  SG   sing N N 78  
CYS CB  HB2  sing N N 79  
CYS CB  HB3  sing N N 80  
CYS SG  HG   sing N N 81  
CYS OXT HXT  sing N N 82  
GLN N   CA   sing N N 83  
GLN N   H    sing N N 84  
GLN N   H2   sing N N 85  
GLN CA  C    sing N N 86  
GLN CA  CB   sing N N 87  
GLN CA  HA   sing N N 88  
GLN C   O    doub N N 89  
GLN C   OXT  sing N N 90  
GLN CB  CG   sing N N 91  
GLN CB  HB2  sing N N 92  
GLN CB  HB3  sing N N 93  
GLN CG  CD   sing N N 94  
GLN CG  HG2  sing N N 95  
GLN CG  HG3  sing N N 96  
GLN CD  OE1  doub N N 97  
GLN CD  NE2  sing N N 98  
GLN NE2 HE21 sing N N 99  
GLN NE2 HE22 sing N N 100 
GLN OXT HXT  sing N N 101 
GLU N   CA   sing N N 102 
GLU N   H    sing N N 103 
GLU N   H2   sing N N 104 
GLU CA  C    sing N N 105 
GLU CA  CB   sing N N 106 
GLU CA  HA   sing N N 107 
GLU C   O    doub N N 108 
GLU C   OXT  sing N N 109 
GLU CB  CG   sing N N 110 
GLU CB  HB2  sing N N 111 
GLU CB  HB3  sing N N 112 
GLU CG  CD   sing N N 113 
GLU CG  HG2  sing N N 114 
GLU CG  HG3  sing N N 115 
GLU CD  OE1  doub N N 116 
GLU CD  OE2  sing N N 117 
GLU OE2 HE2  sing N N 118 
GLU OXT HXT  sing N N 119 
GLY N   CA   sing N N 120 
GLY N   H    sing N N 121 
GLY N   H2   sing N N 122 
GLY CA  C    sing N N 123 
GLY CA  HA2  sing N N 124 
GLY CA  HA3  sing N N 125 
GLY C   O    doub N N 126 
GLY C   OXT  sing N N 127 
GLY OXT HXT  sing N N 128 
HIS N   CA   sing N N 129 
HIS N   H    sing N N 130 
HIS N   H2   sing N N 131 
HIS CA  C    sing N N 132 
HIS CA  CB   sing N N 133 
HIS CA  HA   sing N N 134 
HIS C   O    doub N N 135 
HIS C   OXT  sing N N 136 
HIS CB  CG   sing N N 137 
HIS CB  HB2  sing N N 138 
HIS CB  HB3  sing N N 139 
HIS CG  ND1  sing Y N 140 
HIS CG  CD2  doub Y N 141 
HIS ND1 CE1  doub Y N 142 
HIS ND1 HD1  sing N N 143 
HIS CD2 NE2  sing Y N 144 
HIS CD2 HD2  sing N N 145 
HIS CE1 NE2  sing Y N 146 
HIS CE1 HE1  sing N N 147 
HIS NE2 HE2  sing N N 148 
HIS OXT HXT  sing N N 149 
HOH O   H1   sing N N 150 
HOH O   H2   sing N N 151 
ILE N   CA   sing N N 152 
ILE N   H    sing N N 153 
ILE N   H2   sing N N 154 
ILE CA  C    sing N N 155 
ILE CA  CB   sing N N 156 
ILE CA  HA   sing N N 157 
ILE C   O    doub N N 158 
ILE C   OXT  sing N N 159 
ILE CB  CG1  sing N N 160 
ILE CB  CG2  sing N N 161 
ILE CB  HB   sing N N 162 
ILE CG1 CD1  sing N N 163 
ILE CG1 HG12 sing N N 164 
ILE CG1 HG13 sing N N 165 
ILE CG2 HG21 sing N N 166 
ILE CG2 HG22 sing N N 167 
ILE CG2 HG23 sing N N 168 
ILE CD1 HD11 sing N N 169 
ILE CD1 HD12 sing N N 170 
ILE CD1 HD13 sing N N 171 
ILE OXT HXT  sing N N 172 
LEU N   CA   sing N N 173 
LEU N   H    sing N N 174 
LEU N   H2   sing N N 175 
LEU CA  C    sing N N 176 
LEU CA  CB   sing N N 177 
LEU CA  HA   sing N N 178 
LEU C   O    doub N N 179 
LEU C   OXT  sing N N 180 
LEU CB  CG   sing N N 181 
LEU CB  HB2  sing N N 182 
LEU CB  HB3  sing N N 183 
LEU CG  CD1  sing N N 184 
LEU CG  CD2  sing N N 185 
LEU CG  HG   sing N N 186 
LEU CD1 HD11 sing N N 187 
LEU CD1 HD12 sing N N 188 
LEU CD1 HD13 sing N N 189 
LEU CD2 HD21 sing N N 190 
LEU CD2 HD22 sing N N 191 
LEU CD2 HD23 sing N N 192 
LEU OXT HXT  sing N N 193 
LYS N   CA   sing N N 194 
LYS N   H    sing N N 195 
LYS N   H2   sing N N 196 
LYS CA  C    sing N N 197 
LYS CA  CB   sing N N 198 
LYS CA  HA   sing N N 199 
LYS C   O    doub N N 200 
LYS C   OXT  sing N N 201 
LYS CB  CG   sing N N 202 
LYS CB  HB2  sing N N 203 
LYS CB  HB3  sing N N 204 
LYS CG  CD   sing N N 205 
LYS CG  HG2  sing N N 206 
LYS CG  HG3  sing N N 207 
LYS CD  CE   sing N N 208 
LYS CD  HD2  sing N N 209 
LYS CD  HD3  sing N N 210 
LYS CE  NZ   sing N N 211 
LYS CE  HE2  sing N N 212 
LYS CE  HE3  sing N N 213 
LYS NZ  HZ1  sing N N 214 
LYS NZ  HZ2  sing N N 215 
LYS NZ  HZ3  sing N N 216 
LYS OXT HXT  sing N N 217 
MET N   CA   sing N N 218 
MET N   H    sing N N 219 
MET N   H2   sing N N 220 
MET CA  C    sing N N 221 
MET CA  CB   sing N N 222 
MET CA  HA   sing N N 223 
MET C   O    doub N N 224 
MET C   OXT  sing N N 225 
MET CB  CG   sing N N 226 
MET CB  HB2  sing N N 227 
MET CB  HB3  sing N N 228 
MET CG  SD   sing N N 229 
MET CG  HG2  sing N N 230 
MET CG  HG3  sing N N 231 
MET SD  CE   sing N N 232 
MET CE  HE1  sing N N 233 
MET CE  HE2  sing N N 234 
MET CE  HE3  sing N N 235 
MET OXT HXT  sing N N 236 
PHE N   CA   sing N N 237 
PHE N   H    sing N N 238 
PHE N   H2   sing N N 239 
PHE CA  C    sing N N 240 
PHE CA  CB   sing N N 241 
PHE CA  HA   sing N N 242 
PHE C   O    doub N N 243 
PHE C   OXT  sing N N 244 
PHE CB  CG   sing N N 245 
PHE CB  HB2  sing N N 246 
PHE CB  HB3  sing N N 247 
PHE CG  CD1  doub Y N 248 
PHE CG  CD2  sing Y N 249 
PHE CD1 CE1  sing Y N 250 
PHE CD1 HD1  sing N N 251 
PHE CD2 CE2  doub Y N 252 
PHE CD2 HD2  sing N N 253 
PHE CE1 CZ   doub Y N 254 
PHE CE1 HE1  sing N N 255 
PHE CE2 CZ   sing Y N 256 
PHE CE2 HE2  sing N N 257 
PHE CZ  HZ   sing N N 258 
PHE OXT HXT  sing N N 259 
PRO N   CA   sing N N 260 
PRO N   CD   sing N N 261 
PRO N   H    sing N N 262 
PRO CA  C    sing N N 263 
PRO CA  CB   sing N N 264 
PRO CA  HA   sing N N 265 
PRO C   O    doub N N 266 
PRO C   OXT  sing N N 267 
PRO CB  CG   sing N N 268 
PRO CB  HB2  sing N N 269 
PRO CB  HB3  sing N N 270 
PRO CG  CD   sing N N 271 
PRO CG  HG2  sing N N 272 
PRO CG  HG3  sing N N 273 
PRO CD  HD2  sing N N 274 
PRO CD  HD3  sing N N 275 
PRO OXT HXT  sing N N 276 
SER N   CA   sing N N 277 
SER N   H    sing N N 278 
SER N   H2   sing N N 279 
SER CA  C    sing N N 280 
SER CA  CB   sing N N 281 
SER CA  HA   sing N N 282 
SER C   O    doub N N 283 
SER C   OXT  sing N N 284 
SER CB  OG   sing N N 285 
SER CB  HB2  sing N N 286 
SER CB  HB3  sing N N 287 
SER OG  HG   sing N N 288 
SER OXT HXT  sing N N 289 
THR N   CA   sing N N 290 
THR N   H    sing N N 291 
THR N   H2   sing N N 292 
THR CA  C    sing N N 293 
THR CA  CB   sing N N 294 
THR CA  HA   sing N N 295 
THR C   O    doub N N 296 
THR C   OXT  sing N N 297 
THR CB  OG1  sing N N 298 
THR CB  CG2  sing N N 299 
THR CB  HB   sing N N 300 
THR OG1 HG1  sing N N 301 
THR CG2 HG21 sing N N 302 
THR CG2 HG22 sing N N 303 
THR CG2 HG23 sing N N 304 
THR OXT HXT  sing N N 305 
TRP N   CA   sing N N 306 
TRP N   H    sing N N 307 
TRP N   H2   sing N N 308 
TRP CA  C    sing N N 309 
TRP CA  CB   sing N N 310 
TRP CA  HA   sing N N 311 
TRP C   O    doub N N 312 
TRP C   OXT  sing N N 313 
TRP CB  CG   sing N N 314 
TRP CB  HB2  sing N N 315 
TRP CB  HB3  sing N N 316 
TRP CG  CD1  doub Y N 317 
TRP CG  CD2  sing Y N 318 
TRP CD1 NE1  sing Y N 319 
TRP CD1 HD1  sing N N 320 
TRP CD2 CE2  doub Y N 321 
TRP CD2 CE3  sing Y N 322 
TRP NE1 CE2  sing Y N 323 
TRP NE1 HE1  sing N N 324 
TRP CE2 CZ2  sing Y N 325 
TRP CE3 CZ3  doub Y N 326 
TRP CE3 HE3  sing N N 327 
TRP CZ2 CH2  doub Y N 328 
TRP CZ2 HZ2  sing N N 329 
TRP CZ3 CH2  sing Y N 330 
TRP CZ3 HZ3  sing N N 331 
TRP CH2 HH2  sing N N 332 
TRP OXT HXT  sing N N 333 
TYR N   CA   sing N N 334 
TYR N   H    sing N N 335 
TYR N   H2   sing N N 336 
TYR CA  C    sing N N 337 
TYR CA  CB   sing N N 338 
TYR CA  HA   sing N N 339 
TYR C   O    doub N N 340 
TYR C   OXT  sing N N 341 
TYR CB  CG   sing N N 342 
TYR CB  HB2  sing N N 343 
TYR CB  HB3  sing N N 344 
TYR CG  CD1  doub Y N 345 
TYR CG  CD2  sing Y N 346 
TYR CD1 CE1  sing Y N 347 
TYR CD1 HD1  sing N N 348 
TYR CD2 CE2  doub Y N 349 
TYR CD2 HD2  sing N N 350 
TYR CE1 CZ   doub Y N 351 
TYR CE1 HE1  sing N N 352 
TYR CE2 CZ   sing Y N 353 
TYR CE2 HE2  sing N N 354 
TYR CZ  OH   sing N N 355 
TYR OH  HH   sing N N 356 
TYR OXT HXT  sing N N 357 
VAL N   CA   sing N N 358 
VAL N   H    sing N N 359 
VAL N   H2   sing N N 360 
VAL CA  C    sing N N 361 
VAL CA  CB   sing N N 362 
VAL CA  HA   sing N N 363 
VAL C   O    doub N N 364 
VAL C   OXT  sing N N 365 
VAL CB  CG1  sing N N 366 
VAL CB  CG2  sing N N 367 
VAL CB  HB   sing N N 368 
VAL CG1 HG11 sing N N 369 
VAL CG1 HG12 sing N N 370 
VAL CG1 HG13 sing N N 371 
VAL CG2 HG21 sing N N 372 
VAL CG2 HG22 sing N N 373 
VAL CG2 HG23 sing N N 374 
VAL OXT HXT  sing N N 375 
# 
loop_
_pdbx_entity_nonpoly.entity_id 
_pdbx_entity_nonpoly.name 
_pdbx_entity_nonpoly.comp_id 
2 'ZINC ION' ZN  
3 water      HOH 
# 
_pdbx_initial_refinement_model.id               1 
_pdbx_initial_refinement_model.entity_id_list   ? 
_pdbx_initial_refinement_model.type             'experimental model' 
_pdbx_initial_refinement_model.source_name      PDB 
_pdbx_initial_refinement_model.accession_code   4LLB 
_pdbx_initial_refinement_model.details          ? 
# 
